data_2W6D
#
_entry.id   2W6D
#
_cell.length_a   1.000
_cell.length_b   1.000
_cell.length_c   1.000
_cell.angle_alpha   90.00
_cell.angle_beta   90.00
_cell.angle_gamma   90.00
#
_symmetry.space_group_name_H-M   'P 1'
#
loop_
_entity.id
_entity.type
_entity.pdbx_description
1 polymer 'DYNAMIN FAMILY PROTEIN'
2 non-polymer 1-PALMITOYL-2-LINOLEOYL-SN-GLYCERO-3-PHOSPHOCHOLINE
3 non-polymer "GUANOSINE-5'-DIPHOSPHATE"
#
_entity_poly.entity_id   1
_entity_poly.type   'polypeptide(L)'
_entity_poly.pdbx_seq_one_letter_code
;MVNQVATDRFIQDLERVAQVRSEMSVCLNKLAETINKAELAGDSSSGKLSLERDIEDITIASKNLQQGVFRLLVLGDMKR
GKSTFLNALIGENLLPSDVNPCTAVLTVLRYGPEKKVTIHFNDGKSPQQLDFQNFKYKYTIDPAEAKKLEQEKKQAFPDV
DYAVVEYPLTLLQKGIEIVDSPGLNDTEARNELSLGYVNNCHAILFVMRASQPCTLGERRYLENYIKGRGLTVFFLVNAW
DQVRESLIDPDDVEELQASENRLRQVFNANLAEYCTVEGQNIYDERVFELSSIQALRRRLKNPQADLDGTGFPKFMDSLN
TFLTRERAIAELRQVRTLARLACNHTREAVARRIPLLEQDVNELKKRIDSVEPEFNKLTGIRDEFQKEIINTRDTQARTI
SESFRSYVLNLGNTFENDFLRYQPELNLFDFLSSGKREAFNAALQKAFEQYITDKSAAWTLTAEKDINAAFKELSRSASQ
YGASYNQITDQITEKLTGKDVKVHTTTTAEEDNSPGWAKWAMGLLSLSKGNLAGFALAGAGFDWKNILLNYFTVIGIGGI
ITAVTGILLGPIGFALLGLGVGFLQADQARRELVKTAKKELVKHLPQVAHEQSQVVYNAVKECFDSYEREVSKRINDDIV
SRKSELDNLVKQKQTREINRESEFNRLKNLQEDVIAQLQKIEAAYSNLLAYYSHH
;
_entity_poly.pdbx_strand_id   A,B
#
loop_
_chem_comp.id
_chem_comp.type
_chem_comp.name
_chem_comp.formula
CPL non-polymer 1-PALMITOYL-2-LINOLEOYL-SN-GLYCERO-3-PHOSPHOCHOLINE 'C42 H80 N O8 P'
GDP RNA linking GUANOSINE-5'-DIPHOSPHATE 'C10 H15 N5 O11 P2'
#
# COMPACT_ATOMS: atom_id res chain seq x y z
N VAL A 2 36.25 -58.09 40.48
CA VAL A 2 35.81 -59.20 41.36
C VAL A 2 34.37 -59.62 41.05
N ASN A 3 33.73 -60.28 42.01
CA ASN A 3 32.35 -60.75 41.88
C ASN A 3 31.40 -59.57 41.68
N GLN A 4 31.13 -59.24 40.42
CA GLN A 4 30.24 -58.13 40.10
C GLN A 4 28.78 -58.55 40.13
N VAL A 5 28.08 -58.13 41.17
CA VAL A 5 26.67 -58.45 41.31
C VAL A 5 25.87 -57.65 40.28
N ALA A 6 24.73 -58.20 39.86
CA ALA A 6 23.90 -57.54 38.86
C ALA A 6 23.24 -56.26 39.39
N THR A 7 23.20 -56.10 40.71
CA THR A 7 22.61 -54.90 41.28
C THR A 7 23.59 -53.75 41.01
N ASP A 8 24.86 -54.11 40.77
CA ASP A 8 25.92 -53.15 40.49
C ASP A 8 25.82 -52.78 39.02
N ARG A 9 25.70 -53.80 38.18
CA ARG A 9 25.57 -53.60 36.74
C ARG A 9 24.44 -52.62 36.47
N PHE A 10 23.31 -52.79 37.16
CA PHE A 10 22.18 -51.91 36.98
C PHE A 10 22.61 -50.49 37.33
N ILE A 11 23.09 -50.26 38.56
CA ILE A 11 23.50 -48.92 38.94
C ILE A 11 24.56 -48.38 37.99
N GLN A 12 25.43 -49.25 37.49
CA GLN A 12 26.46 -48.81 36.55
C GLN A 12 25.83 -48.26 35.28
N ASP A 13 25.29 -49.16 34.47
CA ASP A 13 24.62 -48.80 33.22
C ASP A 13 23.81 -47.52 33.42
N LEU A 14 22.93 -47.51 34.42
CA LEU A 14 22.11 -46.34 34.70
C LEU A 14 22.96 -45.09 34.75
N GLU A 15 24.03 -45.15 35.52
CA GLU A 15 24.96 -44.03 35.70
C GLU A 15 25.49 -43.62 34.32
N ARG A 16 26.03 -44.60 33.61
CA ARG A 16 26.58 -44.37 32.28
C ARG A 16 25.60 -43.57 31.43
N VAL A 17 24.38 -44.09 31.26
CA VAL A 17 23.36 -43.41 30.48
C VAL A 17 23.24 -41.98 30.99
N ALA A 18 23.00 -41.85 32.29
CA ALA A 18 22.86 -40.54 32.89
C ALA A 18 23.94 -39.57 32.44
N GLN A 19 25.11 -40.10 32.08
CA GLN A 19 26.20 -39.26 31.64
C GLN A 19 25.98 -38.87 30.18
N VAL A 20 25.75 -39.86 29.32
CA VAL A 20 25.52 -39.56 27.91
C VAL A 20 24.41 -38.52 27.87
N ARG A 21 23.35 -38.79 28.60
CA ARG A 21 22.21 -37.89 28.66
C ARG A 21 22.71 -36.49 29.00
N SER A 22 23.45 -36.38 30.09
CA SER A 22 23.96 -35.09 30.51
C SER A 22 24.86 -34.42 29.47
N GLU A 23 25.81 -35.16 28.92
CA GLU A 23 26.72 -34.58 27.93
C GLU A 23 25.97 -34.06 26.71
N MET A 24 24.95 -34.78 26.27
CA MET A 24 24.19 -34.30 25.14
C MET A 24 23.50 -33.01 25.55
N SER A 25 22.90 -33.01 26.73
CA SER A 25 22.21 -31.82 27.19
C SER A 25 23.12 -30.63 27.02
N VAL A 26 24.38 -30.83 27.39
CA VAL A 26 25.39 -29.79 27.31
C VAL A 26 25.55 -29.26 25.90
N CYS A 27 25.91 -30.15 24.98
CA CYS A 27 26.08 -29.76 23.59
C CYS A 27 24.84 -29.09 23.04
N LEU A 28 23.67 -29.63 23.39
CA LEU A 28 22.40 -29.07 22.93
C LEU A 28 22.28 -27.60 23.28
N ASN A 29 22.60 -27.23 24.52
CA ASN A 29 22.54 -25.84 24.91
C ASN A 29 23.55 -25.07 24.09
N LYS A 30 24.78 -25.52 24.15
CA LYS A 30 25.87 -24.90 23.40
C LYS A 30 25.39 -24.69 21.97
N LEU A 31 24.75 -25.70 21.40
CA LEU A 31 24.27 -25.61 20.05
C LEU A 31 23.23 -24.49 19.95
N ALA A 32 22.30 -24.46 20.88
CA ALA A 32 21.25 -23.44 20.90
C ALA A 32 21.84 -22.06 21.07
N GLU A 33 22.76 -21.93 22.02
CA GLU A 33 23.42 -20.64 22.29
C GLU A 33 24.15 -20.14 21.05
N THR A 34 24.73 -21.06 20.30
CA THR A 34 25.46 -20.72 19.09
C THR A 34 24.56 -20.22 17.96
N ILE A 35 23.46 -20.93 17.69
CA ILE A 35 22.54 -20.50 16.64
C ILE A 35 21.94 -19.18 17.09
N ASN A 36 21.75 -19.04 18.39
CA ASN A 36 21.14 -17.84 18.93
C ASN A 36 22.01 -16.59 18.82
N LYS A 37 23.26 -16.66 19.27
CA LYS A 37 24.12 -15.49 19.20
C LYS A 37 24.25 -15.00 17.77
N ALA A 38 24.47 -15.94 16.87
CA ALA A 38 24.63 -15.63 15.45
C ALA A 38 23.38 -14.98 14.90
N GLU A 39 22.22 -15.44 15.34
CA GLU A 39 20.97 -14.89 14.87
C GLU A 39 20.74 -13.45 15.31
N LEU A 40 21.18 -13.10 16.52
CA LEU A 40 21.03 -11.74 17.02
C LEU A 40 21.92 -10.80 16.21
N ALA A 41 23.12 -11.28 15.88
CA ALA A 41 24.07 -10.50 15.07
C ALA A 41 23.47 -10.33 13.69
N GLY A 42 22.46 -11.13 13.41
CA GLY A 42 21.80 -11.06 12.12
C GLY A 42 21.31 -9.71 11.66
N ASP A 43 20.48 -9.06 12.47
CA ASP A 43 19.94 -7.77 12.08
C ASP A 43 21.01 -6.73 11.81
N SER A 44 22.08 -6.76 12.60
CA SER A 44 23.16 -5.79 12.40
C SER A 44 24.08 -6.21 11.25
N SER A 45 23.79 -7.33 10.62
CA SER A 45 24.58 -7.84 9.51
C SER A 45 23.70 -8.14 8.31
N SER A 46 24.04 -9.20 7.58
CA SER A 46 23.27 -9.56 6.41
C SER A 46 21.93 -10.19 6.76
N GLY A 47 21.37 -9.81 7.91
CA GLY A 47 20.08 -10.32 8.33
C GLY A 47 20.03 -11.69 8.97
N LYS A 48 18.92 -12.00 9.65
CA LYS A 48 18.76 -13.29 10.31
C LYS A 48 18.66 -14.44 9.30
N LEU A 49 18.91 -15.65 9.77
CA LEU A 49 18.83 -16.82 8.91
C LEU A 49 17.46 -17.45 9.15
N SER A 50 16.80 -16.99 10.21
CA SER A 50 15.47 -17.46 10.61
C SER A 50 15.55 -18.89 11.08
N LEU A 51 16.35 -19.11 12.12
CA LEU A 51 16.54 -20.44 12.69
C LEU A 51 15.89 -20.55 14.08
N GLU A 52 14.87 -19.73 14.33
CA GLU A 52 14.21 -19.71 15.63
C GLU A 52 13.49 -21.00 16.01
N ARG A 53 12.93 -21.69 15.04
CA ARG A 53 12.23 -22.94 15.30
C ARG A 53 13.23 -23.97 15.86
N ASP A 54 14.44 -23.97 15.31
CA ASP A 54 15.44 -24.93 15.78
C ASP A 54 15.95 -24.56 17.16
N ILE A 55 16.16 -23.27 17.37
CA ILE A 55 16.62 -22.83 18.67
C ILE A 55 15.61 -23.35 19.69
N GLU A 56 14.35 -23.00 19.53
CA GLU A 56 13.30 -23.46 20.45
C GLU A 56 13.38 -24.96 20.61
N ASP A 57 13.09 -25.70 19.56
CA ASP A 57 13.12 -27.17 19.60
C ASP A 57 14.33 -27.72 20.31
N ILE A 58 15.52 -27.24 19.96
CA ILE A 58 16.74 -27.73 20.60
C ILE A 58 16.77 -27.41 22.08
N THR A 59 16.25 -26.25 22.45
CA THR A 59 16.20 -25.84 23.84
C THR A 59 15.28 -26.72 24.69
N ILE A 60 14.08 -27.01 24.18
CA ILE A 60 13.16 -27.88 24.89
C ILE A 60 13.84 -29.24 25.04
N ALA A 61 14.35 -29.78 23.93
CA ALA A 61 15.03 -31.06 23.93
C ALA A 61 16.05 -31.16 25.05
N SER A 62 16.81 -30.09 25.27
CA SER A 62 17.80 -30.13 26.34
C SER A 62 17.11 -30.16 27.69
N LYS A 63 16.22 -29.20 27.94
CA LYS A 63 15.51 -29.15 29.21
C LYS A 63 14.86 -30.50 29.49
N ASN A 64 14.40 -31.19 28.44
CA ASN A 64 13.80 -32.49 28.65
C ASN A 64 14.82 -33.48 29.11
N LEU A 65 16.01 -33.41 28.51
CA LEU A 65 17.08 -34.33 28.85
C LEU A 65 17.54 -34.32 30.31
N GLN A 66 17.46 -33.17 30.96
CA GLN A 66 17.88 -33.09 32.34
C GLN A 66 16.81 -33.71 33.26
N GLN A 67 15.55 -33.36 33.02
CA GLN A 67 14.44 -33.88 33.81
C GLN A 67 14.17 -35.35 33.43
N GLY A 68 15.10 -35.94 32.68
CA GLY A 68 14.93 -37.32 32.27
C GLY A 68 14.99 -38.32 33.40
N VAL A 69 13.98 -39.06 37.54
CA VAL A 69 12.64 -39.66 37.50
C VAL A 69 12.10 -39.74 36.08
N PHE A 70 11.22 -40.70 35.81
CA PHE A 70 10.63 -40.84 34.48
C PHE A 70 9.29 -40.11 34.48
N ARG A 71 9.16 -39.11 33.61
CA ARG A 71 7.93 -38.33 33.54
C ARG A 71 7.08 -38.79 32.38
N LEU A 72 5.81 -39.04 32.66
CA LEU A 72 4.85 -39.49 31.68
C LEU A 72 3.69 -38.50 31.55
N LEU A 73 3.42 -38.04 30.33
CA LEU A 73 2.33 -37.10 30.08
C LEU A 73 1.13 -37.89 29.58
N VAL A 74 0.07 -37.94 30.39
CA VAL A 74 -1.10 -38.70 30.02
C VAL A 74 -2.20 -37.80 29.42
N LEU A 75 -2.30 -37.85 28.10
CA LEU A 75 -3.28 -37.06 27.38
C LEU A 75 -4.53 -37.87 27.08
N GLY A 76 -5.62 -37.16 26.79
CA GLY A 76 -6.86 -37.83 26.47
C GLY A 76 -8.06 -36.90 26.47
N ASP A 77 -9.02 -37.21 25.60
CA ASP A 77 -10.22 -36.41 25.49
C ASP A 77 -11.17 -36.62 26.66
N MET A 78 -12.37 -36.08 26.54
CA MET A 78 -13.37 -36.19 27.60
C MET A 78 -13.94 -37.60 27.70
N LYS A 79 -14.02 -38.09 28.92
CA LYS A 79 -14.59 -39.41 29.19
C LYS A 79 -14.07 -40.54 28.28
N ARG A 80 -12.76 -40.74 28.25
CA ARG A 80 -12.22 -41.81 27.40
C ARG A 80 -11.76 -42.94 28.29
N GLY A 81 -11.41 -42.60 29.53
CA GLY A 81 -10.95 -43.61 30.46
C GLY A 81 -9.64 -43.24 31.14
N LYS A 82 -9.09 -42.10 30.77
CA LYS A 82 -7.82 -41.64 31.34
C LYS A 82 -7.76 -41.92 32.83
N SER A 83 -8.85 -41.57 33.52
CA SER A 83 -8.99 -41.75 34.95
C SER A 83 -8.92 -43.22 35.33
N THR A 84 -9.87 -43.99 34.83
CA THR A 84 -9.89 -45.41 35.10
C THR A 84 -8.57 -46.07 34.68
N PHE A 85 -8.04 -45.64 33.54
CA PHE A 85 -6.79 -46.14 33.00
C PHE A 85 -5.67 -46.00 34.02
N LEU A 86 -5.44 -44.77 34.49
CA LEU A 86 -4.40 -44.53 35.47
C LEU A 86 -4.56 -45.40 36.72
N ASN A 87 -5.76 -45.40 37.27
CA ASN A 87 -6.03 -46.21 38.45
C ASN A 87 -5.56 -47.63 38.19
N ALA A 88 -5.95 -48.18 37.05
CA ALA A 88 -5.56 -49.53 36.70
C ALA A 88 -4.05 -49.63 36.64
N LEU A 89 -3.43 -48.66 35.97
CA LEU A 89 -1.98 -48.67 35.83
C LEU A 89 -1.30 -48.75 37.19
N ILE A 90 -1.55 -47.78 38.06
CA ILE A 90 -0.95 -47.75 39.38
C ILE A 90 -1.73 -48.56 40.42
N GLY A 91 -2.51 -49.54 39.96
CA GLY A 91 -3.27 -50.41 40.85
C GLY A 91 -4.05 -49.88 42.05
N GLU A 92 -4.70 -48.73 41.91
CA GLU A 92 -5.49 -48.14 42.98
C GLU A 92 -6.73 -47.48 42.39
N ASN A 93 -7.75 -47.24 43.20
CA ASN A 93 -8.95 -46.56 42.71
C ASN A 93 -8.87 -45.13 43.22
N LEU A 94 -7.78 -44.47 42.85
CA LEU A 94 -7.46 -43.11 43.26
C LEU A 94 -8.27 -42.02 42.57
N LEU A 95 -7.99 -41.76 41.29
CA LEU A 95 -8.73 -40.72 40.57
C LEU A 95 -10.23 -41.06 40.51
N PRO A 96 -11.09 -40.04 40.63
CA PRO A 96 -12.56 -40.12 40.61
C PRO A 96 -13.20 -40.48 39.27
N SER A 97 -13.77 -41.68 39.18
CA SER A 97 -14.43 -42.14 37.96
C SER A 97 -15.88 -41.64 37.86
N THR A 103 -11.39 -34.19 37.74
CA THR A 103 -10.02 -33.71 37.60
C THR A 103 -10.00 -32.67 36.49
N ALA A 104 -10.41 -31.44 36.82
CA ALA A 104 -10.46 -30.37 35.84
C ALA A 104 -9.27 -29.43 36.01
N VAL A 105 -8.09 -30.01 36.00
CA VAL A 105 -6.91 -29.20 36.16
C VAL A 105 -5.64 -30.05 36.11
N LEU A 106 -4.67 -29.61 35.32
CA LEU A 106 -3.40 -30.33 35.20
C LEU A 106 -3.03 -30.82 36.60
N THR A 107 -2.80 -32.12 36.73
CA THR A 107 -2.43 -32.68 38.02
C THR A 107 -1.15 -33.49 37.87
N VAL A 108 -0.15 -33.18 38.69
CA VAL A 108 1.13 -33.85 38.68
C VAL A 108 1.09 -34.85 39.82
N LEU A 109 1.14 -36.13 39.50
CA LEU A 109 1.08 -37.19 40.50
C LEU A 109 2.48 -37.68 40.82
N ARG A 110 2.98 -37.41 42.02
CA ARG A 110 4.33 -37.86 42.37
C ARG A 110 4.40 -38.57 43.72
N TYR A 111 5.47 -39.32 43.94
CA TYR A 111 5.65 -40.03 45.20
C TYR A 111 5.74 -39.08 46.38
N GLY A 112 5.18 -39.51 47.50
CA GLY A 112 5.18 -38.72 48.71
C GLY A 112 4.83 -39.61 49.89
N PRO A 113 5.30 -39.25 51.10
CA PRO A 113 5.03 -40.04 52.31
C PRO A 113 3.58 -39.95 52.74
N GLU A 114 3.08 -38.72 52.84
CA GLU A 114 1.69 -38.48 53.26
C GLU A 114 0.85 -38.00 52.08
N LYS A 115 -0.43 -38.37 52.09
CA LYS A 115 -1.33 -37.94 51.03
C LYS A 115 -1.55 -36.43 51.15
N LYS A 116 -0.86 -35.68 50.30
CA LYS A 116 -0.94 -34.23 50.31
C LYS A 116 -1.31 -33.70 48.91
N VAL A 117 -1.66 -32.42 48.82
CA VAL A 117 -2.04 -31.82 47.54
C VAL A 117 -1.84 -30.31 47.49
N THR A 118 -0.68 -29.84 47.01
CA THR A 118 -0.44 -28.40 46.93
C THR A 118 -0.80 -27.93 45.51
N ILE A 119 -1.35 -26.72 45.38
CA ILE A 119 -1.72 -26.21 44.06
C ILE A 119 -1.11 -24.85 43.69
N HIS A 120 -0.36 -24.82 42.59
CA HIS A 120 0.32 -23.62 42.12
C HIS A 120 -0.53 -22.76 41.18
N PHE A 121 -0.69 -21.49 41.52
CA PHE A 121 -1.49 -20.56 40.74
C PHE A 121 -0.71 -19.74 39.71
N ASN A 122 -1.42 -18.85 39.01
CA ASN A 122 -0.83 -18.00 37.99
C ASN A 122 -1.37 -16.57 38.08
N ASP A 123 -2.52 -16.43 38.73
CA ASP A 123 -3.16 -15.14 38.89
C ASP A 123 -2.42 -14.35 39.99
N GLY A 124 -1.37 -14.97 40.54
CA GLY A 124 -0.60 -14.32 41.58
C GLY A 124 -0.48 -15.14 42.86
N LYS A 125 -1.63 -15.48 43.45
CA LYS A 125 -1.69 -16.25 44.70
C LYS A 125 -0.48 -17.14 44.92
N SER A 126 0.02 -17.16 46.16
CA SER A 126 1.17 -17.98 46.48
C SER A 126 0.70 -19.44 46.62
N PRO A 127 1.53 -20.39 46.14
CA PRO A 127 1.25 -21.82 46.18
C PRO A 127 0.52 -22.26 47.44
N GLN A 128 -0.80 -22.40 47.31
CA GLN A 128 -1.68 -22.80 48.41
C GLN A 128 -1.35 -24.19 48.99
N GLN A 129 -2.39 -24.93 49.36
CA GLN A 129 -2.23 -26.23 49.98
C GLN A 129 -3.61 -26.75 50.37
N LEU A 130 -3.79 -28.07 50.35
CA LEU A 130 -5.08 -28.69 50.70
C LEU A 130 -4.90 -30.17 51.04
N ASP A 131 -6.02 -30.88 51.09
CA ASP A 131 -6.05 -32.31 51.37
C ASP A 131 -6.91 -32.94 50.28
N PHE A 132 -6.45 -34.04 49.70
CA PHE A 132 -7.20 -34.69 48.61
C PHE A 132 -8.70 -34.77 48.92
N GLN A 133 -9.03 -34.92 50.20
CA GLN A 133 -10.43 -35.00 50.61
C GLN A 133 -11.19 -33.78 50.11
N ASN A 134 -10.72 -32.59 50.48
CA ASN A 134 -11.36 -31.34 50.09
C ASN A 134 -11.02 -30.97 48.63
N PHE A 135 -9.79 -31.23 48.23
CA PHE A 135 -9.31 -30.94 46.87
C PHE A 135 -10.18 -31.62 45.82
N LYS A 136 -10.58 -32.85 46.09
CA LYS A 136 -11.41 -33.65 45.18
C LYS A 136 -12.74 -32.94 44.89
N TYR A 137 -13.23 -32.19 45.87
CA TYR A 137 -14.49 -31.45 45.78
C TYR A 137 -14.36 -30.02 45.23
N LYS A 138 -13.27 -29.35 45.60
CA LYS A 138 -13.05 -27.97 45.17
C LYS A 138 -12.62 -27.82 43.69
N TYR A 139 -11.99 -28.86 43.15
CA TYR A 139 -11.50 -28.82 41.76
C TYR A 139 -11.96 -30.00 40.89
N THR A 140 -13.21 -29.93 40.43
CA THR A 140 -13.80 -30.94 39.57
C THR A 140 -15.00 -30.27 38.90
N ILE A 141 -15.56 -30.89 37.87
CA ILE A 141 -16.72 -30.31 37.18
C ILE A 141 -17.74 -31.34 36.73
N ASP A 142 -19.01 -31.10 37.05
CA ASP A 142 -20.08 -32.02 36.65
C ASP A 142 -20.08 -32.12 35.15
N PRO A 143 -20.52 -33.26 34.59
CA PRO A 143 -20.54 -33.40 33.14
C PRO A 143 -21.42 -32.32 32.49
N ALA A 144 -22.20 -31.65 33.34
CA ALA A 144 -23.11 -30.60 32.90
C ALA A 144 -22.39 -29.27 32.75
N GLU A 145 -22.00 -28.67 33.87
CA GLU A 145 -21.32 -27.38 33.87
C GLU A 145 -19.89 -27.47 33.31
N ALA A 146 -19.60 -28.59 32.63
CA ALA A 146 -18.29 -28.82 32.03
C ALA A 146 -18.45 -28.76 30.52
N LYS A 147 -19.64 -29.13 30.04
CA LYS A 147 -19.95 -29.09 28.63
C LYS A 147 -20.33 -27.64 28.32
N LYS A 148 -20.65 -26.90 29.38
CA LYS A 148 -21.03 -25.49 29.30
C LYS A 148 -19.78 -24.66 29.04
N LEU A 149 -18.72 -24.92 29.80
CA LEU A 149 -17.45 -24.22 29.63
C LEU A 149 -16.74 -24.77 28.41
N GLU A 150 -17.51 -25.47 27.56
CA GLU A 150 -16.99 -26.08 26.36
C GLU A 150 -17.56 -25.37 25.14
N GLN A 151 -18.80 -24.91 25.28
CA GLN A 151 -19.51 -24.20 24.22
C GLN A 151 -18.82 -22.87 23.90
N GLU A 152 -17.98 -22.42 24.83
CA GLU A 152 -17.26 -21.16 24.66
C GLU A 152 -15.75 -21.38 24.62
N LYS A 153 -15.35 -22.64 24.61
CA LYS A 153 -13.95 -23.03 24.56
C LYS A 153 -13.10 -22.31 25.61
N LYS A 154 -13.62 -22.19 26.83
CA LYS A 154 -12.92 -21.54 27.93
C LYS A 154 -12.31 -22.55 28.90
N GLN A 155 -11.43 -22.07 29.78
CA GLN A 155 -10.75 -22.92 30.76
C GLN A 155 -11.51 -22.94 32.10
N ALA A 156 -11.57 -24.12 32.73
CA ALA A 156 -12.28 -24.28 34.00
C ALA A 156 -11.86 -23.29 35.08
N PHE A 157 -10.62 -23.43 35.56
CA PHE A 157 -10.09 -22.53 36.58
C PHE A 157 -8.80 -21.91 36.07
N PRO A 158 -8.89 -20.76 35.39
CA PRO A 158 -7.69 -20.10 34.85
C PRO A 158 -6.80 -19.46 35.93
N ASP A 159 -7.20 -19.60 37.19
CA ASP A 159 -6.43 -19.05 38.29
C ASP A 159 -5.39 -20.08 38.73
N VAL A 160 -5.51 -21.29 38.19
CA VAL A 160 -4.60 -22.39 38.52
C VAL A 160 -3.70 -22.78 37.36
N ASP A 161 -2.43 -23.05 37.66
CA ASP A 161 -1.47 -23.46 36.65
C ASP A 161 -1.42 -24.98 36.63
N TYR A 162 -1.48 -25.55 37.83
CA TYR A 162 -1.46 -26.99 37.99
C TYR A 162 -1.48 -27.33 39.47
N ALA A 163 -1.79 -28.58 39.79
CA ALA A 163 -1.84 -29.04 41.17
C ALA A 163 -0.98 -30.29 41.29
N VAL A 164 -0.27 -30.42 42.40
CA VAL A 164 0.57 -31.59 42.60
C VAL A 164 -0.05 -32.52 43.63
N VAL A 165 0.10 -33.81 43.44
CA VAL A 165 -0.49 -34.78 44.36
C VAL A 165 0.51 -35.85 44.80
N GLU A 166 0.99 -35.71 46.03
CA GLU A 166 1.93 -36.67 46.61
C GLU A 166 1.09 -37.80 47.18
N TYR A 167 1.52 -39.03 46.99
CA TYR A 167 0.75 -40.16 47.47
C TYR A 167 1.66 -41.38 47.62
N PRO A 168 1.37 -42.26 48.58
CA PRO A 168 2.21 -43.44 48.78
C PRO A 168 1.94 -44.54 47.76
N LEU A 169 2.50 -44.39 46.56
CA LEU A 169 2.32 -45.37 45.51
C LEU A 169 3.68 -45.93 45.11
N THR A 170 3.95 -47.17 45.46
CA THR A 170 5.22 -47.80 45.16
C THR A 170 5.74 -47.51 43.73
N LEU A 171 4.86 -47.41 42.75
CA LEU A 171 5.30 -47.11 41.39
C LEU A 171 6.03 -45.75 41.35
N LEU A 172 5.41 -44.74 41.95
CA LEU A 172 6.02 -43.42 41.98
C LEU A 172 7.33 -43.44 42.76
N GLN A 173 7.40 -44.31 43.75
CA GLN A 173 8.58 -44.46 44.58
C GLN A 173 9.77 -44.84 43.69
N LYS A 174 9.59 -45.89 42.91
CA LYS A 174 10.63 -46.38 42.02
C LYS A 174 11.05 -45.39 40.94
N GLY A 175 10.50 -44.18 40.98
CA GLY A 175 10.89 -43.16 40.02
C GLY A 175 9.98 -42.88 38.83
N ILE A 176 8.70 -42.65 39.09
CA ILE A 176 7.73 -42.36 38.02
C ILE A 176 6.88 -41.17 38.41
N GLU A 177 6.73 -40.23 37.49
CA GLU A 177 5.89 -39.06 37.75
C GLU A 177 4.82 -39.07 36.67
N ILE A 178 3.61 -38.71 37.04
CA ILE A 178 2.54 -38.70 36.06
C ILE A 178 1.91 -37.33 35.96
N VAL A 179 1.73 -36.88 34.73
CA VAL A 179 1.10 -35.60 34.47
C VAL A 179 -0.18 -35.94 33.73
N ASP A 180 -1.30 -35.76 34.42
CA ASP A 180 -2.63 -36.06 33.88
C ASP A 180 -3.29 -34.78 33.33
N SER A 181 -3.30 -34.63 32.01
CA SER A 181 -3.92 -33.45 31.37
C SER A 181 -5.42 -33.62 31.29
N PRO A 182 -6.18 -32.60 31.69
CA PRO A 182 -7.64 -32.60 31.70
C PRO A 182 -8.37 -32.54 30.36
N GLY A 183 -7.66 -32.21 29.30
CA GLY A 183 -8.35 -32.16 28.02
C GLY A 183 -7.48 -31.84 26.84
N LEU A 184 -8.06 -32.00 25.66
CA LEU A 184 -7.34 -31.75 24.44
C LEU A 184 -7.51 -30.36 23.83
N ASN A 185 -8.34 -29.53 24.44
CA ASN A 185 -8.58 -28.19 23.93
C ASN A 185 -7.28 -27.40 23.81
N ASP A 186 -7.31 -26.33 23.02
CA ASP A 186 -6.13 -25.51 22.77
C ASP A 186 -5.59 -24.65 23.90
N THR A 187 -6.48 -24.18 24.79
CA THR A 187 -6.01 -23.35 25.89
C THR A 187 -5.16 -24.20 26.83
N GLU A 188 -5.68 -25.36 27.19
CA GLU A 188 -4.97 -26.30 28.07
C GLU A 188 -3.69 -26.77 27.37
N ALA A 189 -3.76 -26.85 26.04
CA ALA A 189 -2.63 -27.25 25.24
C ALA A 189 -1.46 -26.31 25.49
N ARG A 190 -1.65 -25.03 25.19
CA ARG A 190 -0.59 -24.04 25.39
C ARG A 190 -0.02 -24.08 26.80
N ASN A 191 -0.90 -24.06 27.80
CA ASN A 191 -0.47 -24.10 29.18
C ASN A 191 0.61 -25.19 29.34
N GLU A 192 0.26 -26.42 28.97
CA GLU A 192 1.18 -27.56 29.04
C GLU A 192 2.47 -27.29 28.26
N LEU A 193 2.33 -26.71 27.08
CA LEU A 193 3.49 -26.41 26.25
C LEU A 193 4.34 -25.35 26.96
N SER A 194 3.69 -24.34 27.52
CA SER A 194 4.38 -23.26 28.20
C SER A 194 5.06 -23.69 29.49
N LEU A 195 4.46 -24.64 30.21
CA LEU A 195 5.04 -25.15 31.44
C LEU A 195 6.12 -26.19 31.15
N GLY A 196 6.26 -26.54 29.87
CA GLY A 196 7.25 -27.53 29.46
C GLY A 196 6.62 -28.85 29.06
N TYR A 197 6.20 -29.61 30.06
CA TYR A 197 5.59 -30.92 29.92
C TYR A 197 5.64 -31.61 28.55
N VAL A 198 4.88 -31.13 27.58
CA VAL A 198 4.88 -31.76 26.26
C VAL A 198 6.29 -32.02 25.76
N ASN A 199 7.27 -31.30 26.30
CA ASN A 199 8.65 -31.48 25.88
C ASN A 199 9.58 -31.73 27.05
N ASN A 200 9.02 -32.11 28.19
CA ASN A 200 9.81 -32.39 29.37
C ASN A 200 9.37 -33.68 30.03
N CYS A 201 9.07 -34.67 29.20
CA CYS A 201 8.62 -35.95 29.71
C CYS A 201 9.18 -37.02 28.78
N HIS A 202 9.52 -38.17 29.33
CA HIS A 202 10.08 -39.23 28.52
C HIS A 202 9.11 -39.89 27.58
N ALA A 203 7.83 -39.88 27.91
CA ALA A 203 6.85 -40.50 27.03
C ALA A 203 5.45 -39.92 27.18
N ILE A 204 4.65 -40.04 26.11
CA ILE A 204 3.28 -39.57 26.17
C ILE A 204 2.29 -40.73 26.09
N LEU A 205 1.34 -40.74 27.01
CA LEU A 205 0.31 -41.78 27.04
C LEU A 205 -0.96 -41.06 26.60
N PHE A 206 -1.37 -41.28 25.35
CA PHE A 206 -2.54 -40.64 24.74
C PHE A 206 -3.76 -41.57 24.73
N VAL A 207 -4.56 -41.53 25.78
CA VAL A 207 -5.71 -42.41 25.87
C VAL A 207 -6.83 -42.11 24.88
N MET A 208 -7.18 -43.12 24.10
CA MET A 208 -8.26 -42.96 23.13
C MET A 208 -9.29 -44.01 23.47
N ARG A 209 -10.43 -43.98 22.79
CA ARG A 209 -11.51 -44.94 23.04
C ARG A 209 -12.05 -45.59 21.77
N ALA A 210 -12.36 -46.88 21.84
CA ALA A 210 -12.84 -47.59 20.67
C ALA A 210 -14.17 -47.06 20.12
N SER A 211 -15.02 -46.55 21.01
CA SER A 211 -16.33 -46.00 20.62
C SER A 211 -16.20 -44.63 20.00
N GLN A 212 -14.98 -44.13 19.88
CA GLN A 212 -14.78 -42.82 19.29
C GLN A 212 -13.42 -42.80 18.67
N PRO A 213 -13.28 -43.53 17.56
CA PRO A 213 -12.06 -43.69 16.77
C PRO A 213 -11.49 -42.39 16.21
N CYS A 214 -10.30 -42.03 16.65
CA CYS A 214 -9.62 -40.84 16.15
C CYS A 214 -10.58 -39.67 15.85
N THR A 215 -11.15 -39.11 16.90
CA THR A 215 -12.05 -37.98 16.80
C THR A 215 -11.37 -36.87 15.99
N LEU A 216 -12.15 -35.87 15.58
CA LEU A 216 -11.59 -34.74 14.85
C LEU A 216 -10.71 -34.06 15.90
N GLY A 217 -11.23 -33.98 17.11
CA GLY A 217 -10.48 -33.35 18.18
C GLY A 217 -9.11 -33.94 18.39
N GLU A 218 -9.06 -35.25 18.35
CA GLU A 218 -7.80 -35.96 18.53
C GLU A 218 -6.93 -35.70 17.32
N ARG A 219 -7.37 -36.16 16.16
CA ARG A 219 -6.60 -35.98 14.94
C ARG A 219 -6.00 -34.59 14.82
N ARG A 220 -6.74 -33.58 15.27
CA ARG A 220 -6.27 -32.20 15.20
C ARG A 220 -5.08 -32.00 16.13
N TYR A 221 -5.28 -32.36 17.40
CA TYR A 221 -4.24 -32.24 18.43
C TYR A 221 -2.97 -32.88 17.95
N LEU A 222 -3.07 -34.15 17.56
CA LEU A 222 -1.92 -34.89 17.09
C LEU A 222 -1.13 -34.09 16.06
N GLU A 223 -1.82 -33.47 15.12
CA GLU A 223 -1.12 -32.69 14.11
C GLU A 223 -0.50 -31.43 14.65
N ASN A 224 -1.25 -30.66 15.42
CA ASN A 224 -0.73 -29.41 15.96
C ASN A 224 0.35 -29.53 17.02
N TYR A 225 0.36 -30.62 17.76
CA TYR A 225 1.33 -30.74 18.84
C TYR A 225 2.29 -31.92 18.86
N ILE A 226 1.99 -32.97 18.12
CA ILE A 226 2.84 -34.16 18.13
C ILE A 226 3.55 -34.51 16.83
N LYS A 227 2.83 -34.39 15.71
CA LYS A 227 3.37 -34.71 14.39
C LYS A 227 4.75 -34.13 14.11
N GLY A 228 5.66 -35.01 13.70
CA GLY A 228 7.01 -34.59 13.35
C GLY A 228 7.74 -33.76 14.39
N ARG A 229 7.44 -33.97 15.66
CA ARG A 229 8.08 -33.23 16.72
C ARG A 229 9.08 -34.14 17.42
N GLY A 230 9.20 -35.36 16.91
CA GLY A 230 10.12 -36.32 17.51
C GLY A 230 9.78 -36.64 18.96
N LEU A 231 8.55 -37.06 19.23
CA LEU A 231 8.13 -37.41 20.59
C LEU A 231 7.74 -38.89 20.62
N THR A 232 7.86 -39.54 21.78
CA THR A 232 7.45 -40.93 21.88
C THR A 232 6.06 -40.95 22.52
N VAL A 233 5.09 -41.41 21.76
CA VAL A 233 3.75 -41.48 22.30
C VAL A 233 3.14 -42.85 22.05
N PHE A 234 2.58 -43.44 23.10
CA PHE A 234 1.91 -44.73 22.99
C PHE A 234 0.42 -44.46 22.91
N PHE A 235 -0.25 -45.01 21.91
CA PHE A 235 -1.67 -44.80 21.81
C PHE A 235 -2.37 -45.99 22.45
N LEU A 236 -3.20 -45.68 23.44
CA LEU A 236 -3.94 -46.69 24.18
C LEU A 236 -5.39 -46.61 23.79
N VAL A 237 -5.83 -47.57 22.99
CA VAL A 237 -7.19 -47.60 22.54
C VAL A 237 -7.93 -48.24 23.69
N ASN A 238 -8.57 -47.42 24.50
CA ASN A 238 -9.29 -47.90 25.68
C ASN A 238 -10.70 -48.41 25.43
N ALA A 239 -11.25 -49.08 26.45
CA ALA A 239 -12.60 -49.64 26.38
C ALA A 239 -12.74 -50.56 25.18
N TRP A 240 -11.70 -51.34 24.93
CA TRP A 240 -11.72 -52.24 23.80
C TRP A 240 -12.77 -53.32 23.98
N ASP A 241 -13.11 -53.61 25.22
CA ASP A 241 -14.10 -54.63 25.51
C ASP A 241 -15.48 -54.33 24.93
N GLN A 242 -15.79 -53.06 24.80
CA GLN A 242 -17.10 -52.65 24.29
C GLN A 242 -17.40 -53.07 22.85
N VAL A 243 -16.36 -53.30 22.07
CA VAL A 243 -16.57 -53.65 20.68
C VAL A 243 -17.48 -54.83 20.49
N ARG A 244 -17.40 -55.81 21.37
CA ARG A 244 -18.25 -56.96 21.16
C ARG A 244 -19.68 -56.85 21.63
N GLU A 245 -19.99 -55.83 22.42
CA GLU A 245 -21.37 -55.71 22.90
C GLU A 245 -22.28 -55.12 21.84
N SER A 246 -21.87 -55.27 20.59
CA SER A 246 -22.63 -54.72 19.48
C SER A 246 -22.70 -55.66 18.29
N LEU A 247 -22.21 -56.89 18.46
CA LEU A 247 -22.20 -57.88 17.40
C LEU A 247 -23.52 -58.64 17.36
N ILE A 248 -23.83 -59.23 16.21
CA ILE A 248 -25.05 -60.04 16.10
C ILE A 248 -24.96 -60.99 17.29
N ASP A 249 -23.81 -61.65 17.39
CA ASP A 249 -23.56 -62.58 18.47
C ASP A 249 -22.30 -62.15 19.17
N PRO A 250 -22.43 -61.56 20.36
CA PRO A 250 -21.28 -61.08 21.15
C PRO A 250 -20.33 -62.19 21.60
N ASP A 251 -20.67 -63.43 21.26
CA ASP A 251 -19.87 -64.58 21.66
C ASP A 251 -19.36 -65.39 20.47
N ASP A 252 -19.01 -64.68 19.41
CA ASP A 252 -18.49 -65.26 18.18
C ASP A 252 -17.15 -64.59 17.87
N VAL A 253 -16.06 -65.18 18.35
CA VAL A 253 -14.71 -64.65 18.14
C VAL A 253 -14.41 -64.29 16.69
N GLU A 254 -15.02 -65.02 15.76
CA GLU A 254 -14.76 -64.72 14.37
C GLU A 254 -15.43 -63.39 14.04
N GLU A 255 -16.74 -63.25 14.26
CA GLU A 255 -17.38 -61.97 13.96
C GLU A 255 -16.68 -60.84 14.70
N LEU A 256 -16.44 -61.04 15.98
CA LEU A 256 -15.74 -60.05 16.81
C LEU A 256 -14.51 -59.57 16.09
N GLN A 257 -13.60 -60.51 15.85
CA GLN A 257 -12.35 -60.24 15.16
C GLN A 257 -12.57 -59.35 13.93
N ALA A 258 -13.60 -59.66 13.15
CA ALA A 258 -13.91 -58.89 11.96
C ALA A 258 -14.30 -57.43 12.26
N SER A 259 -15.02 -57.19 13.34
CA SER A 259 -15.39 -55.84 13.70
C SER A 259 -14.13 -55.16 14.17
N GLU A 260 -13.43 -55.82 15.09
CA GLU A 260 -12.17 -55.28 15.60
C GLU A 260 -11.31 -54.86 14.40
N ASN A 261 -11.26 -55.70 13.38
CA ASN A 261 -10.46 -55.39 12.21
C ASN A 261 -10.96 -54.12 11.54
N ARG A 262 -12.27 -53.99 11.39
CA ARG A 262 -12.83 -52.79 10.78
C ARG A 262 -12.29 -51.59 11.51
N LEU A 263 -12.31 -51.69 12.83
CA LEU A 263 -11.83 -50.64 13.73
C LEU A 263 -10.33 -50.44 13.67
N ARG A 264 -9.61 -51.55 13.59
CA ARG A 264 -8.16 -51.51 13.55
C ARG A 264 -7.60 -50.79 12.33
N GLN A 265 -8.26 -50.91 11.18
CA GLN A 265 -7.74 -50.23 10.00
C GLN A 265 -7.94 -48.74 10.11
N VAL A 266 -8.81 -48.32 11.03
CA VAL A 266 -9.05 -46.90 11.20
C VAL A 266 -7.90 -46.30 12.01
N PHE A 267 -7.54 -46.95 13.12
CA PHE A 267 -6.45 -46.43 13.94
C PHE A 267 -5.14 -46.46 13.21
N ASN A 268 -4.88 -47.56 12.49
CA ASN A 268 -3.64 -47.67 11.76
C ASN A 268 -3.55 -46.55 10.75
N ALA A 269 -4.63 -46.35 10.00
CA ALA A 269 -4.69 -45.30 8.99
C ALA A 269 -4.30 -43.94 9.56
N ASN A 270 -4.71 -43.68 10.80
CA ASN A 270 -4.42 -42.41 11.46
C ASN A 270 -3.23 -42.37 12.40
N LEU A 271 -2.76 -43.52 12.86
CA LEU A 271 -1.65 -43.50 13.80
C LEU A 271 -0.33 -44.03 13.29
N ALA A 272 -0.37 -44.83 12.24
CA ALA A 272 0.83 -45.41 11.66
C ALA A 272 1.88 -44.33 11.58
N GLU A 273 1.49 -43.24 10.93
CA GLU A 273 2.33 -42.08 10.75
C GLU A 273 3.12 -41.71 12.00
N TYR A 274 2.57 -41.97 13.18
CA TYR A 274 3.24 -41.61 14.44
C TYR A 274 3.97 -42.76 15.14
N CYS A 275 4.17 -43.87 14.45
CA CYS A 275 4.82 -44.98 15.08
C CYS A 275 5.96 -45.51 14.23
N THR A 276 6.94 -44.67 14.00
CA THR A 276 8.11 -45.03 13.19
C THR A 276 9.32 -44.35 13.80
N VAL A 277 10.47 -45.01 13.73
CA VAL A 277 11.71 -44.45 14.25
C VAL A 277 12.86 -44.66 13.30
N GLU A 278 13.21 -43.58 12.60
CA GLU A 278 14.30 -43.63 11.64
C GLU A 278 13.97 -44.66 10.57
N GLY A 279 12.82 -44.46 9.91
CA GLY A 279 12.41 -45.37 8.87
C GLY A 279 11.81 -46.67 9.36
N GLN A 280 12.19 -47.11 10.55
CA GLN A 280 11.65 -48.36 11.07
C GLN A 280 10.29 -48.17 11.74
N ASN A 281 9.34 -49.03 11.36
CA ASN A 281 7.97 -48.99 11.88
C ASN A 281 7.77 -49.84 13.12
N ILE A 282 7.26 -49.22 14.18
CA ILE A 282 7.03 -49.97 15.41
C ILE A 282 5.61 -49.80 15.92
N TYR A 283 4.67 -49.70 15.00
CA TYR A 283 3.28 -49.50 15.35
C TYR A 283 2.82 -50.35 16.51
N ASP A 284 3.00 -51.66 16.40
CA ASP A 284 2.53 -52.55 17.45
C ASP A 284 3.39 -52.62 18.70
N GLU A 285 4.14 -51.56 18.96
CA GLU A 285 4.97 -51.47 20.15
C GLU A 285 4.58 -50.15 20.79
N ARG A 286 3.60 -49.51 20.14
CA ARG A 286 3.09 -48.23 20.57
C ARG A 286 1.57 -48.16 20.68
N VAL A 287 0.86 -48.93 19.87
CA VAL A 287 -0.60 -48.90 19.94
C VAL A 287 -1.13 -50.14 20.66
N PHE A 288 -1.96 -49.90 21.68
CA PHE A 288 -2.48 -51.00 22.47
C PHE A 288 -3.97 -51.00 22.77
N GLU A 289 -4.63 -52.08 22.37
CA GLU A 289 -6.05 -52.19 22.63
C GLU A 289 -6.15 -52.61 24.09
N LEU A 290 -6.88 -51.83 24.87
CA LEU A 290 -7.02 -52.07 26.30
C LEU A 290 -8.43 -52.06 26.85
N SER A 291 -8.56 -52.65 28.04
CA SER A 291 -9.81 -52.70 28.78
C SER A 291 -9.44 -52.29 30.21
N SER A 292 -9.31 -50.98 30.43
CA SER A 292 -8.94 -50.48 31.74
C SER A 292 -9.91 -50.93 32.82
N ILE A 293 -11.19 -50.95 32.49
CA ILE A 293 -12.22 -51.35 33.43
C ILE A 293 -12.01 -52.79 33.91
N GLN A 294 -11.52 -53.66 33.05
CA GLN A 294 -11.30 -55.04 33.45
C GLN A 294 -9.99 -55.19 34.22
N ALA A 295 -9.00 -54.37 33.88
CA ALA A 295 -7.72 -54.42 34.57
C ALA A 295 -7.93 -53.91 36.01
N LEU A 296 -8.55 -52.74 36.14
CA LEU A 296 -8.81 -52.17 37.45
C LEU A 296 -9.50 -53.20 38.33
N ARG A 297 -10.65 -53.70 37.87
CA ARG A 297 -11.40 -54.69 38.63
C ARG A 297 -10.51 -55.80 39.19
N ARG A 298 -9.66 -56.39 38.36
CA ARG A 298 -8.78 -57.46 38.81
C ARG A 298 -7.79 -57.00 39.88
N ARG A 299 -7.29 -55.77 39.77
CA ARG A 299 -6.32 -55.26 40.72
C ARG A 299 -7.00 -54.85 42.02
N LEU A 300 -8.33 -54.93 42.05
CA LEU A 300 -9.05 -54.59 43.26
C LEU A 300 -9.22 -55.82 44.14
N LYS A 301 -9.16 -57.02 43.53
CA LYS A 301 -9.28 -58.29 44.26
C LYS A 301 -7.89 -58.77 44.67
N ASN A 302 -6.85 -58.15 44.10
CA ASN A 302 -5.47 -58.53 44.37
C ASN A 302 -4.55 -57.76 43.43
N PRO A 303 -3.69 -56.89 43.98
CA PRO A 303 -2.77 -56.09 43.15
C PRO A 303 -1.64 -56.85 42.44
N GLN A 304 -1.34 -58.05 42.94
CA GLN A 304 -0.30 -58.90 42.35
C GLN A 304 -1.00 -59.79 41.31
N ALA A 305 -2.13 -59.29 40.81
CA ALA A 305 -2.94 -60.01 39.85
C ALA A 305 -2.43 -59.98 38.42
N ASP A 306 -2.53 -61.13 37.79
CA ASP A 306 -2.15 -61.36 36.40
C ASP A 306 -3.15 -60.51 35.62
N LEU A 307 -2.69 -59.79 34.59
CA LEU A 307 -3.61 -58.96 33.81
C LEU A 307 -3.87 -59.45 32.40
N ASP A 308 -3.28 -60.60 32.04
CA ASP A 308 -3.47 -61.18 30.70
C ASP A 308 -4.93 -61.14 30.31
N GLY A 309 -5.22 -60.58 29.15
CA GLY A 309 -6.60 -60.51 28.71
C GLY A 309 -7.17 -59.12 28.75
N THR A 310 17.69 -66.17 44.25
CA THR A 310 16.45 -65.50 44.67
C THR A 310 15.59 -65.21 43.45
N GLY A 311 16.21 -65.26 42.29
CA GLY A 311 15.49 -65.01 41.06
C GLY A 311 15.73 -63.60 40.58
N PHE A 312 16.06 -62.73 41.52
CA PHE A 312 16.28 -61.34 41.19
C PHE A 312 17.25 -61.05 40.07
N PRO A 313 18.46 -61.59 40.11
CA PRO A 313 19.47 -61.37 39.06
C PRO A 313 18.92 -61.50 37.65
N LYS A 314 18.36 -62.67 37.34
CA LYS A 314 17.80 -62.93 36.03
C LYS A 314 16.78 -61.84 35.66
N PHE A 315 15.92 -61.47 36.61
CA PHE A 315 14.92 -60.44 36.37
C PHE A 315 15.58 -59.09 36.12
N MET A 316 16.42 -58.66 37.05
CA MET A 316 17.08 -57.37 36.93
C MET A 316 17.86 -57.18 35.65
N ASP A 317 18.51 -58.21 35.17
CA ASP A 317 19.26 -58.02 33.95
C ASP A 317 18.33 -57.70 32.78
N SER A 318 17.17 -58.35 32.73
CA SER A 318 16.22 -58.06 31.65
C SER A 318 15.78 -56.62 31.76
N LEU A 319 15.34 -56.22 32.95
CA LEU A 319 14.89 -54.85 33.16
C LEU A 319 16.03 -53.87 32.84
N ASN A 320 17.25 -54.24 33.21
CA ASN A 320 18.39 -53.37 32.93
C ASN A 320 18.45 -53.19 31.42
N THR A 321 18.56 -54.30 30.71
CA THR A 321 18.60 -54.27 29.26
C THR A 321 17.53 -53.39 28.63
N PHE A 322 16.27 -53.67 28.96
CA PHE A 322 15.12 -52.91 28.44
C PHE A 322 15.33 -51.42 28.63
N LEU A 323 15.49 -51.01 29.87
CA LEU A 323 15.68 -49.61 30.16
C LEU A 323 16.92 -48.94 29.55
N THR A 324 18.10 -49.47 29.85
CA THR A 324 19.34 -48.86 29.38
C THR A 324 19.82 -49.18 27.97
N ARG A 325 19.41 -50.31 27.42
CA ARG A 325 19.87 -50.62 26.07
C ARG A 325 18.77 -50.60 25.03
N GLU A 326 17.61 -50.09 25.40
CA GLU A 326 16.51 -49.99 24.46
C GLU A 326 15.81 -48.66 24.63
N ARG A 327 15.23 -48.44 25.80
CA ARG A 327 14.53 -47.19 25.97
C ARG A 327 15.45 -46.00 25.88
N ALA A 328 16.65 -46.10 26.44
CA ALA A 328 17.61 -45.00 26.41
C ALA A 328 18.09 -44.73 24.98
N ILE A 329 18.46 -45.80 24.29
CA ILE A 329 18.90 -45.67 22.92
C ILE A 329 17.85 -44.91 22.12
N ALA A 330 16.66 -45.48 22.02
CA ALA A 330 15.56 -44.87 21.29
C ALA A 330 15.42 -43.40 21.63
N GLU A 331 15.37 -43.10 22.92
CA GLU A 331 15.23 -41.71 23.32
C GLU A 331 16.45 -40.89 22.91
N LEU A 332 17.66 -41.42 23.15
CA LEU A 332 18.87 -40.69 22.79
C LEU A 332 18.94 -40.50 21.29
N ARG A 333 18.68 -41.55 20.55
CA ARG A 333 18.73 -41.48 19.10
C ARG A 333 17.93 -40.28 18.60
N GLN A 334 16.78 -40.03 19.20
CA GLN A 334 15.95 -38.90 18.78
C GLN A 334 16.70 -37.61 18.94
N VAL A 335 17.36 -37.44 20.08
CA VAL A 335 18.13 -36.24 20.30
C VAL A 335 19.13 -36.08 19.15
N ARG A 336 19.74 -37.17 18.72
CA ARG A 336 20.67 -37.04 17.63
C ARG A 336 19.93 -36.52 16.39
N THR A 337 18.78 -37.12 16.12
CA THR A 337 17.97 -36.71 14.97
C THR A 337 17.64 -35.22 15.00
N LEU A 338 17.23 -34.72 16.16
CA LEU A 338 16.89 -33.32 16.29
C LEU A 338 18.13 -32.45 16.05
N ALA A 339 19.29 -32.89 16.54
CA ALA A 339 20.52 -32.14 16.37
C ALA A 339 20.95 -32.12 14.92
N ARG A 340 20.81 -33.24 14.22
CA ARG A 340 21.17 -33.26 12.81
C ARG A 340 20.25 -32.30 12.06
N LEU A 341 18.97 -32.26 12.42
CA LEU A 341 18.03 -31.36 11.75
C LEU A 341 18.51 -29.92 11.94
N ALA A 342 18.75 -29.54 13.19
CA ALA A 342 19.21 -28.20 13.49
C ALA A 342 20.47 -27.91 12.71
N CYS A 343 21.40 -28.84 12.76
CA CYS A 343 22.68 -28.67 12.07
C CYS A 343 22.46 -28.44 10.58
N ASN A 344 21.68 -29.29 9.93
CA ASN A 344 21.43 -29.13 8.49
C ASN A 344 20.73 -27.83 8.12
N HIS A 345 19.65 -27.50 8.82
CA HIS A 345 18.94 -26.28 8.50
C HIS A 345 19.93 -25.11 8.54
N THR A 346 20.76 -25.06 9.57
CA THR A 346 21.75 -24.00 9.71
C THR A 346 22.74 -24.05 8.57
N ARG A 347 23.36 -25.20 8.44
CA ARG A 347 24.35 -25.45 7.41
C ARG A 347 23.89 -24.93 6.05
N GLU A 348 22.79 -25.51 5.55
CA GLU A 348 22.24 -25.15 4.26
C GLU A 348 21.88 -23.67 4.15
N ALA A 349 21.22 -23.14 5.17
CA ALA A 349 20.84 -21.73 5.20
C ALA A 349 22.05 -20.89 4.81
N VAL A 350 23.16 -21.12 5.51
CA VAL A 350 24.40 -20.40 5.26
C VAL A 350 24.91 -20.62 3.84
N ALA A 351 24.93 -21.88 3.42
CA ALA A 351 25.40 -22.24 2.09
C ALA A 351 24.59 -21.50 1.00
N ARG A 352 23.40 -21.05 1.34
CA ARG A 352 22.53 -20.34 0.41
C ARG A 352 22.81 -18.85 0.48
N ARG A 353 23.16 -18.36 1.67
CA ARG A 353 23.41 -16.94 1.78
C ARG A 353 24.73 -16.41 1.28
N ILE A 354 25.83 -16.98 1.77
CA ILE A 354 27.16 -16.51 1.36
C ILE A 354 27.13 -16.12 -0.11
N PRO A 355 26.81 -17.07 -1.00
CA PRO A 355 26.77 -16.71 -2.41
C PRO A 355 25.85 -15.53 -2.78
N LEU A 356 24.67 -15.44 -2.18
CA LEU A 356 23.79 -14.31 -2.49
C LEU A 356 24.35 -12.97 -1.99
N LEU A 357 25.30 -13.02 -1.04
CA LEU A 357 25.91 -11.79 -0.50
C LEU A 357 26.60 -10.96 -1.58
N GLU A 358 27.16 -11.64 -2.56
CA GLU A 358 27.86 -10.95 -3.64
C GLU A 358 26.87 -10.31 -4.60
N GLN A 359 25.85 -11.06 -4.98
CA GLN A 359 24.86 -10.54 -5.89
C GLN A 359 24.26 -9.23 -5.40
N ASP A 360 23.90 -8.35 -6.33
CA ASP A 360 23.31 -7.04 -6.02
C ASP A 360 21.79 -7.14 -5.87
N VAL A 361 32.66 -3.02 -0.06
CA VAL A 361 33.42 -2.49 -1.19
C VAL A 361 32.93 -2.99 -2.55
N ASN A 362 32.79 -4.30 -2.69
CA ASN A 362 32.33 -4.87 -3.96
C ASN A 362 30.95 -4.38 -4.36
N GLU A 363 30.00 -4.47 -3.43
CA GLU A 363 28.64 -4.02 -3.70
C GLU A 363 28.65 -2.53 -4.00
N LEU A 364 29.65 -1.83 -3.49
CA LEU A 364 29.76 -0.39 -3.71
C LEU A 364 30.18 -0.07 -5.13
N LYS A 365 31.34 -0.58 -5.54
CA LYS A 365 31.86 -0.35 -6.88
C LYS A 365 30.87 -0.82 -7.93
N LYS A 366 30.05 -1.80 -7.57
CA LYS A 366 29.03 -2.29 -8.48
C LYS A 366 28.02 -1.15 -8.68
N ARG A 367 27.59 -0.56 -7.56
CA ARG A 367 26.64 0.54 -7.58
C ARG A 367 27.22 1.80 -8.23
N ILE A 368 28.49 2.10 -7.94
CA ILE A 368 29.12 3.27 -8.54
C ILE A 368 29.19 3.14 -10.07
N ASP A 369 29.72 2.01 -10.55
CA ASP A 369 29.82 1.74 -12.00
C ASP A 369 28.43 1.80 -12.60
N SER A 370 27.44 1.52 -11.77
CA SER A 370 26.05 1.53 -12.17
C SER A 370 25.59 2.89 -12.70
N VAL A 371 26.19 3.96 -12.18
CA VAL A 371 25.81 5.31 -12.57
C VAL A 371 26.74 6.03 -13.55
N GLU A 372 27.86 5.40 -13.89
CA GLU A 372 28.82 6.00 -14.82
C GLU A 372 28.12 6.65 -16.01
N PRO A 373 27.09 5.98 -16.57
CA PRO A 373 26.38 6.55 -17.71
C PRO A 373 25.62 7.83 -17.36
N GLU A 374 25.19 7.95 -16.11
CA GLU A 374 24.46 9.12 -15.68
C GLU A 374 25.42 10.32 -15.55
N PHE A 375 26.59 10.06 -14.96
CA PHE A 375 27.57 11.12 -14.79
C PHE A 375 27.96 11.69 -16.14
N ASN A 376 28.31 10.83 -17.08
CA ASN A 376 28.70 11.31 -18.40
C ASN A 376 27.60 12.22 -18.96
N LYS A 377 26.34 11.87 -18.71
CA LYS A 377 25.23 12.70 -19.17
C LYS A 377 25.34 14.11 -18.59
N LEU A 378 25.68 14.18 -17.31
CA LEU A 378 25.83 15.47 -16.66
C LEU A 378 26.88 16.24 -17.42
N THR A 379 27.94 15.55 -17.80
CA THR A 379 29.03 16.17 -18.56
C THR A 379 28.52 16.57 -19.94
N GLY A 380 27.43 15.93 -20.36
CA GLY A 380 26.84 16.25 -21.64
C GLY A 380 26.20 17.61 -21.55
N ILE A 381 25.68 17.94 -20.37
CA ILE A 381 25.06 19.24 -20.16
C ILE A 381 26.18 20.26 -20.07
N ARG A 382 27.24 19.91 -19.32
CA ARG A 382 28.36 20.81 -19.12
C ARG A 382 29.00 21.17 -20.45
N ASP A 383 28.78 20.33 -21.45
CA ASP A 383 29.33 20.56 -22.77
C ASP A 383 28.30 21.19 -23.70
N GLU A 384 27.08 20.68 -23.64
CA GLU A 384 25.99 21.22 -24.45
C GLU A 384 25.77 22.71 -24.15
N PHE A 385 25.90 23.10 -22.88
CA PHE A 385 25.68 24.49 -22.46
C PHE A 385 26.91 25.36 -22.71
N GLN A 386 28.09 24.77 -22.59
CA GLN A 386 29.30 25.53 -22.81
C GLN A 386 29.34 25.96 -24.27
N LYS A 387 28.97 25.05 -25.17
CA LYS A 387 28.94 25.38 -26.59
C LYS A 387 28.10 26.63 -26.75
N GLU A 388 26.80 26.48 -26.52
CA GLU A 388 25.87 27.59 -26.62
C GLU A 388 26.43 28.87 -26.01
N ILE A 389 27.07 28.74 -24.85
CA ILE A 389 27.63 29.91 -24.23
C ILE A 389 28.57 30.58 -25.19
N ILE A 390 29.53 29.82 -25.72
CA ILE A 390 30.51 30.33 -26.66
C ILE A 390 29.99 30.73 -28.04
N ASN A 391 28.99 30.02 -28.55
CA ASN A 391 28.44 30.38 -29.85
C ASN A 391 27.67 31.67 -29.70
N THR A 392 27.47 32.10 -28.45
CA THR A 392 26.75 33.34 -28.17
C THR A 392 27.75 34.47 -28.04
N ARG A 393 28.91 34.21 -27.44
CA ARG A 393 29.90 35.26 -27.32
C ARG A 393 30.35 35.59 -28.74
N ASP A 394 30.68 34.57 -29.51
CA ASP A 394 31.13 34.76 -30.88
C ASP A 394 30.13 35.58 -31.67
N THR A 395 28.89 35.11 -31.73
CA THR A 395 27.87 35.85 -32.48
C THR A 395 27.75 37.28 -31.99
N GLN A 396 27.80 37.48 -30.68
CA GLN A 396 27.67 38.82 -30.12
C GLN A 396 28.91 39.69 -30.35
N ALA A 397 30.07 39.18 -29.98
CA ALA A 397 31.31 39.93 -30.16
C ALA A 397 31.53 40.28 -31.63
N ARG A 398 30.77 39.66 -32.51
CA ARG A 398 30.87 39.91 -33.94
C ARG A 398 29.87 41.00 -34.29
N THR A 399 28.59 40.68 -34.17
CA THR A 399 27.51 41.62 -34.46
C THR A 399 27.70 43.00 -33.85
N ILE A 400 28.33 43.07 -32.68
CA ILE A 400 28.54 44.34 -32.00
C ILE A 400 29.68 45.08 -32.68
N SER A 401 30.81 44.39 -32.86
CA SER A 401 31.98 44.95 -33.51
C SER A 401 31.55 45.55 -34.85
N GLU A 402 30.63 44.86 -35.50
CA GLU A 402 30.08 45.32 -36.76
C GLU A 402 29.36 46.63 -36.49
N SER A 403 28.47 46.61 -35.49
CA SER A 403 27.68 47.79 -35.12
C SER A 403 28.55 49.01 -34.84
N PHE A 404 29.63 48.81 -34.10
CA PHE A 404 30.54 49.88 -33.80
C PHE A 404 31.21 50.36 -35.10
N ARG A 405 31.85 49.43 -35.81
CA ARG A 405 32.53 49.74 -37.06
C ARG A 405 31.59 50.51 -37.97
N SER A 406 30.38 50.00 -38.16
CA SER A 406 29.40 50.67 -38.99
C SER A 406 29.08 52.06 -38.47
N TYR A 407 28.93 52.19 -37.16
CA TYR A 407 28.60 53.46 -36.50
C TYR A 407 29.70 54.51 -36.68
N VAL A 408 30.93 54.13 -36.36
CA VAL A 408 32.06 55.05 -36.49
C VAL A 408 32.11 55.61 -37.90
N LEU A 409 32.09 54.72 -38.89
CA LEU A 409 32.10 55.13 -40.29
C LEU A 409 31.01 56.13 -40.57
N ASN A 410 29.77 55.70 -40.34
CA ASN A 410 28.62 56.56 -40.59
C ASN A 410 28.68 57.89 -39.85
N LEU A 411 29.43 57.97 -38.75
CA LEU A 411 29.48 59.24 -38.05
C LEU A 411 30.09 60.27 -38.99
N GLY A 412 30.93 59.78 -39.91
CA GLY A 412 31.58 60.64 -40.87
C GLY A 412 30.61 61.28 -41.85
N ASN A 413 29.49 60.63 -42.12
CA ASN A 413 28.50 61.18 -43.03
C ASN A 413 27.77 62.36 -42.40
N THR A 414 27.85 62.50 -41.09
CA THR A 414 27.18 63.61 -40.42
C THR A 414 28.15 64.61 -39.79
N PHE A 415 29.44 64.27 -39.78
CA PHE A 415 30.45 65.11 -39.19
C PHE A 415 30.29 66.60 -39.44
N GLU A 416 30.15 66.99 -40.69
CA GLU A 416 29.98 68.40 -41.01
C GLU A 416 28.94 69.03 -40.11
N ASN A 417 27.70 68.54 -40.16
CA ASN A 417 26.64 69.09 -39.34
C ASN A 417 27.01 69.06 -37.85
N ASP A 418 27.59 67.95 -37.40
CA ASP A 418 27.97 67.85 -36.01
C ASP A 418 29.07 68.88 -35.70
N PHE A 419 30.04 68.97 -36.60
CA PHE A 419 31.16 69.88 -36.43
C PHE A 419 30.66 71.29 -36.15
N LEU A 420 29.44 71.56 -36.59
CA LEU A 420 28.85 72.88 -36.37
C LEU A 420 28.15 72.92 -35.03
N ARG A 421 27.29 71.94 -34.77
CA ARG A 421 26.55 71.85 -33.51
C ARG A 421 27.54 72.01 -32.37
N TYR A 422 28.49 71.08 -32.27
CA TYR A 422 29.53 71.16 -31.27
C TYR A 422 30.49 72.18 -31.87
N GLN A 423 31.16 72.97 -31.07
CA GLN A 423 32.08 73.92 -31.65
C GLN A 423 33.37 73.71 -30.91
N PRO A 424 34.05 72.60 -31.23
CA PRO A 424 35.32 72.20 -30.61
C PRO A 424 36.20 73.41 -30.39
N GLU A 425 36.63 73.60 -29.15
CA GLU A 425 37.52 74.71 -28.84
C GLU A 425 38.88 74.07 -28.59
N LEU A 426 39.90 74.51 -29.31
CA LEU A 426 41.22 73.93 -29.12
C LEU A 426 42.03 74.85 -28.22
N ASN A 427 42.56 74.30 -27.13
CA ASN A 427 43.35 75.06 -26.16
C ASN A 427 44.73 75.35 -26.72
N LEU A 428 44.88 76.48 -27.39
CA LEU A 428 46.15 76.84 -28.00
C LEU A 428 47.35 76.64 -27.09
N PHE A 429 47.19 76.84 -25.79
CA PHE A 429 48.31 76.65 -24.89
C PHE A 429 48.66 75.18 -24.81
N ASP A 430 47.65 74.34 -24.57
CA ASP A 430 47.85 72.91 -24.47
C ASP A 430 48.52 72.37 -25.73
N PHE A 431 48.05 72.82 -26.88
CA PHE A 431 48.57 72.38 -28.16
C PHE A 431 50.08 72.49 -28.23
N LEU A 432 50.57 73.73 -28.30
CA LEU A 432 51.99 74.00 -28.37
C LEU A 432 52.68 73.52 -27.11
N SER A 433 52.62 74.35 -26.05
CA SER A 433 53.21 74.02 -24.75
C SER A 433 54.35 73.00 -24.80
N SER A 434 54.04 71.74 -24.49
CA SER A 434 55.03 70.67 -24.49
C SER A 434 55.43 70.23 -25.91
N GLY A 435 55.40 68.93 -26.16
CA GLY A 435 55.75 68.43 -27.47
C GLY A 435 55.48 66.95 -27.66
N LYS A 436 55.33 66.21 -26.57
CA LYS A 436 55.06 64.78 -26.65
C LYS A 436 53.92 64.54 -27.64
N ARG A 437 53.99 63.45 -28.40
CA ARG A 437 52.93 63.15 -29.36
C ARG A 437 51.69 62.71 -28.59
N GLU A 438 51.50 63.36 -27.45
CA GLU A 438 50.37 63.10 -26.57
C GLU A 438 49.84 64.42 -26.02
N ALA A 439 50.72 65.31 -25.58
CA ALA A 439 50.33 66.61 -25.04
C ALA A 439 49.77 67.46 -26.18
N PHE A 440 49.92 66.94 -27.39
CA PHE A 440 49.47 67.59 -28.61
C PHE A 440 48.17 66.91 -29.06
N ASN A 441 48.09 65.60 -28.89
CA ASN A 441 46.91 64.85 -29.27
C ASN A 441 45.82 65.01 -28.21
N ALA A 442 46.23 65.08 -26.95
CA ALA A 442 45.30 65.25 -25.86
C ALA A 442 44.58 66.57 -26.09
N ALA A 443 45.36 67.60 -26.43
CA ALA A 443 44.79 68.91 -26.69
C ALA A 443 43.63 68.81 -27.66
N LEU A 444 43.84 68.07 -28.75
CA LEU A 444 42.81 67.87 -29.77
C LEU A 444 41.73 66.93 -29.26
N GLN A 445 42.12 66.00 -28.40
CA GLN A 445 41.17 65.05 -27.84
C GLN A 445 40.19 65.80 -26.97
N LYS A 446 40.72 66.73 -26.17
CA LYS A 446 39.89 67.54 -25.27
C LYS A 446 38.89 68.32 -26.10
N ALA A 447 39.39 69.12 -27.01
CA ALA A 447 38.53 69.92 -27.87
C ALA A 447 37.32 69.13 -28.38
N PHE A 448 37.45 67.82 -28.51
CA PHE A 448 36.32 67.02 -28.98
C PHE A 448 35.68 66.20 -27.90
N GLU A 449 35.92 66.58 -26.64
CA GLU A 449 35.38 65.84 -25.49
C GLU A 449 33.87 65.64 -25.52
N GLN A 450 33.13 66.74 -25.60
CA GLN A 450 31.69 66.67 -25.62
C GLN A 450 31.22 65.80 -26.77
N TYR A 451 31.78 66.03 -27.95
CA TYR A 451 31.40 65.23 -29.12
C TYR A 451 31.67 63.75 -28.86
N ILE A 452 32.87 63.42 -28.40
CA ILE A 452 33.21 62.02 -28.14
C ILE A 452 32.26 61.39 -27.13
N THR A 453 32.09 62.06 -26.00
CA THR A 453 31.19 61.57 -24.96
C THR A 453 29.81 61.27 -25.53
N ASP A 454 29.15 62.29 -26.06
CA ASP A 454 27.82 62.12 -26.64
C ASP A 454 27.71 60.93 -27.57
N LYS A 455 28.40 61.00 -28.70
CA LYS A 455 28.37 59.93 -29.69
C LYS A 455 28.68 58.59 -29.05
N SER A 456 29.70 58.60 -28.21
CA SER A 456 30.13 57.40 -27.51
C SER A 456 29.02 56.81 -26.61
N ALA A 457 28.47 57.63 -25.74
CA ALA A 457 27.42 57.19 -24.84
C ALA A 457 26.21 56.65 -25.57
N ALA A 458 25.87 57.26 -26.70
CA ALA A 458 24.72 56.81 -27.44
C ALA A 458 24.89 55.37 -27.92
N TRP A 459 26.02 55.07 -28.53
CA TRP A 459 26.21 53.73 -29.04
C TRP A 459 26.18 52.64 -27.95
N THR A 460 26.94 52.83 -26.88
CA THR A 460 26.98 51.82 -25.82
C THR A 460 25.60 51.53 -25.24
N LEU A 461 24.67 52.46 -25.37
CA LEU A 461 23.34 52.20 -24.86
C LEU A 461 22.81 51.07 -25.73
N THR A 462 22.95 51.25 -27.04
CA THR A 462 22.51 50.30 -28.04
C THR A 462 23.21 48.95 -27.84
N ALA A 463 24.52 48.98 -27.60
CA ALA A 463 25.29 47.77 -27.39
C ALA A 463 24.73 46.99 -26.20
N GLU A 464 24.62 47.67 -25.06
CA GLU A 464 24.11 47.08 -23.84
C GLU A 464 22.74 46.44 -24.04
N LYS A 465 21.81 47.15 -24.69
CA LYS A 465 20.48 46.61 -24.93
C LYS A 465 20.52 45.19 -25.54
N ASP A 466 21.58 44.90 -26.29
CA ASP A 466 21.73 43.60 -26.93
C ASP A 466 22.41 42.54 -26.07
N ILE A 467 23.57 42.91 -25.52
CA ILE A 467 24.31 42.02 -24.64
C ILE A 467 23.33 41.56 -23.58
N ASN A 468 22.46 42.46 -23.14
CA ASN A 468 21.44 42.10 -22.15
C ASN A 468 20.69 40.88 -22.64
N ALA A 469 19.86 41.09 -23.67
CA ALA A 469 19.07 40.02 -24.25
C ALA A 469 19.85 38.71 -24.38
N ALA A 470 21.09 38.81 -24.83
CA ALA A 470 21.95 37.63 -24.98
C ALA A 470 21.97 36.84 -23.66
N PHE A 471 22.40 37.51 -22.59
CA PHE A 471 22.46 36.91 -21.28
C PHE A 471 21.07 36.58 -20.77
N LYS A 472 20.07 37.33 -21.19
CA LYS A 472 18.75 37.01 -20.72
C LYS A 472 18.37 35.65 -21.28
N GLU A 473 18.82 35.35 -22.51
CA GLU A 473 18.54 34.05 -23.14
C GLU A 473 19.34 32.96 -22.47
N LEU A 474 20.65 33.16 -22.41
CA LEU A 474 21.53 32.19 -21.76
C LEU A 474 20.94 31.76 -20.42
N SER A 475 20.32 32.70 -19.71
CA SER A 475 19.70 32.41 -18.42
C SER A 475 18.59 31.40 -18.63
N ARG A 476 17.60 31.78 -19.42
CA ARG A 476 16.48 30.91 -19.74
C ARG A 476 17.03 29.54 -20.15
N SER A 477 18.12 29.55 -20.91
CA SER A 477 18.74 28.32 -21.37
C SER A 477 19.23 27.49 -20.18
N ALA A 478 20.02 28.12 -19.30
CA ALA A 478 20.54 27.42 -18.14
C ALA A 478 19.40 26.84 -17.32
N SER A 479 18.31 27.58 -17.22
CA SER A 479 17.18 27.10 -16.44
C SER A 479 16.81 25.71 -16.85
N GLN A 480 16.56 25.53 -18.14
CA GLN A 480 16.18 24.23 -18.67
C GLN A 480 17.27 23.18 -18.49
N TYR A 481 18.51 23.50 -18.84
CA TYR A 481 19.59 22.51 -18.67
C TYR A 481 19.65 22.12 -17.21
N GLY A 482 19.35 23.08 -16.34
CA GLY A 482 19.37 22.81 -14.92
C GLY A 482 18.29 21.82 -14.55
N ALA A 483 17.10 22.01 -15.11
CA ALA A 483 15.99 21.12 -14.84
C ALA A 483 16.34 19.68 -15.17
N SER A 484 16.94 19.46 -16.32
CA SER A 484 17.30 18.10 -16.71
C SER A 484 18.46 17.60 -15.86
N TYR A 485 19.45 18.46 -15.64
CA TYR A 485 20.60 18.12 -14.81
C TYR A 485 20.08 17.48 -13.52
N ASN A 486 19.01 18.07 -12.96
CA ASN A 486 18.41 17.56 -11.73
C ASN A 486 17.92 16.15 -11.91
N GLN A 487 17.13 15.93 -12.95
CA GLN A 487 16.63 14.59 -13.22
C GLN A 487 17.80 13.62 -13.22
N ILE A 488 18.78 13.86 -14.09
CA ILE A 488 19.94 12.99 -14.15
C ILE A 488 20.53 12.81 -12.75
N THR A 489 20.44 13.86 -11.96
CA THR A 489 20.98 13.79 -10.60
C THR A 489 20.10 12.91 -9.70
N ASP A 490 18.78 13.08 -9.78
CA ASP A 490 17.89 12.28 -8.98
C ASP A 490 18.17 10.79 -9.18
N GLN A 491 18.33 10.37 -10.43
CA GLN A 491 18.63 8.99 -10.77
C GLN A 491 19.91 8.52 -10.08
N ILE A 492 20.99 9.27 -10.25
CA ILE A 492 22.26 8.88 -9.62
C ILE A 492 22.04 8.53 -8.15
N THR A 493 21.08 9.19 -7.53
CA THR A 493 20.77 8.91 -6.13
C THR A 493 20.00 7.59 -6.04
N GLU A 494 18.95 7.46 -6.84
CA GLU A 494 18.17 6.23 -6.83
C GLU A 494 19.02 4.99 -7.12
N LYS A 495 19.72 4.99 -8.25
CA LYS A 495 20.55 3.86 -8.62
C LYS A 495 21.65 3.61 -7.58
N LEU A 496 21.83 4.56 -6.67
CA LEU A 496 22.84 4.45 -5.63
C LEU A 496 22.25 4.05 -4.28
N THR A 497 21.19 4.77 -3.92
CA THR A 497 20.51 4.58 -2.64
C THR A 497 19.42 3.51 -2.69
N GLY A 498 18.76 3.38 -3.84
CA GLY A 498 17.70 2.41 -3.97
C GLY A 498 16.36 3.10 -3.81
N LYS A 499 16.29 3.99 -2.83
CA LYS A 499 15.06 4.73 -2.55
C LYS A 499 15.01 6.05 -3.33
N ASP A 500 14.03 6.18 -4.22
CA ASP A 500 13.91 7.40 -5.02
C ASP A 500 13.28 8.54 -4.23
N VAL A 501 14.11 9.50 -3.87
CA VAL A 501 13.69 10.68 -3.11
C VAL A 501 12.76 11.57 -3.93
N GLU A 511 10.71 29.55 -3.64
CA GLU A 511 11.55 29.82 -4.80
C GLU A 511 11.70 28.58 -5.70
N ASP A 512 12.24 28.79 -6.89
CA ASP A 512 12.45 27.67 -7.83
C ASP A 512 13.61 26.85 -7.28
N ASN A 513 13.53 25.53 -7.43
CA ASN A 513 14.60 24.68 -6.91
C ASN A 513 15.49 24.04 -7.97
N SER A 514 16.18 24.86 -8.74
CA SER A 514 17.09 24.36 -9.76
C SER A 514 18.45 24.13 -9.10
N PRO A 515 19.35 23.40 -9.77
CA PRO A 515 20.67 23.13 -9.19
C PRO A 515 21.40 24.41 -8.84
N GLY A 516 22.52 24.26 -8.13
CA GLY A 516 23.30 25.42 -7.74
C GLY A 516 23.90 26.17 -8.90
N TRP A 517 24.78 25.51 -9.67
CA TRP A 517 25.41 26.20 -10.79
C TRP A 517 24.35 26.89 -11.62
N ALA A 518 23.16 26.30 -11.67
CA ALA A 518 22.08 26.90 -12.42
C ALA A 518 21.63 28.22 -11.80
N LYS A 519 21.71 28.29 -10.48
CA LYS A 519 21.32 29.49 -9.75
C LYS A 519 22.22 30.66 -10.11
N TRP A 520 23.51 30.38 -10.29
CA TRP A 520 24.47 31.43 -10.64
C TRP A 520 24.34 31.86 -12.09
N ALA A 521 24.18 30.88 -12.97
CA ALA A 521 24.04 31.12 -14.40
C ALA A 521 22.77 31.91 -14.69
N MET A 522 21.76 31.78 -13.83
CA MET A 522 20.52 32.51 -14.05
C MET A 522 20.55 33.89 -13.42
N GLY A 523 21.60 34.15 -12.65
CA GLY A 523 21.72 35.45 -12.02
C GLY A 523 20.68 35.65 -10.93
N LEU A 524 20.46 34.62 -10.14
CA LEU A 524 19.51 34.70 -9.03
C LEU A 524 20.33 34.84 -7.78
N LEU A 525 21.61 34.52 -7.93
CA LEU A 525 22.55 34.55 -6.84
C LEU A 525 23.86 35.12 -7.37
N SER A 526 24.75 35.49 -6.45
CA SER A 526 26.08 35.99 -6.80
C SER A 526 26.72 36.58 -5.56
N LEU A 527 28.04 36.43 -5.46
CA LEU A 527 28.79 36.93 -4.32
C LEU A 527 29.32 38.33 -4.56
N SER A 528 29.24 38.79 -5.81
CA SER A 528 29.70 40.14 -6.16
C SER A 528 28.53 41.11 -6.16
N LYS A 529 28.77 42.34 -5.73
CA LYS A 529 27.70 43.33 -5.72
C LYS A 529 27.19 43.51 -7.16
N GLY A 530 28.11 43.42 -8.13
CA GLY A 530 27.73 43.57 -9.53
C GLY A 530 28.33 42.50 -10.43
N ASN A 531 27.89 42.49 -11.69
CA ASN A 531 28.37 41.51 -12.68
C ASN A 531 28.26 42.05 -14.11
N LEU A 532 28.84 41.32 -15.07
CA LEU A 532 28.82 41.78 -16.46
C LEU A 532 27.61 41.41 -17.32
N ALA A 533 26.57 40.84 -16.71
CA ALA A 533 25.35 40.49 -17.44
C ALA A 533 24.24 41.42 -16.95
N GLY A 534 23.03 41.25 -17.49
CA GLY A 534 21.93 42.11 -17.08
C GLY A 534 21.30 41.71 -15.77
N PHE A 535 21.96 40.83 -15.04
CA PHE A 535 21.47 40.31 -13.76
C PHE A 535 21.41 41.36 -12.67
N ALA A 536 20.25 41.99 -12.53
CA ALA A 536 20.04 43.02 -11.51
C ALA A 536 19.41 42.41 -10.27
N LEU A 537 19.22 41.10 -10.29
CA LEU A 537 18.65 40.37 -9.16
C LEU A 537 19.79 39.60 -8.48
N ALA A 538 20.99 39.76 -9.04
CA ALA A 538 22.19 39.12 -8.54
C ALA A 538 23.09 40.09 -7.76
N GLY A 539 23.45 39.70 -6.55
CA GLY A 539 24.28 40.56 -5.72
C GLY A 539 23.55 41.84 -5.45
N ALA A 540 24.29 42.95 -5.52
CA ALA A 540 23.71 44.26 -5.29
C ALA A 540 23.00 44.73 -6.56
N GLY A 541 23.17 43.96 -7.64
CA GLY A 541 22.56 44.29 -8.91
C GLY A 541 23.44 45.12 -9.82
N PHE A 542 24.37 45.85 -9.22
CA PHE A 542 25.31 46.72 -9.93
C PHE A 542 25.63 46.21 -11.34
N ASP A 543 25.58 47.11 -12.32
CA ASP A 543 25.86 46.76 -13.72
C ASP A 543 27.30 47.13 -14.11
N TRP A 544 28.24 46.21 -13.90
CA TRP A 544 29.64 46.47 -14.24
C TRP A 544 29.97 46.46 -15.72
N LYS A 545 28.99 46.15 -16.57
CA LYS A 545 29.26 46.13 -18.00
C LYS A 545 29.00 47.51 -18.59
N ASN A 546 28.61 48.47 -17.75
CA ASN A 546 28.37 49.83 -18.22
C ASN A 546 29.69 50.54 -18.01
N ILE A 547 30.50 49.96 -17.12
CA ILE A 547 31.83 50.48 -16.82
C ILE A 547 32.71 50.01 -17.96
N LEU A 548 33.00 48.70 -17.93
CA LEU A 548 33.82 48.05 -18.92
C LEU A 548 33.46 48.43 -20.36
N LEU A 549 32.17 48.55 -20.66
CA LEU A 549 31.77 48.88 -22.04
C LEU A 549 31.85 50.37 -22.40
N ASN A 550 31.20 51.23 -21.62
CA ASN A 550 31.19 52.66 -21.89
C ASN A 550 32.52 53.35 -21.55
N TYR A 551 33.60 52.58 -21.57
CA TYR A 551 34.92 53.11 -21.30
C TYR A 551 35.79 52.76 -22.49
N PHE A 552 35.67 51.53 -22.97
CA PHE A 552 36.43 51.08 -24.13
C PHE A 552 35.91 51.82 -25.36
N THR A 553 34.59 51.99 -25.41
CA THR A 553 33.96 52.68 -26.54
C THR A 553 34.47 54.10 -26.66
N VAL A 554 34.80 54.73 -25.54
CA VAL A 554 35.33 56.09 -25.56
C VAL A 554 36.73 56.03 -26.15
N ILE A 555 37.49 54.99 -25.79
CA ILE A 555 38.83 54.83 -26.32
C ILE A 555 38.71 54.61 -27.82
N GLY A 556 37.61 53.98 -28.24
CA GLY A 556 37.36 53.74 -29.65
C GLY A 556 37.02 55.00 -30.42
N ILE A 557 35.88 55.63 -30.10
CA ILE A 557 35.44 56.86 -30.78
C ILE A 557 36.49 57.96 -30.61
N GLY A 558 37.34 57.82 -29.58
CA GLY A 558 38.37 58.81 -29.34
C GLY A 558 39.60 58.51 -30.17
N GLY A 559 39.87 57.21 -30.33
CA GLY A 559 41.01 56.78 -31.13
C GLY A 559 40.70 57.17 -32.55
N ILE A 560 39.45 56.98 -32.95
CA ILE A 560 39.01 57.34 -34.29
C ILE A 560 39.46 58.77 -34.54
N ILE A 561 39.26 59.62 -33.53
CA ILE A 561 39.69 61.01 -33.61
C ILE A 561 41.22 61.03 -33.61
N THR A 562 41.81 60.45 -32.56
CA THR A 562 43.26 60.37 -32.44
C THR A 562 43.87 59.93 -33.76
N ALA A 563 43.08 59.19 -34.54
CA ALA A 563 43.49 58.68 -35.83
C ALA A 563 43.26 59.72 -36.91
N VAL A 564 42.01 60.13 -37.08
CA VAL A 564 41.67 61.13 -38.09
C VAL A 564 42.49 62.40 -37.83
N THR A 565 43.15 62.42 -36.67
CA THR A 565 43.99 63.54 -36.29
C THR A 565 45.28 63.43 -37.09
N GLY A 566 46.02 62.34 -36.86
CA GLY A 566 47.27 62.11 -37.57
C GLY A 566 47.07 61.99 -39.07
N ILE A 567 45.82 61.78 -39.48
CA ILE A 567 45.48 61.67 -40.88
C ILE A 567 45.50 63.05 -41.52
N LEU A 568 44.94 64.02 -40.81
CA LEU A 568 44.83 65.38 -41.32
C LEU A 568 45.94 66.36 -40.96
N LEU A 569 46.80 66.00 -40.00
CA LEU A 569 47.88 66.90 -39.65
C LEU A 569 48.65 67.34 -40.89
N GLY A 570 49.23 66.38 -41.58
CA GLY A 570 49.97 66.67 -42.79
C GLY A 570 49.27 67.62 -43.74
N PRO A 571 48.05 67.31 -44.19
CA PRO A 571 47.32 68.20 -45.10
C PRO A 571 47.15 69.61 -44.53
N ILE A 572 46.94 69.67 -43.22
CA ILE A 572 46.76 70.95 -42.56
C ILE A 572 48.09 71.69 -42.54
N GLY A 573 49.09 71.08 -41.91
CA GLY A 573 50.41 71.69 -41.83
C GLY A 573 50.82 72.26 -43.18
N PHE A 574 50.53 71.50 -44.23
CA PHE A 574 50.86 71.93 -45.58
C PHE A 574 50.17 73.26 -45.84
N ALA A 575 48.85 73.29 -45.71
CA ALA A 575 48.09 74.51 -45.94
C ALA A 575 48.59 75.67 -45.05
N LEU A 576 48.77 75.39 -43.77
CA LEU A 576 49.24 76.41 -42.86
C LEU A 576 50.57 76.97 -43.35
N LEU A 577 51.52 76.05 -43.61
CA LEU A 577 52.86 76.40 -44.07
C LEU A 577 52.86 77.08 -45.45
N GLY A 578 52.08 76.52 -46.37
CA GLY A 578 52.01 77.09 -47.69
C GLY A 578 51.28 78.41 -47.73
N LEU A 579 51.11 79.02 -46.56
CA LEU A 579 50.42 80.29 -46.48
C LEU A 579 51.32 81.30 -45.78
N GLY A 580 51.95 80.85 -44.70
CA GLY A 580 52.85 81.71 -43.95
C GLY A 580 54.14 82.02 -44.69
N VAL A 581 54.26 81.50 -45.91
CA VAL A 581 55.46 81.72 -46.72
C VAL A 581 55.07 82.37 -48.04
N GLY A 582 53.79 82.30 -48.40
CA GLY A 582 53.34 82.94 -49.61
C GLY A 582 53.23 82.12 -50.86
N PHE A 583 53.35 80.81 -50.75
CA PHE A 583 53.25 79.96 -51.93
C PHE A 583 51.79 79.76 -52.27
N LEU A 584 50.95 79.80 -51.23
CA LEU A 584 49.51 79.63 -51.40
C LEU A 584 48.79 80.87 -50.88
N GLN A 585 47.80 81.33 -51.66
CA GLN A 585 47.03 82.51 -51.30
C GLN A 585 45.82 82.13 -50.44
N ALA A 586 45.06 83.15 -50.04
CA ALA A 586 43.86 82.91 -49.23
C ALA A 586 42.81 82.15 -50.03
N ASP A 587 42.13 81.22 -49.35
CA ASP A 587 41.09 80.42 -49.97
C ASP A 587 41.56 79.61 -51.19
N GLN A 588 42.86 79.39 -51.28
CA GLN A 588 43.42 78.60 -52.37
C GLN A 588 43.75 77.26 -51.75
N ALA A 589 44.24 77.33 -50.52
CA ALA A 589 44.62 76.15 -49.76
C ALA A 589 43.40 75.41 -49.23
N ARG A 590 42.30 76.13 -49.03
CA ARG A 590 41.09 75.52 -48.51
C ARG A 590 40.32 74.70 -49.53
N ARG A 591 40.54 74.97 -50.83
CA ARG A 591 39.86 74.17 -51.84
C ARG A 591 40.72 72.93 -52.00
N GLU A 592 41.83 72.91 -51.26
CA GLU A 592 42.77 71.79 -51.29
C GLU A 592 42.74 71.02 -49.96
N LEU A 593 42.78 71.75 -48.84
CA LEU A 593 42.75 71.09 -47.54
C LEU A 593 41.61 70.07 -47.60
N VAL A 594 40.50 70.51 -48.19
CA VAL A 594 39.33 69.65 -48.36
C VAL A 594 39.69 68.54 -49.34
N LYS A 595 40.10 68.92 -50.54
CA LYS A 595 40.50 67.96 -51.56
C LYS A 595 41.32 66.86 -50.89
N THR A 596 42.25 67.27 -50.03
CA THR A 596 43.11 66.33 -49.33
C THR A 596 42.33 65.57 -48.25
N ALA A 597 41.62 66.30 -47.40
CA ALA A 597 40.85 65.66 -46.33
C ALA A 597 40.06 64.49 -46.94
N LYS A 598 38.92 64.81 -47.53
CA LYS A 598 38.07 63.81 -48.16
C LYS A 598 38.88 62.65 -48.75
N LYS A 599 39.95 62.99 -49.47
CA LYS A 599 40.80 61.98 -50.08
C LYS A 599 41.35 61.00 -49.04
N GLU A 600 42.03 61.54 -48.03
CA GLU A 600 42.63 60.74 -46.97
C GLU A 600 41.63 59.96 -46.12
N LEU A 601 40.54 60.61 -45.73
CA LEU A 601 39.54 59.94 -44.92
C LEU A 601 38.96 58.72 -45.62
N VAL A 602 38.35 58.92 -46.78
CA VAL A 602 37.78 57.81 -47.54
C VAL A 602 38.88 56.79 -47.85
N LYS A 603 40.12 57.19 -47.60
CA LYS A 603 41.29 56.36 -47.85
C LYS A 603 41.74 55.59 -46.61
N HIS A 604 41.25 55.97 -45.43
CA HIS A 604 41.67 55.29 -44.22
C HIS A 604 40.60 55.03 -43.17
N LEU A 605 39.70 55.99 -42.99
CA LEU A 605 38.65 55.85 -41.99
C LEU A 605 38.11 54.42 -41.89
N PRO A 606 37.69 53.83 -43.03
CA PRO A 606 37.17 52.47 -42.97
C PRO A 606 38.16 51.50 -42.35
N GLN A 607 39.44 51.70 -42.60
CA GLN A 607 40.41 50.78 -42.03
C GLN A 607 40.58 51.08 -40.55
N VAL A 608 40.70 52.35 -40.18
CA VAL A 608 40.87 52.69 -38.76
C VAL A 608 39.65 52.27 -37.96
N ALA A 609 38.47 52.45 -38.55
CA ALA A 609 37.25 52.05 -37.87
C ALA A 609 37.46 50.58 -37.52
N HIS A 610 37.60 49.75 -38.55
CA HIS A 610 37.81 48.32 -38.40
C HIS A 610 38.88 47.99 -37.37
N GLU A 611 40.01 48.67 -37.44
CA GLU A 611 41.10 48.44 -36.51
C GLU A 611 40.66 48.74 -35.10
N GLN A 612 39.87 49.80 -34.93
CA GLN A 612 39.37 50.20 -33.63
C GLN A 612 38.26 49.29 -33.12
N SER A 613 37.35 48.91 -34.00
CA SER A 613 36.25 48.03 -33.61
C SER A 613 36.78 46.69 -33.15
N GLN A 614 38.09 46.57 -33.00
CA GLN A 614 38.70 45.32 -32.55
C GLN A 614 38.95 45.35 -31.05
N VAL A 615 38.71 46.51 -30.42
CA VAL A 615 38.88 46.63 -28.98
C VAL A 615 37.51 46.28 -28.42
N VAL A 616 36.48 46.77 -29.10
CA VAL A 616 35.10 46.51 -28.73
C VAL A 616 34.85 45.02 -28.84
N TYR A 617 35.58 44.36 -29.74
CA TYR A 617 35.41 42.93 -29.90
C TYR A 617 35.86 42.26 -28.61
N ASN A 618 37.08 42.58 -28.19
CA ASN A 618 37.63 42.01 -26.97
C ASN A 618 36.79 42.26 -25.73
N ALA A 619 36.08 43.38 -25.70
CA ALA A 619 35.27 43.70 -24.55
C ALA A 619 34.03 42.80 -24.50
N VAL A 620 33.38 42.62 -25.64
CA VAL A 620 32.19 41.77 -25.67
C VAL A 620 32.59 40.32 -25.49
N LYS A 621 33.75 39.94 -26.00
CA LYS A 621 34.18 38.55 -25.83
C LYS A 621 34.45 38.34 -24.35
N GLU A 622 35.04 39.33 -23.70
CA GLU A 622 35.34 39.21 -22.28
C GLU A 622 34.07 38.96 -21.47
N CYS A 623 33.09 39.85 -21.60
CA CYS A 623 31.83 39.71 -20.89
C CYS A 623 31.38 38.26 -20.82
N PHE A 624 31.32 37.62 -21.99
CA PHE A 624 30.88 36.24 -22.09
C PHE A 624 31.92 35.21 -21.71
N ASP A 625 33.16 35.62 -21.57
CA ASP A 625 34.16 34.64 -21.18
C ASP A 625 34.18 34.57 -19.66
N SER A 626 33.83 35.68 -19.00
CA SER A 626 33.81 35.67 -17.55
C SER A 626 32.69 34.71 -17.17
N TYR A 627 31.53 34.94 -17.74
CA TYR A 627 30.35 34.13 -17.50
C TYR A 627 30.63 32.65 -17.76
N GLU A 628 31.20 32.34 -18.91
CA GLU A 628 31.51 30.95 -19.21
C GLU A 628 32.50 30.42 -18.18
N ARG A 629 33.57 31.17 -17.92
CA ARG A 629 34.56 30.72 -16.95
C ARG A 629 33.92 30.28 -15.63
N GLU A 630 33.03 31.12 -15.08
CA GLU A 630 32.34 30.84 -13.82
C GLU A 630 31.35 29.68 -13.92
N VAL A 631 30.36 29.82 -14.79
CA VAL A 631 29.39 28.75 -14.96
C VAL A 631 30.13 27.43 -15.15
N SER A 632 31.26 27.45 -15.85
CA SER A 632 32.01 26.21 -16.04
C SER A 632 32.46 25.66 -14.70
N LYS A 633 33.24 26.46 -13.96
CA LYS A 633 33.75 26.09 -12.65
C LYS A 633 32.69 25.42 -11.83
N ARG A 634 31.61 26.14 -11.61
CA ARG A 634 30.52 25.62 -10.82
C ARG A 634 29.97 24.31 -11.35
N ILE A 635 29.85 24.14 -12.66
CA ILE A 635 29.33 22.86 -13.13
C ILE A 635 30.36 21.74 -12.95
N ASN A 636 31.60 21.94 -13.36
CA ASN A 636 32.59 20.87 -13.16
C ASN A 636 32.68 20.60 -11.65
N ASP A 637 32.62 21.67 -10.88
CA ASP A 637 32.72 21.58 -9.44
C ASP A 637 31.63 20.67 -8.88
N ASP A 638 30.44 20.72 -9.47
CA ASP A 638 29.36 19.87 -9.02
C ASP A 638 29.71 18.44 -9.37
N ILE A 639 29.90 18.19 -10.66
CA ILE A 639 30.26 16.88 -11.16
C ILE A 639 31.37 16.27 -10.30
N VAL A 640 32.51 16.93 -10.25
CA VAL A 640 33.63 16.40 -9.50
C VAL A 640 33.36 16.07 -8.03
N SER A 641 32.59 16.90 -7.33
CA SER A 641 32.31 16.62 -5.93
C SER A 641 31.40 15.41 -5.75
N ARG A 642 30.30 15.36 -6.50
CA ARG A 642 29.39 14.23 -6.39
C ARG A 642 30.15 12.92 -6.60
N LYS A 643 31.14 12.95 -7.48
CA LYS A 643 31.93 11.76 -7.77
C LYS A 643 32.86 11.42 -6.61
N SER A 644 33.56 12.42 -6.08
CA SER A 644 34.47 12.21 -4.96
C SER A 644 33.70 11.69 -3.75
N GLU A 645 32.46 12.13 -3.67
CA GLU A 645 31.56 11.75 -2.60
C GLU A 645 31.60 10.22 -2.51
N LEU A 646 31.54 9.58 -3.69
CA LEU A 646 31.57 8.14 -3.81
C LEU A 646 32.98 7.56 -3.69
N ASP A 647 33.94 8.20 -4.36
CA ASP A 647 35.30 7.69 -4.31
C ASP A 647 35.90 7.68 -2.92
N ASN A 648 35.74 8.75 -2.16
CA ASN A 648 36.30 8.80 -0.81
C ASN A 648 35.84 7.64 0.08
N LEU A 649 34.60 7.18 -0.10
CA LEU A 649 34.07 6.07 0.68
C LEU A 649 34.97 4.87 0.41
N VAL A 650 35.02 4.48 -0.86
CA VAL A 650 35.86 3.35 -1.25
C VAL A 650 37.30 3.52 -0.71
N LYS A 651 37.91 4.69 -0.94
CA LYS A 651 39.28 4.94 -0.46
C LYS A 651 39.42 4.59 1.02
N GLN A 652 38.31 4.57 1.74
CA GLN A 652 38.34 4.27 3.17
C GLN A 652 38.02 2.80 3.44
N LYS A 653 36.95 2.30 2.81
CA LYS A 653 36.54 0.92 3.00
C LYS A 653 37.69 -0.05 2.74
N GLN A 654 38.65 0.40 1.94
CA GLN A 654 39.81 -0.42 1.60
C GLN A 654 41.02 -0.05 2.43
N THR A 655 40.98 1.09 3.11
CA THR A 655 42.12 1.53 3.89
C THR A 655 41.94 1.54 5.41
N ARG A 656 40.97 2.28 5.93
CA ARG A 656 40.74 2.32 7.37
C ARG A 656 39.59 1.39 7.68
N GLU A 657 24.96 -1.62 5.25
CA GLU A 657 26.04 -1.97 4.34
C GLU A 657 26.88 -2.93 5.17
N ILE A 658 26.99 -4.16 4.66
CA ILE A 658 27.72 -5.21 5.36
C ILE A 658 29.12 -5.40 4.81
N ASN A 659 30.05 -5.87 5.64
CA ASN A 659 31.40 -6.15 5.13
C ASN A 659 31.33 -7.60 4.69
N ARG A 660 31.11 -7.79 3.39
CA ARG A 660 30.99 -9.14 2.83
C ARG A 660 32.00 -10.19 3.25
N GLU A 661 33.25 -9.81 3.47
CA GLU A 661 34.21 -10.83 3.87
C GLU A 661 34.08 -11.15 5.35
N SER A 662 33.74 -10.16 6.16
CA SER A 662 33.57 -10.40 7.59
C SER A 662 32.31 -11.23 7.77
N GLU A 663 31.30 -10.98 6.94
CA GLU A 663 30.10 -11.76 7.06
C GLU A 663 30.46 -13.19 6.75
N PHE A 664 31.28 -13.38 5.73
CA PHE A 664 31.69 -14.72 5.34
C PHE A 664 32.27 -15.51 6.48
N ASN A 665 33.20 -14.91 7.22
CA ASN A 665 33.82 -15.62 8.34
C ASN A 665 32.79 -15.89 9.42
N ARG A 666 32.03 -14.85 9.77
CA ARG A 666 31.03 -14.97 10.81
C ARG A 666 30.11 -16.16 10.51
N LEU A 667 29.62 -16.25 9.27
CA LEU A 667 28.74 -17.34 8.91
C LEU A 667 29.48 -18.66 8.72
N LYS A 668 30.71 -18.61 8.22
CA LYS A 668 31.49 -19.83 8.06
C LYS A 668 31.71 -20.37 9.45
N ASN A 669 32.01 -19.44 10.36
CA ASN A 669 32.19 -19.76 11.76
C ASN A 669 30.93 -20.43 12.33
N LEU A 670 29.79 -19.79 12.13
CA LEU A 670 28.50 -20.32 12.60
C LEU A 670 28.41 -21.79 12.24
N GLN A 671 28.58 -22.05 10.95
CA GLN A 671 28.54 -23.38 10.39
C GLN A 671 29.45 -24.38 11.12
N GLU A 672 30.72 -24.04 11.32
CA GLU A 672 31.67 -24.92 12.02
C GLU A 672 31.20 -25.22 13.43
N ASP A 673 30.96 -24.15 14.18
CA ASP A 673 30.55 -24.26 15.56
C ASP A 673 29.37 -25.19 15.75
N VAL A 674 28.36 -25.08 14.90
CA VAL A 674 27.22 -25.97 15.04
C VAL A 674 27.65 -27.40 14.74
N ILE A 675 28.21 -27.64 13.56
CA ILE A 675 28.66 -28.98 13.19
C ILE A 675 29.52 -29.58 14.31
N ALA A 676 30.41 -28.76 14.87
CA ALA A 676 31.27 -29.21 15.94
C ALA A 676 30.43 -29.82 17.05
N GLN A 677 29.38 -29.11 17.45
CA GLN A 677 28.50 -29.58 18.50
C GLN A 677 27.75 -30.87 18.12
N LEU A 678 27.27 -30.94 16.88
CA LEU A 678 26.55 -32.09 16.40
C LEU A 678 27.44 -33.34 16.51
N GLN A 679 28.71 -33.21 16.12
CA GLN A 679 29.65 -34.32 16.17
C GLN A 679 29.85 -34.90 17.56
N LYS A 680 29.99 -34.02 18.55
CA LYS A 680 30.19 -34.45 19.93
C LYS A 680 29.02 -35.35 20.33
N ILE A 681 27.82 -34.94 19.90
CA ILE A 681 26.59 -35.65 20.18
C ILE A 681 26.62 -36.94 19.39
N GLU A 682 26.88 -36.83 18.10
CA GLU A 682 26.91 -38.01 17.27
C GLU A 682 27.86 -39.03 17.87
N ALA A 683 28.90 -38.54 18.55
CA ALA A 683 29.90 -39.40 19.18
C ALA A 683 29.35 -40.12 20.40
N ALA A 684 28.95 -39.32 21.39
CA ALA A 684 28.36 -39.81 22.63
C ALA A 684 27.42 -40.97 22.36
N TYR A 685 26.60 -40.79 21.33
CA TYR A 685 25.64 -41.79 20.92
C TYR A 685 26.37 -43.03 20.43
N SER A 686 27.21 -42.85 19.42
CA SER A 686 27.96 -43.96 18.84
C SER A 686 28.78 -44.72 19.86
N ASN A 687 29.46 -43.99 20.73
CA ASN A 687 30.28 -44.61 21.74
C ASN A 687 29.44 -45.46 22.65
N LEU A 688 28.43 -44.87 23.27
CA LEU A 688 27.53 -45.61 24.17
C LEU A 688 27.04 -46.89 23.50
N LEU A 689 26.74 -46.80 22.21
CA LEU A 689 26.28 -47.95 21.46
C LEU A 689 27.39 -48.97 21.33
N ALA A 690 28.54 -48.52 20.88
CA ALA A 690 29.68 -49.39 20.70
C ALA A 690 30.05 -50.06 22.01
N TYR A 691 29.96 -49.33 23.12
CA TYR A 691 30.29 -49.95 24.38
C TYR A 691 29.44 -51.21 24.54
N TYR A 692 28.18 -51.12 24.15
CA TYR A 692 27.25 -52.24 24.24
C TYR A 692 27.69 -53.35 23.28
N SER A 693 28.33 -52.99 22.17
CA SER A 693 28.77 -53.99 21.19
C SER A 693 29.73 -54.98 21.83
N HIS A 694 30.44 -54.53 22.86
CA HIS A 694 31.41 -55.38 23.52
C HIS A 694 30.96 -55.88 24.89
N HIS A 695 29.65 -55.81 25.16
CA HIS A 695 29.12 -56.26 26.46
C HIS A 695 27.73 -56.87 26.35
N VAL B 2 -71.04 -34.94 9.10
CA VAL B 2 -71.60 -36.27 9.49
C VAL B 2 -70.58 -37.06 10.32
N ASN B 3 -70.78 -38.38 10.37
CA ASN B 3 -69.89 -39.28 11.10
C ASN B 3 -68.46 -39.22 10.55
N GLN B 4 -67.64 -38.37 11.15
CA GLN B 4 -66.26 -38.22 10.70
C GLN B 4 -65.35 -39.26 11.33
N VAL B 5 -64.96 -40.24 10.53
CA VAL B 5 -64.07 -41.30 11.00
C VAL B 5 -62.67 -40.72 11.22
N ALA B 6 -61.93 -41.31 12.14
CA ALA B 6 -60.58 -40.83 12.44
C ALA B 6 -59.60 -41.08 11.31
N THR B 7 -59.94 -41.97 10.38
CA THR B 7 -59.06 -42.22 9.24
C THR B 7 -59.13 -41.00 8.33
N ASP B 8 -60.22 -40.24 8.46
CA ASP B 8 -60.44 -39.02 7.68
C ASP B 8 -59.65 -37.91 8.33
N ARG B 9 -59.80 -37.79 9.64
CA ARG B 9 -59.09 -36.77 10.41
C ARG B 9 -57.60 -36.86 10.09
N PHE B 10 -57.06 -38.07 10.05
CA PHE B 10 -55.66 -38.26 9.75
C PHE B 10 -55.37 -37.68 8.36
N ILE B 11 -56.06 -38.17 7.33
CA ILE B 11 -55.82 -37.65 5.98
C ILE B 11 -56.03 -36.15 5.93
N GLN B 12 -56.98 -35.63 6.69
CA GLN B 12 -57.24 -34.20 6.72
C GLN B 12 -56.01 -33.46 7.23
N ASP B 13 -55.77 -33.56 8.53
CA ASP B 13 -54.61 -32.93 9.18
C ASP B 13 -53.38 -33.03 8.27
N LEU B 14 -53.04 -34.25 7.84
CA LEU B 14 -51.91 -34.45 6.97
C LEU B 14 -51.93 -33.49 5.80
N GLU B 15 -53.08 -33.43 5.14
CA GLU B 15 -53.27 -32.55 3.98
C GLU B 15 -53.00 -31.11 4.40
N ARG B 16 -53.67 -30.68 5.45
CA ARG B 16 -53.50 -29.35 5.99
C ARG B 16 -52.02 -28.99 6.12
N VAL B 17 -51.30 -29.80 6.89
CA VAL B 17 -49.87 -29.57 7.09
C VAL B 17 -49.21 -29.43 5.72
N ALA B 18 -49.42 -30.42 4.87
CA ALA B 18 -48.83 -30.41 3.55
C ALA B 18 -49.02 -29.07 2.84
N GLN B 19 -50.07 -28.35 3.22
CA GLN B 19 -50.33 -27.06 2.61
C GLN B 19 -49.45 -26.00 3.27
N VAL B 20 -49.47 -25.93 4.60
CA VAL B 20 -48.63 -24.96 5.29
C VAL B 20 -47.21 -25.16 4.79
N ARG B 21 -46.79 -26.41 4.77
CA ARG B 21 -45.46 -26.75 4.31
C ARG B 21 -45.24 -26.13 2.93
N SER B 22 -46.14 -26.42 2.01
CA SER B 22 -46.02 -25.90 0.66
C SER B 22 -46.01 -24.37 0.59
N GLU B 23 -46.94 -23.72 1.29
CA GLU B 23 -46.99 -22.27 1.26
C GLU B 23 -45.71 -21.63 1.78
N MET B 24 -45.14 -22.21 2.83
CA MET B 24 -43.89 -21.67 3.34
C MET B 24 -42.83 -21.84 2.27
N SER B 25 -42.79 -23.03 1.67
CA SER B 25 -41.79 -23.28 0.65
C SER B 25 -41.83 -22.15 -0.36
N VAL B 26 -43.04 -21.75 -0.71
CA VAL B 26 -43.26 -20.67 -1.67
C VAL B 26 -42.61 -19.38 -1.23
N CYS B 27 -43.02 -18.87 -0.08
CA CYS B 27 -42.46 -17.64 0.45
C CYS B 27 -40.96 -17.72 0.56
N LEU B 28 -40.45 -18.86 1.01
CA LEU B 28 -39.01 -19.07 1.15
C LEU B 28 -38.27 -18.79 -0.15
N ASN B 29 -38.78 -19.32 -1.25
CA ASN B 29 -38.13 -19.08 -2.53
C ASN B 29 -38.23 -17.60 -2.83
N LYS B 30 -39.45 -17.09 -2.80
CA LYS B 30 -39.71 -15.68 -3.05
C LYS B 30 -38.72 -14.87 -2.21
N LEU B 31 -38.55 -15.26 -0.96
CA LEU B 31 -37.64 -14.55 -0.08
C LEU B 31 -36.22 -14.64 -0.64
N ALA B 32 -35.81 -15.84 -1.03
CA ALA B 32 -34.48 -16.05 -1.57
C ALA B 32 -34.28 -15.27 -2.85
N GLU B 33 -35.25 -15.34 -3.75
CA GLU B 33 -35.20 -14.63 -5.03
C GLU B 33 -35.07 -13.12 -4.80
N THR B 34 -35.74 -12.63 -3.77
CA THR B 34 -35.69 -11.21 -3.45
C THR B 34 -34.34 -10.75 -2.93
N ILE B 35 -33.76 -11.48 -1.98
CA ILE B 35 -32.45 -11.12 -1.45
C ILE B 35 -31.46 -11.26 -2.58
N ASN B 36 -31.69 -12.23 -3.45
CA ASN B 36 -30.78 -12.46 -4.55
C ASN B 36 -30.78 -11.39 -5.63
N LYS B 37 -31.94 -11.00 -6.13
CA LYS B 37 -31.97 -9.97 -7.16
C LYS B 37 -31.31 -8.69 -6.67
N ALA B 38 -31.66 -8.30 -5.45
CA ALA B 38 -31.13 -7.10 -4.85
C ALA B 38 -29.62 -7.18 -4.72
N GLU B 39 -29.11 -8.35 -4.40
CA GLU B 39 -27.68 -8.53 -4.24
C GLU B 39 -26.91 -8.40 -5.55
N LEU B 40 -27.50 -8.85 -6.65
CA LEU B 40 -26.84 -8.74 -7.95
C LEU B 40 -26.77 -7.27 -8.36
N ALA B 41 -27.84 -6.53 -8.06
CA ALA B 41 -27.89 -5.10 -8.36
C ALA B 41 -26.85 -4.40 -7.51
N GLY B 42 -26.37 -5.12 -6.49
CA GLY B 42 -25.37 -4.57 -5.60
C GLY B 42 -24.12 -4.00 -6.23
N ASP B 43 -23.43 -4.80 -7.03
CA ASP B 43 -22.20 -4.30 -7.64
C ASP B 43 -22.40 -3.07 -8.51
N SER B 44 -23.53 -3.02 -9.21
CA SER B 44 -23.80 -1.86 -10.05
C SER B 44 -24.32 -0.67 -9.24
N SER B 45 -24.46 -0.86 -7.93
CA SER B 45 -24.95 0.18 -7.04
C SER B 45 -24.00 0.39 -5.88
N SER B 46 -24.55 0.69 -4.71
CA SER B 46 -23.73 0.90 -3.53
C SER B 46 -23.14 -0.39 -2.98
N GLY B 47 -22.91 -1.37 -3.86
CA GLY B 47 -22.31 -2.63 -3.44
C GLY B 47 -23.21 -3.65 -2.79
N LYS B 48 -22.75 -4.90 -2.73
CA LYS B 48 -23.53 -5.98 -2.12
C LYS B 48 -23.69 -5.79 -0.62
N LEU B 49 -24.68 -6.47 -0.05
CA LEU B 49 -24.92 -6.39 1.38
C LEU B 49 -24.26 -7.61 2.01
N SER B 50 -23.89 -8.55 1.16
CA SER B 50 -23.24 -9.80 1.55
C SER B 50 -24.21 -10.66 2.33
N LEU B 51 -25.32 -11.02 1.68
CA LEU B 51 -26.35 -11.84 2.28
C LEU B 51 -26.39 -13.24 1.66
N GLU B 52 -25.26 -13.69 1.11
CA GLU B 52 -25.20 -14.98 0.44
C GLU B 52 -25.45 -16.19 1.33
N ARG B 53 -25.02 -16.11 2.59
CA ARG B 53 -25.21 -17.21 3.51
C ARG B 53 -26.72 -17.42 3.73
N ASP B 54 -27.48 -16.34 3.80
CA ASP B 54 -28.91 -16.46 4.01
C ASP B 54 -29.61 -16.98 2.76
N ILE B 55 -29.17 -16.49 1.61
CA ILE B 55 -29.76 -16.96 0.38
C ILE B 55 -29.61 -18.48 0.36
N GLU B 56 -28.38 -18.96 0.49
CA GLU B 56 -28.14 -20.40 0.49
C GLU B 56 -29.04 -21.08 1.50
N ASP B 57 -28.82 -20.81 2.79
CA ASP B 57 -29.62 -21.41 3.85
C ASP B 57 -31.11 -21.43 3.55
N ILE B 58 -31.65 -20.28 3.15
CA ILE B 58 -33.08 -20.21 2.85
C ILE B 58 -33.46 -21.10 1.68
N THR B 59 -32.57 -21.20 0.70
CA THR B 59 -32.83 -22.04 -0.46
C THR B 59 -32.87 -23.54 -0.10
N ILE B 60 -31.91 -24.00 0.69
CA ILE B 60 -31.89 -25.39 1.11
C ILE B 60 -33.18 -25.65 1.89
N ALA B 61 -33.46 -24.78 2.86
CA ALA B 61 -34.66 -24.89 3.69
C ALA B 61 -35.89 -25.12 2.84
N SER B 62 -36.01 -24.41 1.73
CA SER B 62 -37.17 -24.58 0.88
C SER B 62 -37.13 -25.95 0.21
N LYS B 63 -36.03 -26.26 -0.46
CA LYS B 63 -35.90 -27.56 -1.12
C LYS B 63 -36.19 -28.66 -0.13
N ASN B 64 -35.82 -28.48 1.14
CA ASN B 64 -36.10 -29.50 2.12
C ASN B 64 -37.58 -29.63 2.35
N LEU B 65 -38.25 -28.49 2.40
CA LEU B 65 -39.69 -28.47 2.65
C LEU B 65 -40.56 -29.21 1.64
N GLN B 66 -40.13 -29.25 0.39
CA GLN B 66 -40.90 -29.95 -0.62
C GLN B 66 -40.71 -31.47 -0.47
N GLN B 67 -39.47 -31.89 -0.32
CA GLN B 67 -39.14 -33.31 -0.15
C GLN B 67 -39.57 -33.79 1.24
N GLY B 68 -40.33 -32.96 1.94
CA GLY B 68 -40.77 -33.33 3.28
C GLY B 68 -41.73 -34.49 3.31
N VAL B 69 -42.36 -37.48 1.99
CA VAL B 69 -41.54 -38.41 2.76
C VAL B 69 -40.78 -37.69 3.88
N PHE B 70 -40.46 -38.40 4.97
CA PHE B 70 -39.72 -37.80 6.08
C PHE B 70 -38.24 -38.10 5.87
N ARG B 71 -37.42 -37.06 5.75
CA ARG B 71 -36.00 -37.24 5.53
C ARG B 71 -35.23 -37.04 6.83
N LEU B 72 -34.37 -38.00 7.12
CA LEU B 72 -33.56 -37.98 8.33
C LEU B 72 -32.08 -37.98 7.98
N LEU B 73 -31.33 -37.01 8.51
CA LEU B 73 -29.90 -36.92 8.25
C LEU B 73 -29.18 -37.54 9.44
N VAL B 74 -28.50 -38.65 9.21
CA VAL B 74 -27.80 -39.35 10.28
C VAL B 74 -26.31 -39.03 10.30
N LEU B 75 -25.93 -38.14 11.21
CA LEU B 75 -24.55 -37.73 11.33
C LEU B 75 -23.83 -38.51 12.42
N GLY B 76 -22.51 -38.51 12.37
CA GLY B 76 -21.73 -39.22 13.36
C GLY B 76 -20.27 -39.36 12.99
N ASP B 77 -19.41 -39.36 14.00
CA ASP B 77 -17.98 -39.49 13.79
C ASP B 77 -17.57 -40.90 13.41
N MET B 78 -16.27 -41.16 13.39
CA MET B 78 -15.75 -42.46 13.02
C MET B 78 -15.99 -43.49 14.11
N LYS B 79 -16.47 -44.66 13.69
CA LYS B 79 -16.71 -45.77 14.61
C LYS B 79 -17.49 -45.41 15.88
N ARG B 80 -18.68 -44.82 15.73
CA ARG B 80 -19.46 -44.46 16.91
C ARG B 80 -20.61 -45.43 17.04
N GLY B 81 -21.04 -45.98 15.90
CA GLY B 81 -22.13 -46.93 15.91
C GLY B 81 -23.20 -46.59 14.90
N LYS B 82 -23.02 -45.50 14.17
CA LYS B 82 -23.97 -45.05 13.17
C LYS B 82 -24.53 -46.24 12.39
N SER B 83 -23.61 -47.08 11.94
CA SER B 83 -23.92 -48.28 11.18
C SER B 83 -24.80 -49.23 11.98
N THR B 84 -24.27 -49.72 13.09
CA THR B 84 -25.03 -50.62 13.93
C THR B 84 -26.35 -49.98 14.37
N PHE B 85 -26.30 -48.69 14.67
CA PHE B 85 -27.48 -47.91 15.08
C PHE B 85 -28.57 -48.04 14.04
N LEU B 86 -28.27 -47.67 12.80
CA LEU B 86 -29.25 -47.73 11.73
C LEU B 86 -29.85 -49.14 11.58
N ASN B 87 -28.98 -50.14 11.52
CA ASN B 87 -29.44 -51.50 11.39
C ASN B 87 -30.48 -51.78 12.47
N ALA B 88 -30.15 -51.41 13.71
CA ALA B 88 -31.07 -51.62 14.81
C ALA B 88 -32.36 -50.87 14.55
N LEU B 89 -32.24 -49.62 14.14
CA LEU B 89 -33.42 -48.80 13.88
C LEU B 89 -34.36 -49.49 12.89
N ILE B 90 -33.85 -49.76 11.69
CA ILE B 90 -34.67 -50.41 10.67
C ILE B 90 -34.66 -51.94 10.77
N GLY B 91 -34.39 -52.47 11.95
CA GLY B 91 -34.40 -53.91 12.18
C GLY B 91 -33.78 -54.90 11.21
N GLU B 92 -32.63 -54.56 10.64
CA GLU B 92 -31.93 -55.45 9.70
C GLU B 92 -30.43 -55.31 9.93
N ASN B 93 -29.65 -56.28 9.46
CA ASN B 93 -28.19 -56.19 9.58
C ASN B 93 -27.67 -55.83 8.20
N LEU B 94 -28.18 -54.70 7.71
CA LEU B 94 -27.86 -54.18 6.39
C LEU B 94 -26.47 -53.55 6.25
N LEU B 95 -26.27 -52.37 6.82
CA LEU B 95 -24.97 -51.72 6.72
C LEU B 95 -23.87 -52.57 7.37
N PRO B 96 -22.67 -52.59 6.77
CA PRO B 96 -21.49 -53.35 7.19
C PRO B 96 -20.80 -52.87 8.48
N SER B 97 -20.90 -53.67 9.53
CA SER B 97 -20.29 -53.34 10.82
C SER B 97 -18.82 -53.74 10.87
N THR B 103 -18.82 -47.83 4.51
CA THR B 103 -19.69 -46.80 3.92
C THR B 103 -18.93 -45.49 3.88
N ALA B 104 -18.06 -45.33 2.89
CA ALA B 104 -17.25 -44.14 2.76
C ALA B 104 -17.81 -43.22 1.70
N VAL B 105 -19.09 -42.89 1.83
CA VAL B 105 -19.70 -42.03 0.85
C VAL B 105 -21.17 -41.79 1.20
N LEU B 106 -21.58 -40.53 1.16
CA LEU B 106 -22.96 -40.17 1.44
C LEU B 106 -23.85 -41.22 0.79
N THR B 107 -24.72 -41.85 1.58
CA THR B 107 -25.63 -42.86 1.06
C THR B 107 -27.06 -42.51 1.44
N VAL B 108 -27.92 -42.45 0.43
CA VAL B 108 -29.32 -42.15 0.62
C VAL B 108 -30.07 -43.46 0.59
N LEU B 109 -30.66 -43.83 1.72
CA LEU B 109 -31.38 -45.10 1.85
C LEU B 109 -32.86 -44.87 1.66
N ARG B 110 -33.43 -45.35 0.55
CA ARG B 110 -34.86 -45.16 0.32
C ARG B 110 -35.60 -46.44 -0.06
N TYR B 111 -36.92 -46.42 0.07
CA TYR B 111 -37.71 -47.59 -0.27
C TYR B 111 -37.61 -47.94 -1.76
N GLY B 112 -37.62 -49.24 -2.03
CA GLY B 112 -37.52 -49.72 -3.39
C GLY B 112 -37.95 -51.17 -3.43
N PRO B 113 -38.45 -51.64 -4.59
CA PRO B 113 -38.90 -53.02 -4.75
C PRO B 113 -37.75 -54.01 -4.74
N GLU B 114 -36.75 -53.74 -5.58
CA GLU B 114 -35.57 -54.60 -5.67
C GLU B 114 -34.34 -53.95 -5.06
N LYS B 115 -33.46 -54.76 -4.48
CA LYS B 115 -32.25 -54.23 -3.88
C LYS B 115 -31.35 -53.70 -4.98
N LYS B 116 -31.34 -52.39 -5.15
CA LYS B 116 -30.56 -51.72 -6.18
C LYS B 116 -29.66 -50.64 -5.57
N VAL B 117 -28.70 -50.13 -6.33
CA VAL B 117 -27.78 -49.10 -5.84
C VAL B 117 -27.19 -48.23 -6.95
N THR B 118 -27.80 -47.09 -7.25
CA THR B 118 -27.27 -46.21 -8.28
C THR B 118 -26.41 -45.14 -7.62
N ILE B 119 -25.32 -44.73 -8.28
CA ILE B 119 -24.44 -43.72 -7.69
C ILE B 119 -24.18 -42.49 -8.58
N HIS B 120 -24.52 -41.32 -8.07
CA HIS B 120 -24.38 -40.05 -8.79
C HIS B 120 -23.03 -39.38 -8.58
N PHE B 121 -22.34 -39.09 -9.69
CA PHE B 121 -21.02 -38.47 -9.66
C PHE B 121 -21.01 -36.95 -9.76
N ASN B 122 -19.81 -36.36 -9.77
CA ASN B 122 -19.64 -34.91 -9.86
C ASN B 122 -18.50 -34.56 -10.82
N ASP B 123 -17.63 -35.53 -11.06
CA ASP B 123 -16.50 -35.33 -11.95
C ASP B 123 -16.98 -35.38 -13.40
N GLY B 124 -18.28 -35.56 -13.58
CA GLY B 124 -18.87 -35.62 -14.91
C GLY B 124 -19.67 -36.87 -15.17
N LYS B 125 -19.02 -38.03 -15.04
CA LYS B 125 -19.65 -39.33 -15.28
C LYS B 125 -21.17 -39.33 -15.09
N SER B 126 -21.88 -39.98 -16.00
CA SER B 126 -23.32 -40.05 -15.89
C SER B 126 -23.70 -41.08 -14.82
N PRO B 127 -24.75 -40.78 -14.03
CA PRO B 127 -25.24 -41.65 -12.95
C PRO B 127 -25.14 -43.14 -13.27
N GLN B 128 -24.08 -43.76 -12.77
CA GLN B 128 -23.82 -45.17 -12.98
C GLN B 128 -24.91 -46.11 -12.45
N GLN B 129 -24.51 -47.25 -11.91
CA GLN B 129 -25.43 -48.26 -11.41
C GLN B 129 -24.63 -49.47 -10.95
N LEU B 130 -25.12 -50.19 -9.95
CA LEU B 130 -24.44 -51.37 -9.42
C LEU B 130 -25.41 -52.26 -8.62
N ASP B 131 -24.84 -53.18 -7.86
CA ASP B 131 -25.61 -54.09 -7.01
C ASP B 131 -24.93 -54.04 -5.64
N PHE B 132 -25.72 -53.92 -4.58
CA PHE B 132 -25.17 -53.83 -3.24
C PHE B 132 -24.03 -54.83 -3.00
N GLN B 133 -24.13 -55.98 -3.65
CA GLN B 133 -23.10 -57.01 -3.51
C GLN B 133 -21.72 -56.44 -3.89
N ASN B 134 -21.63 -55.90 -5.09
CA ASN B 134 -20.37 -55.32 -5.59
C ASN B 134 -20.13 -53.94 -4.99
N PHE B 135 -21.19 -53.16 -4.84
CA PHE B 135 -21.11 -51.80 -4.28
C PHE B 135 -20.47 -51.79 -2.89
N LYS B 136 -20.82 -52.79 -2.08
CA LYS B 136 -20.30 -52.93 -0.72
C LYS B 136 -18.77 -53.04 -0.71
N TYR B 137 -18.23 -53.62 -1.78
CA TYR B 137 -16.79 -53.82 -1.94
C TYR B 137 -16.06 -52.68 -2.64
N LYS B 138 -16.72 -52.08 -3.63
CA LYS B 138 -16.12 -50.97 -4.40
C LYS B 138 -16.06 -49.63 -3.64
N TYR B 139 -16.96 -49.42 -2.70
CA TYR B 139 -17.02 -48.18 -1.94
C TYR B 139 -17.01 -48.33 -0.43
N THR B 140 -15.83 -48.60 0.12
CA THR B 140 -15.63 -48.75 1.57
C THR B 140 -14.14 -48.54 1.81
N ILE B 141 -13.74 -48.38 3.07
CA ILE B 141 -12.32 -48.16 3.36
C ILE B 141 -11.87 -48.85 4.66
N ASP B 142 -10.77 -49.59 4.59
CA ASP B 142 -10.23 -50.29 5.76
C ASP B 142 -9.92 -49.24 6.82
N PRO B 143 -9.99 -49.62 8.10
CA PRO B 143 -9.70 -48.65 9.16
C PRO B 143 -8.28 -48.10 9.01
N ALA B 144 -7.49 -48.77 8.17
CA ALA B 144 -6.11 -48.39 7.92
C ALA B 144 -6.01 -47.28 6.88
N GLU B 145 -6.31 -47.60 5.63
CA GLU B 145 -6.23 -46.64 4.54
C GLU B 145 -7.33 -45.57 4.63
N ALA B 146 -7.97 -45.49 5.80
CA ALA B 146 -9.03 -44.51 6.03
C ALA B 146 -8.50 -43.48 7.01
N LYS B 147 -7.59 -43.90 7.88
CA LYS B 147 -6.98 -43.01 8.84
C LYS B 147 -5.86 -42.28 8.09
N LYS B 148 -5.49 -42.84 6.95
CA LYS B 148 -4.45 -42.29 6.08
C LYS B 148 -5.01 -41.07 5.35
N LEU B 149 -6.21 -41.22 4.79
CA LEU B 149 -6.87 -40.13 4.08
C LEU B 149 -7.45 -39.18 5.11
N GLU B 150 -6.95 -39.28 6.33
CA GLU B 150 -7.41 -38.46 7.44
C GLU B 150 -6.28 -37.52 7.86
N GLN B 151 -5.05 -38.01 7.73
CA GLN B 151 -3.86 -37.25 8.09
C GLN B 151 -3.70 -36.03 7.17
N GLU B 152 -4.40 -36.06 6.04
CA GLU B 152 -4.34 -34.98 5.07
C GLU B 152 -5.69 -34.30 4.89
N LYS B 153 -6.65 -34.72 5.70
CA LYS B 153 -8.00 -34.17 5.67
C LYS B 153 -8.61 -34.15 4.26
N LYS B 154 -8.40 -35.24 3.52
CA LYS B 154 -8.92 -35.37 2.16
C LYS B 154 -10.16 -36.27 2.11
N GLN B 155 -10.87 -36.22 0.98
CA GLN B 155 -12.09 -37.01 0.78
C GLN B 155 -11.79 -38.35 0.11
N ALA B 156 -12.48 -39.40 0.56
CA ALA B 156 -12.26 -40.76 0.03
C ALA B 156 -12.38 -40.85 -1.50
N PHE B 157 -13.60 -40.64 -2.01
CA PHE B 157 -13.84 -40.68 -3.44
C PHE B 157 -14.49 -39.38 -3.87
N PRO B 158 -13.68 -38.37 -4.23
CA PRO B 158 -14.21 -37.08 -4.66
C PRO B 158 -14.90 -37.10 -6.03
N ASP B 159 -14.93 -38.28 -6.65
CA ASP B 159 -15.57 -38.42 -7.95
C ASP B 159 -17.05 -38.72 -7.75
N VAL B 160 -17.43 -38.97 -6.49
CA VAL B 160 -18.82 -39.29 -6.14
C VAL B 160 -19.48 -38.20 -5.33
N ASP B 161 -20.74 -37.93 -5.63
CA ASP B 161 -21.50 -36.91 -4.91
C ASP B 161 -22.29 -37.61 -3.82
N TYR B 162 -22.81 -38.79 -4.16
CA TYR B 162 -23.59 -39.60 -3.25
C TYR B 162 -24.10 -40.84 -3.97
N ALA B 163 -24.53 -41.82 -3.20
CA ALA B 163 -25.05 -43.06 -3.74
C ALA B 163 -26.42 -43.34 -3.14
N VAL B 164 -27.34 -43.84 -3.93
CA VAL B 164 -28.67 -44.14 -3.43
C VAL B 164 -28.85 -45.64 -3.28
N VAL B 165 -29.58 -46.06 -2.25
CA VAL B 165 -29.79 -47.47 -2.02
C VAL B 165 -31.25 -47.82 -1.78
N GLU B 166 -31.89 -48.41 -2.80
CA GLU B 166 -33.28 -48.83 -2.71
C GLU B 166 -33.28 -50.19 -2.07
N TYR B 167 -34.21 -50.45 -1.16
CA TYR B 167 -34.24 -51.72 -0.47
C TYR B 167 -35.63 -51.96 0.08
N PRO B 168 -36.07 -53.23 0.15
CA PRO B 168 -37.40 -53.53 0.68
C PRO B 168 -37.47 -53.46 2.20
N LEU B 169 -37.59 -52.24 2.73
CA LEU B 169 -37.68 -52.06 4.17
C LEU B 169 -38.99 -51.36 4.50
N THR B 170 -39.91 -52.10 5.10
CA THR B 170 -41.21 -51.55 5.44
C THR B 170 -41.17 -50.12 6.04
N LEU B 171 -40.14 -49.79 6.81
CA LEU B 171 -40.04 -48.45 7.38
C LEU B 171 -39.96 -47.41 6.25
N LEU B 172 -39.09 -47.65 5.28
CA LEU B 172 -38.94 -46.73 4.16
C LEU B 172 -40.24 -46.65 3.35
N GLN B 173 -40.96 -47.76 3.32
CA GLN B 173 -42.22 -47.85 2.60
C GLN B 173 -43.18 -46.80 3.16
N LYS B 174 -43.37 -46.83 4.48
CA LYS B 174 -44.28 -45.91 5.15
C LYS B 174 -43.88 -44.45 5.04
N GLY B 175 -42.83 -44.16 4.28
CA GLY B 175 -42.41 -42.78 4.07
C GLY B 175 -41.23 -42.24 4.87
N ILE B 176 -40.11 -42.95 4.84
CA ILE B 176 -38.91 -42.52 5.56
C ILE B 176 -37.69 -42.64 4.67
N GLU B 177 -36.89 -41.59 4.62
CA GLU B 177 -35.67 -41.64 3.82
C GLU B 177 -34.52 -41.39 4.77
N ILE B 178 -33.42 -42.09 4.58
CA ILE B 178 -32.30 -41.90 5.46
C ILE B 178 -31.07 -41.48 4.70
N VAL B 179 -30.39 -40.45 5.21
CA VAL B 179 -29.16 -39.96 4.62
C VAL B 179 -28.09 -40.23 5.65
N ASP B 180 -27.22 -41.19 5.36
CA ASP B 180 -26.15 -41.61 6.24
C ASP B 180 -24.82 -40.92 5.84
N SER B 181 -24.42 -39.90 6.59
CA SER B 181 -23.18 -39.17 6.31
C SER B 181 -21.98 -39.94 6.86
N PRO B 182 -20.94 -40.12 6.04
CA PRO B 182 -19.72 -40.84 6.39
C PRO B 182 -18.77 -40.21 7.39
N GLY B 183 -18.93 -38.92 7.68
CA GLY B 183 -18.03 -38.33 8.63
C GLY B 183 -18.32 -36.88 8.97
N LEU B 184 -17.63 -36.40 9.98
CA LEU B 184 -17.81 -35.04 10.44
C LEU B 184 -16.84 -34.01 9.86
N ASN B 185 -15.88 -34.47 9.06
CA ASN B 185 -14.89 -33.56 8.49
C ASN B 185 -15.56 -32.45 7.69
N ASP B 186 -14.80 -31.38 7.44
CA ASP B 186 -15.32 -30.21 6.72
C ASP B 186 -15.61 -30.34 5.24
N THR B 187 -14.86 -31.19 4.54
CA THR B 187 -15.10 -31.35 3.12
C THR B 187 -16.45 -32.02 2.90
N GLU B 188 -16.69 -33.10 3.64
CA GLU B 188 -17.95 -33.84 3.57
C GLU B 188 -19.08 -32.93 4.04
N ALA B 189 -18.75 -32.05 4.98
CA ALA B 189 -19.70 -31.10 5.53
C ALA B 189 -20.26 -30.25 4.40
N ARG B 190 -19.41 -29.50 3.72
CA ARG B 190 -19.85 -28.65 2.62
C ARG B 190 -20.68 -29.40 1.59
N ASN B 191 -20.17 -30.54 1.14
CA ASN B 191 -20.88 -31.35 0.16
C ASN B 191 -22.35 -31.46 0.57
N GLU B 192 -22.59 -31.95 1.80
CA GLU B 192 -23.94 -32.10 2.35
C GLU B 192 -24.69 -30.78 2.35
N LEU B 193 -24.01 -29.72 2.74
CA LEU B 193 -24.62 -28.40 2.77
C LEU B 193 -24.99 -27.97 1.35
N SER B 194 -24.06 -28.20 0.42
CA SER B 194 -24.27 -27.85 -0.98
C SER B 194 -25.37 -28.64 -1.68
N LEU B 195 -25.51 -29.91 -1.31
CA LEU B 195 -26.54 -30.76 -1.89
C LEU B 195 -27.88 -30.52 -1.21
N GLY B 196 -27.86 -29.70 -0.16
CA GLY B 196 -29.08 -29.39 0.58
C GLY B 196 -29.13 -30.06 1.95
N TYR B 197 -29.40 -31.35 1.93
CA TYR B 197 -29.49 -32.20 3.13
C TYR B 197 -29.56 -31.51 4.50
N VAL B 198 -28.45 -30.95 4.97
CA VAL B 198 -28.46 -30.32 6.29
C VAL B 198 -29.64 -29.37 6.46
N ASN B 199 -30.22 -28.94 5.34
CA ASN B 199 -31.36 -28.03 5.41
C ASN B 199 -32.55 -28.54 4.60
N ASN B 200 -32.54 -29.81 4.27
CA ASN B 200 -33.62 -30.42 3.52
C ASN B 200 -34.04 -31.73 4.13
N CYS B 201 -34.09 -31.77 5.44
CA CYS B 201 -34.48 -32.97 6.14
C CYS B 201 -35.25 -32.55 7.38
N HIS B 202 -36.24 -33.34 7.76
CA HIS B 202 -37.06 -32.99 8.92
C HIS B 202 -36.33 -33.11 10.25
N ALA B 203 -35.34 -33.98 10.33
CA ALA B 203 -34.62 -34.12 11.59
C ALA B 203 -33.21 -34.64 11.42
N ILE B 204 -32.34 -34.33 12.39
CA ILE B 204 -30.98 -34.82 12.35
C ILE B 204 -30.71 -35.82 13.47
N LEU B 205 -30.14 -36.97 13.11
CA LEU B 205 -29.80 -37.99 14.09
C LEU B 205 -28.29 -37.96 14.17
N PHE B 206 -27.76 -37.37 15.24
CA PHE B 206 -26.31 -37.19 15.47
C PHE B 206 -25.76 -38.24 16.44
N VAL B 207 -25.32 -39.38 15.91
CA VAL B 207 -24.81 -40.43 16.77
C VAL B 207 -23.50 -40.12 17.47
N MET B 208 -23.52 -40.22 18.78
CA MET B 208 -22.32 -39.99 19.56
C MET B 208 -22.05 -41.26 20.35
N ARG B 209 -20.92 -41.32 21.04
CA ARG B 209 -20.55 -42.50 21.83
C ARG B 209 -20.13 -42.15 23.26
N ALA B 210 -20.54 -42.98 24.22
CA ALA B 210 -20.19 -42.73 25.60
C ALA B 210 -18.70 -42.74 25.90
N SER B 211 -17.94 -43.55 25.16
CA SER B 211 -16.50 -43.66 25.35
C SER B 211 -15.77 -42.47 24.74
N GLN B 212 -16.51 -41.54 24.15
CA GLN B 212 -15.88 -40.38 23.54
C GLN B 212 -16.86 -39.25 23.60
N PRO B 213 -17.08 -38.73 24.82
CA PRO B 213 -17.99 -37.63 25.15
C PRO B 213 -17.68 -36.33 24.45
N CYS B 214 -18.60 -35.87 23.60
CA CYS B 214 -18.45 -34.60 22.90
C CYS B 214 -17.01 -34.29 22.49
N THR B 215 -16.50 -35.07 21.54
CA THR B 215 -15.16 -34.88 21.02
C THR B 215 -14.99 -33.43 20.58
N LEU B 216 -13.74 -33.03 20.32
CA LEU B 216 -13.46 -31.68 19.85
C LEU B 216 -14.12 -31.67 18.46
N GLY B 217 -13.94 -32.77 17.74
CA GLY B 217 -14.50 -32.86 16.41
C GLY B 217 -15.99 -32.61 16.37
N GLU B 218 -16.68 -33.20 17.33
CA GLU B 218 -18.11 -33.05 17.40
C GLU B 218 -18.43 -31.63 17.79
N ARG B 219 -18.01 -31.23 18.99
CA ARG B 219 -18.27 -29.88 19.47
C ARG B 219 -18.05 -28.82 18.40
N ARG B 220 -17.03 -29.02 17.56
CA ARG B 220 -16.73 -28.06 16.50
C ARG B 220 -17.85 -28.05 15.46
N TYR B 221 -18.17 -29.24 14.94
CA TYR B 221 -19.20 -29.42 13.93
C TYR B 221 -20.47 -28.75 14.41
N LEU B 222 -20.93 -29.14 15.59
CA LEU B 222 -22.14 -28.58 16.15
C LEU B 222 -22.16 -27.06 16.05
N GLU B 223 -21.05 -26.42 16.39
CA GLU B 223 -21.00 -24.97 16.32
C GLU B 223 -21.02 -24.43 14.90
N ASN B 224 -20.19 -24.99 14.03
CA ASN B 224 -20.14 -24.52 12.66
C ASN B 224 -21.36 -24.81 11.79
N TYR B 225 -22.09 -25.88 12.09
CA TYR B 225 -23.21 -26.22 11.23
C TYR B 225 -24.61 -26.33 11.84
N ILE B 226 -24.70 -26.45 13.15
CA ILE B 226 -26.00 -26.63 13.79
C ILE B 226 -26.45 -25.50 14.72
N LYS B 227 -25.54 -25.00 15.53
CA LYS B 227 -25.83 -23.92 16.49
C LYS B 227 -26.62 -22.76 15.93
N GLY B 228 -27.72 -22.44 16.60
CA GLY B 228 -28.56 -21.32 16.19
C GLY B 228 -28.99 -21.31 14.75
N ARG B 229 -29.15 -22.48 14.15
CA ARG B 229 -29.58 -22.56 12.76
C ARG B 229 -31.03 -23.02 12.72
N GLY B 230 -31.62 -23.18 13.90
CA GLY B 230 -33.00 -23.62 13.97
C GLY B 230 -33.22 -24.99 13.35
N LEU B 231 -32.46 -25.99 13.78
CA LEU B 231 -32.63 -27.36 13.26
C LEU B 231 -33.04 -28.29 14.39
N THR B 232 -33.73 -29.38 14.07
CA THR B 232 -34.11 -30.33 15.10
C THR B 232 -33.12 -31.48 15.04
N VAL B 233 -32.35 -31.65 16.10
CA VAL B 233 -31.40 -32.72 16.12
C VAL B 233 -31.51 -33.51 17.42
N PHE B 234 -31.58 -34.84 17.30
CA PHE B 234 -31.64 -35.72 18.46
C PHE B 234 -30.24 -36.27 18.68
N PHE B 235 -29.72 -36.13 19.89
CA PHE B 235 -28.40 -36.67 20.15
C PHE B 235 -28.56 -38.06 20.75
N LEU B 236 -27.96 -39.03 20.09
CA LEU B 236 -28.02 -40.41 20.52
C LEU B 236 -26.67 -40.82 21.07
N VAL B 237 -26.60 -40.91 22.39
CA VAL B 237 -25.37 -41.29 23.04
C VAL B 237 -25.35 -42.79 22.93
N ASN B 238 -24.58 -43.30 21.96
CA ASN B 238 -24.52 -44.74 21.71
C ASN B 238 -23.53 -45.50 22.58
N ALA B 239 -23.64 -46.83 22.54
CA ALA B 239 -22.79 -47.72 23.31
C ALA B 239 -22.83 -47.38 24.79
N TRP B 240 -24.03 -47.05 25.27
CA TRP B 240 -24.20 -46.69 26.66
C TRP B 240 -23.90 -47.87 27.56
N ASP B 241 -24.06 -49.07 27.04
CA ASP B 241 -23.81 -50.26 27.83
C ASP B 241 -22.37 -50.37 28.32
N GLN B 242 -21.44 -49.81 27.57
CA GLN B 242 -20.03 -49.90 27.93
C GLN B 242 -19.64 -49.21 29.25
N VAL B 243 -20.44 -48.24 29.67
CA VAL B 243 -20.11 -47.52 30.86
C VAL B 243 -19.88 -48.41 32.05
N ARG B 244 -20.65 -49.48 32.17
CA ARG B 244 -20.46 -50.30 33.35
C ARG B 244 -19.33 -51.29 33.31
N GLU B 245 -18.74 -51.52 32.14
CA GLU B 245 -17.66 -52.50 32.07
C GLU B 245 -16.35 -51.90 32.56
N SER B 246 -16.47 -50.87 33.39
CA SER B 246 -15.29 -50.18 33.89
C SER B 246 -15.42 -49.80 35.36
N LEU B 247 -16.48 -50.28 36.00
CA LEU B 247 -16.72 -49.99 37.40
C LEU B 247 -15.99 -50.98 38.31
N ILE B 248 -15.76 -50.60 39.56
CA ILE B 248 -15.12 -51.52 40.50
C ILE B 248 -15.94 -52.79 40.39
N ASP B 249 -17.25 -52.62 40.52
CA ASP B 249 -18.18 -53.72 40.43
C ASP B 249 -19.19 -53.39 39.35
N PRO B 250 -19.08 -54.03 38.19
CA PRO B 250 -19.99 -53.80 37.05
C PRO B 250 -21.43 -54.19 37.33
N ASP B 251 -21.69 -54.72 38.53
CA ASP B 251 -23.01 -55.16 38.91
C ASP B 251 -23.57 -54.45 40.13
N ASP B 252 -23.26 -53.16 40.22
CA ASP B 252 -23.68 -52.31 41.31
C ASP B 252 -24.38 -51.09 40.72
N VAL B 253 -25.71 -51.18 40.57
CA VAL B 253 -26.52 -50.10 39.98
C VAL B 253 -26.24 -48.74 40.59
N GLU B 254 -25.88 -48.72 41.87
CA GLU B 254 -25.61 -47.44 42.50
C GLU B 254 -24.31 -46.88 41.92
N GLU B 255 -23.21 -47.64 41.99
CA GLU B 255 -21.95 -47.12 41.42
C GLU B 255 -22.16 -46.74 39.96
N LEU B 256 -22.77 -47.66 39.21
CA LEU B 256 -23.05 -47.42 37.79
C LEU B 256 -23.67 -46.06 37.61
N GLN B 257 -24.84 -45.89 38.23
CA GLN B 257 -25.58 -44.65 38.19
C GLN B 257 -24.67 -43.45 38.39
N ALA B 258 -23.77 -43.54 39.38
CA ALA B 258 -22.85 -42.46 39.67
C ALA B 258 -21.87 -42.15 38.52
N SER B 259 -21.41 -43.19 37.81
CA SER B 259 -20.50 -42.96 36.70
C SER B 259 -21.33 -42.36 35.60
N GLU B 260 -22.48 -42.99 35.30
CA GLU B 260 -23.37 -42.47 34.27
C GLU B 260 -23.60 -40.97 34.54
N ASN B 261 -23.82 -40.63 35.80
CA ASN B 261 -24.04 -39.24 36.15
C ASN B 261 -22.84 -38.38 35.79
N ARG B 262 -21.65 -38.86 36.11
CA ARG B 262 -20.44 -38.12 35.79
C ARG B 262 -20.47 -37.79 34.30
N LEU B 263 -20.82 -38.81 33.52
CA LEU B 263 -20.90 -38.71 32.07
C LEU B 263 -22.04 -37.82 31.61
N ARG B 264 -23.18 -37.95 32.28
CA ARG B 264 -24.37 -37.18 31.92
C ARG B 264 -24.18 -35.68 32.06
N GLN B 265 -23.42 -35.23 33.06
CA GLN B 265 -23.23 -33.80 33.22
C GLN B 265 -22.34 -33.25 32.13
N VAL B 266 -21.63 -34.14 31.43
CA VAL B 266 -20.76 -33.70 30.35
C VAL B 266 -21.62 -33.41 29.11
N PHE B 267 -22.50 -34.34 28.77
CA PHE B 267 -23.35 -34.16 27.60
C PHE B 267 -24.30 -32.99 27.78
N ASN B 268 -24.88 -32.88 28.97
CA ASN B 268 -25.79 -31.80 29.23
C ASN B 268 -25.06 -30.47 29.07
N ALA B 269 -23.89 -30.37 29.67
CA ALA B 269 -23.09 -29.16 29.58
C ALA B 269 -22.87 -28.72 28.14
N ASN B 270 -22.69 -29.69 27.24
CA ASN B 270 -22.46 -29.41 25.83
C ASN B 270 -23.65 -29.47 24.91
N LEU B 271 -24.72 -30.13 25.31
CA LEU B 271 -25.86 -30.25 24.42
C LEU B 271 -27.12 -29.50 24.81
N ALA B 272 -27.22 -29.14 26.10
CA ALA B 272 -28.38 -28.40 26.59
C ALA B 272 -28.70 -27.30 25.60
N GLU B 273 -27.67 -26.51 25.34
CA GLU B 273 -27.76 -25.41 24.42
C GLU B 273 -28.53 -25.72 23.14
N TYR B 274 -28.48 -26.98 22.69
CA TYR B 274 -29.16 -27.38 21.46
C TYR B 274 -30.51 -28.09 21.65
N CYS B 275 -31.06 -28.03 22.85
CA CYS B 275 -32.32 -28.69 23.08
C CYS B 275 -33.32 -27.77 23.75
N THR B 276 -33.67 -26.70 23.05
CA THR B 276 -34.62 -25.73 23.55
C THR B 276 -35.44 -25.24 22.36
N VAL B 277 -36.71 -24.93 22.61
CA VAL B 277 -37.59 -24.43 21.56
C VAL B 277 -38.42 -23.27 22.06
N GLU B 278 -38.02 -22.06 21.66
CA GLU B 278 -38.73 -20.86 22.05
C GLU B 278 -38.70 -20.75 23.57
N GLY B 279 -37.49 -20.74 24.13
CA GLY B 279 -37.35 -20.64 25.56
C GLY B 279 -37.61 -21.92 26.33
N GLN B 280 -38.43 -22.82 25.78
CA GLN B 280 -38.72 -24.06 26.47
C GLN B 280 -37.65 -25.12 26.23
N ASN B 281 -37.20 -25.74 27.32
CA ASN B 281 -36.16 -26.76 27.28
C ASN B 281 -36.72 -28.17 27.13
N ILE B 282 -36.24 -28.90 26.13
CA ILE B 282 -36.70 -30.25 25.92
C ILE B 282 -35.56 -31.24 25.81
N TYR B 283 -34.50 -30.99 26.57
CA TYR B 283 -33.33 -31.84 26.53
C TYR B 283 -33.64 -33.32 26.49
N ASP B 284 -34.42 -33.78 27.47
CA ASP B 284 -34.73 -35.21 27.55
C ASP B 284 -35.78 -35.73 26.58
N GLU B 285 -35.94 -35.02 25.46
CA GLU B 285 -36.87 -35.42 24.42
C GLU B 285 -36.03 -35.42 23.15
N ARG B 286 -34.75 -35.15 23.33
CA ARG B 286 -33.79 -35.08 22.26
C ARG B 286 -32.52 -35.88 22.51
N VAL B 287 -32.11 -36.02 23.76
CA VAL B 287 -30.89 -36.78 24.07
C VAL B 287 -31.24 -38.17 24.61
N PHE B 288 -30.68 -39.19 23.97
CA PHE B 288 -30.98 -40.55 24.38
C PHE B 288 -29.80 -41.51 24.54
N GLU B 289 -29.68 -42.06 25.74
CA GLU B 289 -28.61 -43.01 26.00
C GLU B 289 -29.10 -44.31 25.37
N LEU B 290 -28.28 -44.86 24.47
CA LEU B 290 -28.63 -46.08 23.75
C LEU B 290 -27.57 -47.17 23.73
N SER B 291 -28.05 -48.38 23.42
CA SER B 291 -27.21 -49.56 23.28
C SER B 291 -27.66 -50.20 21.96
N SER B 292 -27.17 -49.66 20.85
CA SER B 292 -27.53 -50.18 19.54
C SER B 292 -27.21 -51.67 19.39
N ILE B 293 -26.07 -52.06 19.94
CA ILE B 293 -25.65 -53.45 19.86
C ILE B 293 -26.65 -54.38 20.54
N GLN B 294 -27.28 -53.94 21.61
CA GLN B 294 -28.24 -54.79 22.29
C GLN B 294 -29.59 -54.77 21.57
N ALA B 295 -29.93 -53.63 20.96
CA ALA B 295 -31.19 -53.53 20.23
C ALA B 295 -31.10 -54.41 18.98
N LEU B 296 -30.04 -54.25 18.21
CA LEU B 296 -29.84 -55.05 17.01
C LEU B 296 -29.98 -56.53 17.34
N ARG B 297 -29.17 -57.01 18.27
CA ARG B 297 -29.21 -58.40 18.69
C ARG B 297 -30.65 -58.92 18.91
N ARG B 298 -31.45 -58.17 19.66
CA ARG B 298 -32.83 -58.58 19.92
C ARG B 298 -33.69 -58.65 18.66
N ARG B 299 -33.46 -57.72 17.73
CA ARG B 299 -34.25 -57.67 16.50
C ARG B 299 -33.78 -58.75 15.53
N LEU B 300 -32.72 -59.46 15.88
CA LEU B 300 -32.23 -60.53 15.03
C LEU B 300 -32.92 -61.85 15.39
N LYS B 301 -33.40 -61.96 16.62
CA LYS B 301 -34.12 -63.16 17.10
C LYS B 301 -35.61 -63.00 16.83
N ASN B 302 -36.03 -61.78 16.51
CA ASN B 302 -37.45 -61.47 16.28
C ASN B 302 -37.60 -59.96 16.10
N PRO B 303 -38.02 -59.51 14.91
CA PRO B 303 -38.20 -58.07 14.66
C PRO B 303 -39.35 -57.38 15.39
N GLN B 304 -40.32 -58.16 15.86
CA GLN B 304 -41.46 -57.64 16.60
C GLN B 304 -41.07 -57.65 18.08
N ALA B 305 -39.76 -57.63 18.32
CA ALA B 305 -39.21 -57.67 19.66
C ALA B 305 -39.27 -56.37 20.45
N ASP B 306 -39.62 -56.54 21.72
CA ASP B 306 -39.72 -55.46 22.69
C ASP B 306 -38.27 -54.97 22.83
N LEU B 307 -38.06 -53.66 22.87
CA LEU B 307 -36.69 -53.15 22.99
C LEU B 307 -36.38 -52.50 24.34
N ASP B 308 -37.35 -52.50 25.26
CA ASP B 308 -37.17 -51.91 26.58
C ASP B 308 -35.84 -52.33 27.16
N GLY B 309 -35.04 -51.37 27.59
CA GLY B 309 -33.75 -51.70 28.16
C GLY B 309 -32.59 -51.34 27.27
N THR B 310 -62.13 -51.74 17.00
CA THR B 310 -60.97 -52.49 16.52
C THR B 310 -59.72 -52.02 17.24
N GLY B 311 -59.81 -50.86 17.86
CA GLY B 311 -58.69 -50.32 18.59
C GLY B 311 -57.97 -49.28 17.77
N PHE B 312 -58.12 -49.38 16.46
CA PHE B 312 -57.46 -48.47 15.56
C PHE B 312 -57.64 -46.99 15.83
N PRO B 313 -58.89 -46.53 15.94
CA PRO B 313 -59.19 -45.11 16.19
C PRO B 313 -58.33 -44.50 17.28
N LYS B 314 -58.40 -45.08 18.48
CA LYS B 314 -57.63 -44.60 19.61
C LYS B 314 -56.13 -44.50 19.25
N PHE B 315 -55.61 -45.52 18.58
CA PHE B 315 -54.22 -45.52 18.17
C PHE B 315 -53.94 -44.42 17.17
N MET B 316 -54.71 -44.40 16.07
CA MET B 316 -54.51 -43.41 15.03
C MET B 316 -54.56 -41.97 15.50
N ASP B 317 -55.44 -41.67 16.43
CA ASP B 317 -55.49 -40.30 16.87
C ASP B 317 -54.18 -39.89 17.57
N SER B 318 -53.60 -40.79 18.34
CA SER B 318 -52.33 -40.48 19.00
C SER B 318 -51.28 -40.24 17.94
N LEU B 319 -51.15 -41.18 17.01
CA LEU B 319 -50.16 -41.03 15.95
C LEU B 319 -50.43 -39.74 15.15
N ASN B 320 -51.70 -39.44 14.93
CA ASN B 320 -52.03 -38.22 14.19
C ASN B 320 -51.45 -37.06 14.98
N THR B 321 -51.86 -36.94 16.24
CA THR B 321 -51.37 -35.88 17.09
C THR B 321 -49.86 -35.71 17.05
N PHE B 322 -49.14 -36.79 17.35
CA PHE B 322 -47.67 -36.80 17.35
C PHE B 322 -47.12 -36.21 16.07
N LEU B 323 -47.48 -36.83 14.95
CA LEU B 323 -46.99 -36.35 13.68
C LEU B 323 -47.39 -34.93 13.27
N THR B 324 -48.70 -34.66 13.22
CA THR B 324 -49.17 -33.35 12.78
C THR B 324 -49.22 -32.21 13.77
N ARG B 325 -49.30 -32.51 15.07
CA ARG B 325 -49.34 -31.42 16.04
C ARG B 325 -48.10 -31.33 16.90
N GLU B 326 -47.06 -32.08 16.54
CA GLU B 326 -45.83 -32.01 17.30
C GLU B 326 -44.66 -32.02 16.35
N ARG B 327 -44.49 -33.08 15.59
CA ARG B 327 -43.36 -33.11 14.70
C ARG B 327 -43.42 -32.02 13.64
N ALA B 328 -44.61 -31.75 13.11
CA ALA B 328 -44.78 -30.72 12.09
C ALA B 328 -44.51 -29.34 12.66
N ILE B 329 -45.11 -29.06 13.81
CA ILE B 329 -44.89 -27.79 14.45
C ILE B 329 -43.40 -27.53 14.62
N ALA B 330 -42.74 -28.40 15.38
CA ALA B 330 -41.31 -28.28 15.61
C ALA B 330 -40.56 -28.01 14.31
N GLU B 331 -40.82 -28.82 13.30
CA GLU B 331 -40.13 -28.63 12.04
C GLU B 331 -40.51 -27.29 11.40
N LEU B 332 -41.80 -26.97 11.39
CA LEU B 332 -42.24 -25.71 10.79
C LEU B 332 -41.68 -24.54 11.55
N ARG B 333 -41.75 -24.60 12.87
CA ARG B 333 -41.24 -23.53 13.69
C ARG B 333 -39.81 -23.15 13.29
N GLN B 334 -39.00 -24.16 12.97
CA GLN B 334 -37.63 -23.89 12.57
C GLN B 334 -37.59 -23.05 11.33
N VAL B 335 -38.42 -23.39 10.35
CA VAL B 335 -38.47 -22.61 9.13
C VAL B 335 -38.76 -21.15 9.51
N ARG B 336 -39.66 -20.93 10.46
CA ARG B 336 -39.93 -19.56 10.83
C ARG B 336 -38.64 -18.93 11.37
N THR B 337 -37.97 -19.64 12.25
CA THR B 337 -36.71 -19.15 12.83
C THR B 337 -35.69 -18.76 11.76
N LEU B 338 -35.52 -19.61 10.76
CA LEU B 338 -34.59 -19.34 9.69
C LEU B 338 -35.02 -18.09 8.91
N ALA B 339 -36.31 -17.93 8.68
CA ALA B 339 -36.82 -16.79 7.94
C ALA B 339 -36.64 -15.50 8.73
N ARG B 340 -36.86 -15.55 10.04
CA ARG B 340 -36.65 -14.35 10.85
C ARG B 340 -35.18 -13.99 10.79
N LEU B 341 -34.29 -14.98 10.83
CA LEU B 341 -32.85 -14.69 10.76
C LEU B 341 -32.55 -13.96 9.46
N ALA B 342 -32.97 -14.55 8.34
CA ALA B 342 -32.74 -13.95 7.04
C ALA B 342 -33.30 -12.55 7.03
N CYS B 343 -34.52 -12.41 7.49
CA CYS B 343 -35.18 -11.11 7.51
C CYS B 343 -34.37 -10.10 8.31
N ASN B 344 -33.97 -10.44 9.53
CA ASN B 344 -33.19 -9.52 10.34
C ASN B 344 -31.84 -9.13 9.75
N HIS B 345 -31.07 -10.13 9.31
CA HIS B 345 -29.78 -9.84 8.73
C HIS B 345 -29.95 -8.81 7.62
N THR B 346 -30.94 -9.03 6.76
CA THR B 346 -31.21 -8.12 5.64
C THR B 346 -31.60 -6.75 6.17
N ARG B 347 -32.63 -6.76 6.99
CA ARG B 347 -33.16 -5.56 7.58
C ARG B 347 -32.06 -4.67 8.14
N GLU B 348 -31.34 -5.19 9.13
CA GLU B 348 -30.25 -4.47 9.78
C GLU B 348 -29.17 -3.99 8.81
N ALA B 349 -28.74 -4.89 7.92
CA ALA B 349 -27.72 -4.57 6.92
C ALA B 349 -28.09 -3.24 6.27
N VAL B 350 -29.31 -3.18 5.76
CA VAL B 350 -29.82 -1.99 5.09
C VAL B 350 -29.84 -0.78 6.03
N ALA B 351 -30.36 -0.97 7.22
CA ALA B 351 -30.43 0.09 8.21
C ALA B 351 -29.05 0.67 8.52
N ARG B 352 -28.00 -0.10 8.23
CA ARG B 352 -26.63 0.35 8.45
C ARG B 352 -26.11 1.07 7.23
N ARG B 353 -26.54 0.64 6.06
CA ARG B 353 -26.03 1.27 4.85
C ARG B 353 -26.61 2.60 4.47
N ILE B 354 -27.93 2.68 4.34
CA ILE B 354 -28.57 3.93 3.95
C ILE B 354 -27.83 5.10 4.58
N PRO B 355 -27.77 5.16 5.92
CA PRO B 355 -27.04 6.28 6.53
C PRO B 355 -25.60 6.48 6.06
N LEU B 356 -24.84 5.39 5.88
CA LEU B 356 -23.46 5.54 5.42
C LEU B 356 -23.37 6.06 3.97
N LEU B 357 -24.47 5.94 3.22
CA LEU B 357 -24.50 6.41 1.83
C LEU B 357 -24.22 7.90 1.71
N GLU B 358 -24.67 8.66 2.71
CA GLU B 358 -24.48 10.10 2.70
C GLU B 358 -23.04 10.45 3.02
N GLN B 359 -22.50 9.82 4.06
CA GLN B 359 -21.12 10.08 4.45
C GLN B 359 -20.16 9.91 3.28
N ASP B 360 -19.09 10.71 3.29
CA ASP B 360 -18.07 10.67 2.23
C ASP B 360 -16.99 9.64 2.56
N VAL B 361 -26.87 14.96 -5.35
CA VAL B 361 -26.84 16.40 -5.12
C VAL B 361 -26.16 16.82 -3.83
N ASN B 362 -26.57 16.21 -2.72
CA ASN B 362 -25.99 16.55 -1.42
C ASN B 362 -24.49 16.29 -1.37
N GLU B 363 -24.08 15.10 -1.76
CA GLU B 363 -22.67 14.73 -1.78
C GLU B 363 -21.91 15.66 -2.70
N LEU B 364 -22.62 16.20 -3.70
CA LEU B 364 -22.00 17.10 -4.67
C LEU B 364 -21.69 18.45 -4.05
N LYS B 365 -22.73 19.13 -3.56
CA LYS B 365 -22.56 20.44 -2.95
C LYS B 365 -21.57 20.38 -1.81
N LYS B 366 -21.46 19.21 -1.18
CA LYS B 366 -20.51 19.04 -0.09
C LYS B 366 -19.11 19.15 -0.71
N ARG B 367 -18.89 18.43 -1.81
CA ARG B 367 -17.62 18.44 -2.52
C ARG B 367 -17.32 19.82 -3.14
N ILE B 368 -18.33 20.46 -3.71
CA ILE B 368 -18.12 21.79 -4.30
C ILE B 368 -17.69 22.79 -3.23
N ASP B 369 -18.44 22.87 -2.13
CA ASP B 369 -18.12 23.79 -1.02
C ASP B 369 -16.73 23.47 -0.52
N SER B 370 -16.33 22.21 -0.71
CA SER B 370 -15.04 21.72 -0.29
C SER B 370 -13.89 22.48 -0.92
N VAL B 371 -14.10 22.96 -2.14
CA VAL B 371 -13.04 23.66 -2.87
C VAL B 371 -13.14 25.18 -2.92
N GLU B 372 -14.21 25.74 -2.36
CA GLU B 372 -14.40 27.19 -2.35
C GLU B 372 -13.11 27.93 -1.99
N PRO B 373 -12.36 27.42 -1.01
CA PRO B 373 -11.10 28.08 -0.62
C PRO B 373 -10.05 28.03 -1.73
N GLU B 374 -10.09 27.00 -2.55
CA GLU B 374 -9.14 26.85 -3.64
C GLU B 374 -9.46 27.87 -4.75
N PHE B 375 -10.73 27.99 -5.07
CA PHE B 375 -11.14 28.92 -6.11
C PHE B 375 -10.73 30.34 -5.74
N ASN B 376 -11.04 30.76 -4.52
CA ASN B 376 -10.68 32.10 -4.11
C ASN B 376 -9.17 32.31 -4.30
N LYS B 377 -8.38 31.28 -4.04
CA LYS B 377 -6.93 31.37 -4.23
C LYS B 377 -6.61 31.70 -5.68
N LEU B 378 -7.33 31.05 -6.60
CA LEU B 378 -7.12 31.30 -8.02
C LEU B 378 -7.37 32.78 -8.25
N THR B 379 -8.42 33.30 -7.62
CA THR B 379 -8.76 34.71 -7.74
C THR B 379 -7.67 35.56 -7.11
N GLY B 380 -6.90 34.94 -6.22
CA GLY B 380 -5.81 35.63 -5.57
C GLY B 380 -4.72 35.87 -6.59
N ILE B 381 -4.57 34.94 -7.52
CA ILE B 381 -3.57 35.06 -8.57
C ILE B 381 -4.08 36.11 -9.55
N ARG B 382 -5.37 36.02 -9.89
CA ARG B 382 -5.97 36.94 -10.83
C ARG B 382 -5.86 38.37 -10.35
N ASP B 383 -5.69 38.54 -9.04
CA ASP B 383 -5.55 39.85 -8.45
C ASP B 383 -4.09 40.20 -8.21
N GLU B 384 -3.33 39.25 -7.71
CA GLU B 384 -1.91 39.45 -7.47
C GLU B 384 -1.18 39.84 -8.76
N PHE B 385 -1.59 39.23 -9.88
CA PHE B 385 -0.95 39.49 -11.17
C PHE B 385 -1.48 40.74 -11.84
N GLN B 386 -2.75 41.04 -11.62
CA GLN B 386 -3.33 42.23 -12.20
C GLN B 386 -2.66 43.46 -11.60
N LYS B 387 -2.42 43.43 -10.29
CA LYS B 387 -1.74 44.53 -9.63
C LYS B 387 -0.44 44.77 -10.39
N GLU B 388 0.48 43.82 -10.26
CA GLU B 388 1.77 43.91 -10.93
C GLU B 388 1.64 44.40 -12.36
N ILE B 389 0.64 43.91 -13.07
CA ILE B 389 0.47 44.36 -14.43
C ILE B 389 0.34 45.86 -14.44
N ILE B 390 -0.59 46.38 -13.65
CA ILE B 390 -0.84 47.82 -13.58
C ILE B 390 0.27 48.66 -12.94
N ASN B 391 0.96 48.11 -11.94
CA ASN B 391 2.04 48.87 -11.31
C ASN B 391 3.19 48.95 -12.30
N THR B 392 3.09 48.19 -13.39
CA THR B 392 4.13 48.20 -14.43
C THR B 392 3.75 49.21 -15.50
N ARG B 393 2.46 49.31 -15.82
CA ARG B 393 2.07 50.28 -16.82
C ARG B 393 2.36 51.65 -16.24
N ASP B 394 1.91 51.87 -15.00
CA ASP B 394 2.12 53.14 -14.34
C ASP B 394 3.60 53.52 -14.33
N THR B 395 4.43 52.65 -13.78
CA THR B 395 5.85 52.95 -13.73
C THR B 395 6.41 53.23 -15.12
N GLN B 396 5.98 52.47 -16.12
CA GLN B 396 6.47 52.64 -17.48
C GLN B 396 5.93 53.91 -18.14
N ALA B 397 4.60 54.06 -18.15
CA ALA B 397 3.98 55.22 -18.75
C ALA B 397 4.49 56.53 -18.12
N ARG B 398 5.17 56.40 -16.98
CA ARG B 398 5.71 57.56 -16.28
C ARG B 398 7.13 57.76 -16.77
N THR B 399 8.00 56.81 -16.43
CA THR B 399 9.40 56.86 -16.82
C THR B 399 9.63 57.20 -18.30
N ILE B 400 8.72 56.78 -19.16
CA ILE B 400 8.86 57.05 -20.59
C ILE B 400 8.49 58.49 -20.87
N SER B 401 7.32 58.91 -20.38
CA SER B 401 6.85 60.28 -20.54
C SER B 401 7.95 61.23 -20.09
N GLU B 402 8.64 60.83 -19.03
CA GLU B 402 9.74 61.61 -18.51
C GLU B 402 10.82 61.66 -19.58
N SER B 403 11.19 60.47 -20.10
CA SER B 403 12.21 60.34 -21.14
C SER B 403 11.93 61.22 -22.35
N PHE B 404 10.69 61.22 -22.80
CA PHE B 404 10.31 62.03 -23.93
C PHE B 404 10.42 63.51 -23.54
N ARG B 405 9.75 63.90 -22.47
CA ARG B 405 9.78 65.29 -21.99
C ARG B 405 11.23 65.76 -21.88
N SER B 406 12.05 64.96 -21.23
CA SER B 406 13.45 65.31 -21.08
C SER B 406 14.16 65.44 -22.43
N TYR B 407 13.84 64.52 -23.34
CA TYR B 407 14.44 64.50 -24.69
C TYR B 407 14.06 65.74 -25.51
N VAL B 408 12.77 66.02 -25.58
CA VAL B 408 12.28 67.17 -26.34
C VAL B 408 13.01 68.43 -25.88
N LEU B 409 12.99 68.67 -24.56
CA LEU B 409 13.66 69.83 -24.00
C LEU B 409 15.11 69.87 -24.43
N ASN B 410 15.86 68.83 -24.10
CA ASN B 410 17.26 68.78 -24.46
C ASN B 410 17.53 68.93 -25.94
N LEU B 411 16.55 68.64 -26.79
CA LEU B 411 16.81 68.80 -28.22
C LEU B 411 17.11 70.26 -28.48
N GLY B 412 16.53 71.12 -27.63
CA GLY B 412 16.72 72.56 -27.75
C GLY B 412 18.16 73.00 -27.50
N ASN B 413 18.89 72.24 -26.70
CA ASN B 413 20.28 72.58 -26.41
C ASN B 413 21.16 72.31 -27.60
N THR B 414 20.68 71.53 -28.55
CA THR B 414 21.47 71.22 -29.74
C THR B 414 20.89 71.82 -31.02
N PHE B 415 19.68 72.36 -30.93
CA PHE B 415 19.00 72.92 -32.09
C PHE B 415 19.87 73.71 -33.05
N GLU B 416 20.62 74.68 -32.53
CA GLU B 416 21.49 75.47 -33.38
C GLU B 416 22.30 74.57 -34.30
N ASN B 417 23.12 73.70 -33.72
CA ASN B 417 23.93 72.80 -34.55
C ASN B 417 23.07 71.99 -35.51
N ASP B 418 21.96 71.46 -35.03
CA ASP B 418 21.09 70.68 -35.89
C ASP B 418 20.53 71.57 -37.00
N PHE B 419 20.09 72.77 -36.62
CA PHE B 419 19.51 73.70 -37.56
C PHE B 419 20.44 73.91 -38.75
N LEU B 420 21.72 73.67 -38.53
CA LEU B 420 22.71 73.81 -39.58
C LEU B 420 22.81 72.53 -40.39
N ARG B 421 23.00 71.40 -39.70
CA ARG B 421 23.11 70.09 -40.34
C ARG B 421 21.95 69.95 -41.31
N TYR B 422 20.73 69.97 -40.78
CA TYR B 422 19.54 69.90 -41.62
C TYR B 422 19.42 71.33 -42.13
N GLN B 423 18.92 71.53 -43.33
CA GLN B 423 18.79 72.90 -43.78
C GLN B 423 17.37 73.00 -44.26
N PRO B 424 16.44 73.06 -43.31
CA PRO B 424 15.01 73.16 -43.56
C PRO B 424 14.72 74.07 -44.73
N GLU B 425 14.00 73.55 -45.71
CA GLU B 425 13.64 74.37 -46.86
C GLU B 425 12.16 74.64 -46.71
N LEU B 426 11.77 75.90 -46.71
CA LEU B 426 10.36 76.23 -46.56
C LEU B 426 9.77 76.50 -47.95
N ASN B 427 8.70 75.79 -48.28
CA ASN B 427 8.04 75.94 -49.58
C ASN B 427 7.24 77.22 -49.61
N LEU B 428 7.85 78.30 -50.07
CA LEU B 428 7.19 79.59 -50.11
C LEU B 428 5.77 79.54 -50.69
N PHE B 429 5.53 78.67 -51.65
CA PHE B 429 4.19 78.59 -52.22
C PHE B 429 3.23 78.02 -51.19
N ASP B 430 3.61 76.90 -50.58
CA ASP B 430 2.78 76.26 -49.58
C ASP B 430 2.44 77.23 -48.46
N PHE B 431 3.45 77.96 -48.00
CA PHE B 431 3.28 78.91 -46.91
C PHE B 431 2.12 79.85 -47.15
N LEU B 432 2.29 80.76 -48.10
CA LEU B 432 1.26 81.74 -48.45
C LEU B 432 0.03 81.02 -48.98
N SER B 433 0.05 80.66 -50.26
CA SER B 433 -1.04 79.95 -50.92
C SER B 433 -2.41 80.13 -50.25
N SER B 434 -2.81 79.14 -49.45
CA SER B 434 -4.10 79.19 -48.76
C SER B 434 -4.10 80.16 -47.58
N GLY B 435 -4.56 79.69 -46.43
CA GLY B 435 -4.60 80.55 -45.25
C GLY B 435 -4.96 79.83 -43.97
N LYS B 436 -5.55 78.64 -44.09
CA LYS B 436 -5.92 77.85 -42.91
C LYS B 436 -4.73 77.79 -41.96
N ARG B 437 -5.00 77.83 -40.65
CA ARG B 437 -3.92 77.76 -39.67
C ARG B 437 -3.37 76.33 -39.68
N GLU B 438 -3.33 75.75 -40.87
CA GLU B 438 -2.84 74.40 -41.09
C GLU B 438 -2.01 74.37 -42.38
N ALA B 439 -2.52 74.98 -43.44
CA ALA B 439 -1.82 75.02 -44.73
C ALA B 439 -0.57 75.88 -44.58
N PHE B 440 -0.48 76.55 -43.44
CA PHE B 440 0.61 77.43 -43.09
C PHE B 440 1.55 76.70 -42.14
N ASN B 441 0.97 75.92 -41.23
CA ASN B 441 1.75 75.16 -40.27
C ASN B 441 2.34 73.91 -40.92
N ALA B 442 1.58 73.32 -41.83
CA ALA B 442 2.02 72.14 -42.54
C ALA B 442 3.28 72.52 -43.31
N ALA B 443 3.22 73.67 -43.97
CA ALA B 443 4.34 74.16 -44.74
C ALA B 443 5.60 74.13 -43.89
N LEU B 444 5.50 74.63 -42.66
CA LEU B 444 6.63 74.67 -41.74
C LEU B 444 6.92 73.27 -41.20
N GLN B 445 5.88 72.46 -41.10
CA GLN B 445 6.05 71.10 -40.60
C GLN B 445 6.87 70.31 -41.61
N LYS B 446 6.55 70.51 -42.90
CA LYS B 446 7.26 69.82 -43.98
C LYS B 446 8.72 70.20 -43.91
N ALA B 447 9.00 71.49 -44.01
CA ALA B 447 10.36 71.97 -43.96
C ALA B 447 11.21 71.27 -42.89
N PHE B 448 10.57 70.80 -41.83
CA PHE B 448 11.31 70.13 -40.76
C PHE B 448 11.08 68.64 -40.75
N GLU B 449 10.61 68.09 -41.87
CA GLU B 449 10.31 66.67 -41.97
C GLU B 449 11.47 65.75 -41.61
N GLN B 450 12.59 65.92 -42.31
CA GLN B 450 13.75 65.10 -42.05
C GLN B 450 14.17 65.21 -40.60
N TYR B 451 14.25 66.43 -40.10
CA TYR B 451 14.63 66.63 -38.70
C TYR B 451 13.66 65.90 -37.77
N ILE B 452 12.36 66.10 -37.95
CA ILE B 452 11.37 65.45 -37.10
C ILE B 452 11.52 63.93 -37.15
N THR B 453 11.54 63.38 -38.35
CA THR B 453 11.69 61.94 -38.53
C THR B 453 12.90 61.42 -37.76
N ASP B 454 14.09 61.89 -38.11
CA ASP B 454 15.31 61.47 -37.45
C ASP B 454 15.21 61.48 -35.94
N LYS B 455 15.09 62.67 -35.36
CA LYS B 455 15.00 62.82 -33.91
C LYS B 455 13.94 61.92 -33.34
N SER B 456 12.78 61.91 -34.00
CA SER B 456 11.66 61.10 -33.59
C SER B 456 11.98 59.59 -33.57
N ALA B 457 12.48 59.08 -34.69
CA ALA B 457 12.83 57.67 -34.80
C ALA B 457 13.85 57.24 -33.77
N ALA B 458 14.80 58.12 -33.47
CA ALA B 458 15.82 57.77 -32.50
C ALA B 458 15.23 57.51 -31.13
N TRP B 459 14.37 58.41 -30.66
CA TRP B 459 13.81 58.21 -29.33
C TRP B 459 12.98 56.94 -29.19
N THR B 460 12.05 56.72 -30.11
CA THR B 460 11.19 55.54 -30.02
C THR B 460 11.98 54.24 -30.00
N LEU B 461 13.21 54.26 -30.49
CA LEU B 461 13.99 53.05 -30.46
C LEU B 461 14.26 52.81 -28.99
N THR B 462 14.69 53.87 -28.31
CA THR B 462 15.00 53.85 -26.89
C THR B 462 13.76 53.46 -26.07
N ALA B 463 12.62 54.03 -26.42
CA ALA B 463 11.37 53.74 -25.73
C ALA B 463 11.07 52.25 -25.81
N GLU B 464 11.03 51.74 -27.05
CA GLU B 464 10.75 50.33 -27.30
C GLU B 464 11.67 49.41 -26.53
N LYS B 465 12.97 49.68 -26.53
CA LYS B 465 13.93 48.84 -25.80
C LYS B 465 13.48 48.60 -24.35
N ASP B 466 12.77 49.56 -23.77
CA ASP B 466 12.30 49.46 -22.38
C ASP B 466 10.97 48.75 -22.23
N ILE B 467 9.98 49.19 -23.00
CA ILE B 467 8.67 48.58 -22.98
C ILE B 467 8.87 47.08 -23.18
N ASN B 468 9.83 46.73 -24.03
CA ASN B 468 10.15 45.34 -24.26
C ASN B 468 10.41 44.67 -22.92
N ALA B 469 11.56 45.00 -22.32
CA ALA B 469 11.96 44.45 -21.03
C ALA B 469 10.78 44.35 -20.06
N ALA B 470 9.96 45.40 -20.00
CA ALA B 470 8.80 45.40 -19.12
C ALA B 470 7.96 44.13 -19.36
N PHE B 471 7.51 43.97 -20.59
CA PHE B 471 6.72 42.82 -20.97
C PHE B 471 7.53 41.54 -20.88
N LYS B 472 8.84 41.64 -21.06
CA LYS B 472 9.62 40.43 -20.95
C LYS B 472 9.54 39.95 -19.51
N GLU B 473 9.48 40.89 -18.56
CA GLU B 473 9.37 40.55 -17.14
C GLU B 473 7.98 40.02 -16.82
N LEU B 474 6.96 40.79 -17.19
CA LEU B 474 5.59 40.39 -16.97
C LEU B 474 5.40 38.93 -17.41
N SER B 475 6.07 38.55 -18.50
CA SER B 475 5.99 37.20 -19.02
C SER B 475 6.53 36.24 -17.98
N ARG B 476 7.81 36.42 -17.64
CA ARG B 476 8.45 35.59 -16.64
C ARG B 476 7.55 35.53 -15.39
N SER B 477 6.93 36.65 -15.07
CA SER B 477 6.05 36.72 -13.92
C SER B 477 4.84 35.79 -14.11
N ALA B 478 4.16 35.92 -15.23
CA ALA B 478 3.01 35.09 -15.51
C ALA B 478 3.38 33.62 -15.45
N SER B 479 4.57 33.30 -15.94
CA SER B 479 5.02 31.91 -15.93
C SER B 479 4.86 31.32 -14.55
N GLN B 480 5.45 31.98 -13.56
CA GLN B 480 5.38 31.50 -12.19
C GLN B 480 3.96 31.49 -11.64
N TYR B 481 3.21 32.57 -11.82
CA TYR B 481 1.83 32.58 -11.31
C TYR B 481 1.06 31.43 -11.96
N GLY B 482 1.42 31.13 -13.19
CA GLY B 482 0.77 30.04 -13.90
C GLY B 482 1.09 28.73 -13.23
N ALA B 483 2.36 28.54 -12.89
CA ALA B 483 2.79 27.31 -12.23
C ALA B 483 1.99 27.03 -10.98
N SER B 484 1.81 28.05 -10.14
CA SER B 484 1.07 27.87 -8.90
C SER B 484 -0.42 27.70 -9.22
N TYR B 485 -0.93 28.51 -10.14
CA TYR B 485 -2.32 28.41 -10.54
C TYR B 485 -2.64 26.94 -10.82
N ASN B 486 -1.72 26.24 -11.49
CA ASN B 486 -1.89 24.84 -11.81
C ASN B 486 -2.04 24.00 -10.56
N GLN B 487 -1.12 24.18 -9.62
CA GLN B 487 -1.18 23.45 -8.37
C GLN B 487 -2.57 23.63 -7.78
N ILE B 488 -2.96 24.88 -7.53
CA ILE B 488 -4.28 25.16 -6.97
C ILE B 488 -5.34 24.43 -7.81
N THR B 489 -5.11 24.35 -9.11
CA THR B 489 -6.06 23.69 -9.97
C THR B 489 -6.06 22.17 -9.77
N ASP B 490 -4.87 21.59 -9.68
CA ASP B 490 -4.77 20.14 -9.47
C ASP B 490 -5.59 19.73 -8.24
N GLN B 491 -5.44 20.46 -7.15
CA GLN B 491 -6.18 20.20 -5.92
C GLN B 491 -7.69 20.22 -6.15
N ILE B 492 -8.19 21.30 -6.75
CA ILE B 492 -9.62 21.39 -7.02
C ILE B 492 -10.13 20.10 -7.65
N THR B 493 -9.28 19.45 -8.44
CA THR B 493 -9.65 18.19 -9.07
C THR B 493 -9.63 17.08 -8.03
N GLU B 494 -8.54 16.98 -7.29
CA GLU B 494 -8.44 15.95 -6.27
C GLU B 494 -9.57 16.04 -5.25
N LYS B 495 -9.73 17.19 -4.61
CA LYS B 495 -10.79 17.36 -3.62
C LYS B 495 -12.18 17.14 -4.23
N LEU B 496 -12.23 17.08 -5.55
CA LEU B 496 -13.49 16.88 -6.26
C LEU B 496 -13.66 15.44 -6.74
N THR B 497 -12.62 14.94 -7.39
CA THR B 497 -12.60 13.61 -7.96
C THR B 497 -12.15 12.52 -6.99
N GLY B 498 -11.26 12.88 -6.07
CA GLY B 498 -10.76 11.92 -5.10
C GLY B 498 -9.42 11.40 -5.56
N LYS B 499 -9.31 11.10 -6.85
CA LYS B 499 -8.08 10.59 -7.44
C LYS B 499 -7.18 11.72 -7.95
N ASP B 500 -6.00 11.85 -7.36
CA ASP B 500 -5.07 12.90 -7.76
C ASP B 500 -4.33 12.57 -9.06
N VAL B 501 -4.74 13.25 -10.13
CA VAL B 501 -4.15 13.06 -11.44
C VAL B 501 -2.69 13.52 -11.49
N GLU B 511 6.76 20.77 -25.11
CA GLU B 511 6.62 22.16 -24.68
C GLU B 511 6.28 22.26 -23.20
N ASP B 512 6.36 23.47 -22.64
CA ASP B 512 6.03 23.70 -21.24
C ASP B 512 4.52 23.57 -21.10
N ASN B 513 4.05 23.00 -20.00
CA ASN B 513 2.62 22.83 -19.82
C ASN B 513 2.00 23.74 -18.76
N SER B 514 2.07 25.05 -18.99
CA SER B 514 1.47 26.01 -18.08
C SER B 514 0.00 26.20 -18.49
N PRO B 515 -0.82 26.80 -17.61
CA PRO B 515 -2.22 27.02 -17.96
C PRO B 515 -2.39 27.80 -19.24
N GLY B 516 -3.63 27.86 -19.72
CA GLY B 516 -3.91 28.58 -20.95
C GLY B 516 -3.66 30.06 -20.85
N TRP B 517 -4.39 30.75 -19.98
CA TRP B 517 -4.20 32.20 -19.86
C TRP B 517 -2.72 32.50 -19.74
N ALA B 518 -1.99 31.60 -19.10
CA ALA B 518 -0.55 31.80 -18.94
C ALA B 518 0.15 31.76 -20.29
N LYS B 519 -0.36 30.93 -21.20
CA LYS B 519 0.23 30.79 -22.52
C LYS B 519 0.14 32.09 -23.29
N TRP B 520 -0.99 32.79 -23.14
CA TRP B 520 -1.19 34.07 -23.83
C TRP B 520 -0.37 35.19 -23.22
N ALA B 521 -0.34 35.23 -21.89
CA ALA B 521 0.40 36.24 -21.14
C ALA B 521 1.89 36.11 -21.40
N MET B 522 2.35 34.91 -21.72
CA MET B 522 3.77 34.71 -21.98
C MET B 522 4.12 34.97 -23.43
N GLY B 523 3.10 35.15 -24.26
CA GLY B 523 3.34 35.40 -25.66
C GLY B 523 3.88 34.19 -26.38
N LEU B 524 3.33 33.02 -26.06
CA LEU B 524 3.75 31.78 -26.71
C LEU B 524 2.68 31.46 -27.73
N LEU B 525 1.54 32.11 -27.54
CA LEU B 525 0.39 31.90 -28.38
C LEU B 525 -0.25 33.26 -28.64
N SER B 526 -1.16 33.30 -29.61
CA SER B 526 -1.90 34.52 -29.95
C SER B 526 -2.62 34.32 -31.27
N LEU B 527 -3.81 34.91 -31.38
CA LEU B 527 -4.62 34.78 -32.57
C LEU B 527 -4.36 35.91 -33.55
N SER B 528 -3.63 36.93 -33.11
CA SER B 528 -3.29 38.07 -33.97
C SER B 528 -1.91 37.88 -34.55
N LYS B 529 -1.72 38.31 -35.80
CA LYS B 529 -0.41 38.19 -36.42
C LYS B 529 0.61 38.97 -35.58
N GLY B 530 0.17 40.09 -35.01
CA GLY B 530 1.06 40.91 -34.19
C GLY B 530 0.42 41.34 -32.88
N ASN B 531 1.22 41.95 -32.01
CA ASN B 531 0.77 42.43 -30.70
C ASN B 531 1.61 43.60 -30.19
N LEU B 532 1.16 44.22 -29.11
CA LEU B 532 1.88 45.38 -28.56
C LEU B 532 3.03 45.13 -27.59
N ALA B 533 3.41 43.87 -27.40
CA ALA B 533 4.52 43.51 -26.52
C ALA B 533 5.67 43.00 -27.40
N GLY B 534 6.78 42.63 -26.76
CA GLY B 534 7.92 42.14 -27.55
C GLY B 534 7.79 40.70 -28.00
N PHE B 535 6.59 40.16 -27.86
CA PHE B 535 6.30 38.76 -28.23
C PHE B 535 6.41 38.50 -29.72
N ALA B 536 7.59 38.05 -30.14
CA ALA B 536 7.85 37.74 -31.54
C ALA B 536 7.66 36.24 -31.79
N LEU B 537 7.25 35.53 -30.75
CA LEU B 537 6.98 34.10 -30.85
C LEU B 537 5.47 33.90 -30.83
N ALA B 538 4.75 35.02 -30.75
CA ALA B 538 3.29 35.04 -30.72
C ALA B 538 2.72 35.47 -32.08
N GLY B 539 1.79 34.66 -32.60
CA GLY B 539 1.18 34.96 -33.88
C GLY B 539 2.26 34.99 -34.95
N ALA B 540 2.16 35.97 -35.83
CA ALA B 540 3.13 36.13 -36.91
C ALA B 540 4.37 36.82 -36.37
N GLY B 541 4.29 37.28 -35.12
CA GLY B 541 5.40 37.96 -34.49
C GLY B 541 5.35 39.47 -34.65
N PHE B 542 4.70 39.92 -35.70
CA PHE B 542 4.57 41.35 -36.02
C PHE B 542 4.59 42.24 -34.79
N ASP B 543 5.40 43.30 -34.83
CA ASP B 543 5.51 44.25 -33.73
C ASP B 543 4.62 45.50 -33.93
N TRP B 544 3.37 45.44 -33.48
CA TRP B 544 2.46 46.57 -33.65
C TRP B 544 2.72 47.75 -32.73
N LYS B 545 3.70 47.64 -31.84
CA LYS B 545 3.98 48.75 -30.95
C LYS B 545 5.02 49.67 -31.59
N ASN B 546 5.45 49.34 -32.81
CA ASN B 546 6.42 50.17 -33.51
C ASN B 546 5.57 51.11 -34.36
N ILE B 547 4.33 50.68 -34.58
CA ILE B 547 3.35 51.45 -35.34
C ILE B 547 2.82 52.49 -34.37
N LEU B 548 2.02 52.01 -33.42
CA LEU B 548 1.41 52.83 -32.40
C LEU B 548 2.39 53.79 -31.73
N LEU B 549 3.61 53.35 -31.47
CA LEU B 549 4.59 54.22 -30.80
C LEU B 549 5.31 55.22 -31.70
N ASN B 550 5.94 54.74 -32.77
CA ASN B 550 6.67 55.60 -33.70
C ASN B 550 5.76 56.43 -34.61
N TYR B 551 4.54 56.67 -34.14
CA TYR B 551 3.58 57.47 -34.88
C TYR B 551 3.14 58.61 -33.98
N PHE B 552 2.88 58.27 -32.71
CA PHE B 552 2.48 59.27 -31.74
C PHE B 552 3.68 60.17 -31.44
N THR B 553 4.85 59.56 -31.37
CA THR B 553 6.08 60.30 -31.11
C THR B 553 6.33 61.36 -32.18
N VAL B 554 5.92 61.07 -33.41
CA VAL B 554 6.09 62.02 -34.50
C VAL B 554 5.12 63.18 -34.25
N ILE B 555 3.92 62.85 -33.79
CA ILE B 555 2.94 63.89 -33.50
C ILE B 555 3.49 64.75 -32.36
N GLY B 556 4.27 64.12 -31.47
CA GLY B 556 4.87 64.82 -30.36
C GLY B 556 6.00 65.76 -30.79
N ILE B 557 7.08 65.21 -31.32
CA ILE B 557 8.22 66.02 -31.77
C ILE B 557 7.78 67.00 -32.86
N GLY B 558 6.66 66.71 -33.51
CA GLY B 558 6.16 67.59 -34.55
C GLY B 558 5.31 68.70 -33.95
N GLY B 559 4.58 68.33 -32.89
CA GLY B 559 3.75 69.30 -32.20
C GLY B 559 4.68 70.29 -31.55
N ILE B 560 5.78 69.78 -31.00
CA ILE B 560 6.78 70.62 -30.37
C ILE B 560 7.12 71.72 -31.36
N ILE B 561 7.30 71.33 -32.62
CA ILE B 561 7.59 72.28 -33.68
C ILE B 561 6.33 73.13 -33.89
N THR B 562 5.21 72.47 -34.18
CA THR B 562 3.94 73.16 -34.39
C THR B 562 3.72 74.18 -33.28
N ALA B 563 4.34 73.92 -32.13
CA ALA B 563 4.24 74.79 -30.97
C ALA B 563 5.28 75.89 -31.05
N VAL B 564 6.55 75.51 -31.09
CA VAL B 564 7.63 76.49 -31.17
C VAL B 564 7.42 77.36 -32.41
N THR B 565 6.47 76.96 -33.24
CA THR B 565 6.11 77.69 -34.44
C THR B 565 5.30 78.91 -34.01
N GLY B 566 4.14 78.65 -33.42
CA GLY B 566 3.26 79.71 -32.94
C GLY B 566 3.92 80.56 -31.88
N ILE B 567 5.00 80.05 -31.31
CA ILE B 567 5.74 80.77 -30.28
C ILE B 567 6.56 81.87 -30.93
N LEU B 568 7.19 81.54 -32.05
CA LEU B 568 8.06 82.48 -32.76
C LEU B 568 7.45 83.32 -33.87
N LEU B 569 6.24 82.97 -34.31
CA LEU B 569 5.61 83.76 -35.36
C LEU B 569 5.64 85.24 -35.01
N GLY B 570 4.98 85.58 -33.90
CA GLY B 570 4.93 86.95 -33.44
C GLY B 570 6.27 87.66 -33.48
N PRO B 571 7.30 87.13 -32.79
CA PRO B 571 8.62 87.77 -32.80
C PRO B 571 9.18 87.97 -34.22
N ILE B 572 8.90 86.98 -35.08
CA ILE B 572 9.36 87.06 -36.46
C ILE B 572 8.59 88.12 -37.20
N GLY B 573 7.27 87.96 -37.25
CA GLY B 573 6.42 88.92 -37.93
C GLY B 573 6.83 90.34 -37.55
N PHE B 574 7.12 90.55 -36.28
CA PHE B 574 7.51 91.84 -35.80
C PHE B 574 8.77 92.28 -36.55
N ALA B 575 9.81 91.46 -36.49
CA ALA B 575 11.06 91.79 -37.19
C ALA B 575 10.83 92.01 -38.68
N LEU B 576 10.10 91.10 -39.31
CA LEU B 576 9.84 91.24 -40.73
C LEU B 576 9.15 92.57 -41.01
N LEU B 577 8.08 92.83 -40.28
CA LEU B 577 7.29 94.06 -40.41
C LEU B 577 8.08 95.31 -40.05
N GLY B 578 8.81 95.26 -38.95
CA GLY B 578 9.59 96.39 -38.52
C GLY B 578 10.79 96.64 -39.42
N LEU B 579 10.78 96.04 -40.60
CA LEU B 579 11.88 96.21 -41.54
C LEU B 579 11.32 96.70 -42.86
N GLY B 580 10.21 96.11 -43.28
CA GLY B 580 9.59 96.50 -44.52
C GLY B 580 8.92 97.87 -44.45
N VAL B 581 9.03 98.53 -43.30
CA VAL B 581 8.45 99.85 -43.10
C VAL B 581 9.53 100.84 -42.71
N GLY B 582 10.68 100.34 -42.26
CA GLY B 582 11.77 101.22 -41.93
C GLY B 582 11.96 101.63 -40.49
N PHE B 583 11.23 100.99 -39.58
CA PHE B 583 11.37 101.33 -38.17
C PHE B 583 12.61 100.66 -37.62
N LEU B 584 12.94 99.51 -38.20
CA LEU B 584 14.12 98.74 -37.79
C LEU B 584 15.07 98.58 -38.97
N GLN B 585 16.35 98.78 -38.70
CA GLN B 585 17.38 98.67 -39.73
C GLN B 585 17.90 97.23 -39.84
N ALA B 586 18.82 97.02 -40.76
CA ALA B 586 19.41 95.70 -40.95
C ALA B 586 20.23 95.29 -39.73
N ASP B 587 20.13 94.01 -39.37
CA ASP B 587 20.87 93.47 -38.23
C ASP B 587 20.57 94.18 -36.91
N GLN B 588 19.44 94.86 -36.84
CA GLN B 588 19.02 95.53 -35.62
C GLN B 588 17.94 94.65 -35.03
N ALA B 589 17.12 94.12 -35.93
CA ALA B 589 16.01 93.25 -35.56
C ALA B 589 16.50 91.86 -35.19
N ARG B 590 17.65 91.46 -35.71
CA ARG B 590 18.19 90.14 -35.43
C ARG B 590 18.84 90.02 -34.06
N ARG B 591 19.24 91.15 -33.47
CA ARG B 591 19.81 91.09 -32.13
C ARG B 591 18.62 91.08 -31.20
N GLU B 592 17.44 91.19 -31.79
CA GLU B 592 16.18 91.18 -31.04
C GLU B 592 15.39 89.90 -31.29
N LEU B 593 15.27 89.50 -32.55
CA LEU B 593 14.53 88.28 -32.89
C LEU B 593 15.04 87.21 -31.93
N VAL B 594 16.36 87.21 -31.73
CA VAL B 594 17.01 86.26 -30.84
C VAL B 594 16.57 86.60 -29.42
N LYS B 595 16.84 87.83 -29.00
CA LYS B 595 16.46 88.28 -27.67
C LYS B 595 15.07 87.76 -27.35
N THR B 596 14.18 87.88 -28.33
CA THR B 596 12.80 87.43 -28.16
C THR B 596 12.71 85.91 -28.17
N ALA B 597 13.30 85.28 -29.18
CA ALA B 597 13.28 83.82 -29.27
C ALA B 597 13.63 83.24 -27.91
N LYS B 598 14.93 83.15 -27.62
CA LYS B 598 15.42 82.62 -26.35
C LYS B 598 14.45 82.94 -25.20
N LYS B 599 13.98 84.17 -25.13
CA LYS B 599 13.05 84.59 -24.07
C LYS B 599 11.80 83.72 -24.08
N GLU B 600 11.12 83.67 -25.22
CA GLU B 600 9.89 82.90 -25.36
C GLU B 600 10.05 81.38 -25.17
N LEU B 601 11.09 80.83 -25.77
CA LEU B 601 11.33 79.40 -25.65
C LEU B 601 11.52 78.98 -24.21
N VAL B 602 12.54 79.53 -23.55
CA VAL B 602 12.80 79.19 -22.14
C VAL B 602 11.56 79.54 -21.30
N LYS B 603 10.62 80.24 -21.93
CA LYS B 603 9.38 80.66 -21.29
C LYS B 603 8.23 79.69 -21.54
N HIS B 604 8.37 78.80 -22.52
CA HIS B 604 7.29 77.88 -22.82
C HIS B 604 7.68 76.45 -23.15
N LEU B 605 8.77 76.29 -23.89
CA LEU B 605 9.21 74.95 -24.28
C LEU B 605 9.00 73.91 -23.19
N PRO B 606 9.49 74.17 -21.97
CA PRO B 606 9.29 73.19 -20.91
C PRO B 606 7.83 72.85 -20.69
N GLN B 607 6.95 73.84 -20.84
CA GLN B 607 5.56 73.54 -20.62
C GLN B 607 5.01 72.76 -21.80
N VAL B 608 5.32 73.19 -23.03
CA VAL B 608 4.82 72.48 -24.22
C VAL B 608 5.37 71.05 -24.25
N ALA B 609 6.62 70.88 -23.86
CA ALA B 609 7.21 69.56 -23.84
C ALA B 609 6.26 68.74 -22.96
N HIS B 610 6.16 69.12 -21.69
CA HIS B 610 5.31 68.45 -20.73
C HIS B 610 3.90 68.18 -21.26
N GLU B 611 3.30 69.18 -21.89
CA GLU B 611 1.96 69.05 -22.43
C GLU B 611 1.94 67.97 -23.51
N GLN B 612 3.00 67.94 -24.32
CA GLN B 612 3.12 66.96 -25.40
C GLN B 612 3.44 65.56 -24.88
N SER B 613 4.34 65.48 -23.92
CA SER B 613 4.72 64.18 -23.36
C SER B 613 3.53 63.51 -22.69
N GLN B 614 2.34 64.09 -22.86
CA GLN B 614 1.13 63.53 -22.27
C GLN B 614 0.40 62.65 -23.29
N VAL B 615 0.88 62.65 -24.52
CA VAL B 615 0.27 61.82 -25.56
C VAL B 615 1.03 60.50 -25.48
N VAL B 616 2.35 60.63 -25.29
CA VAL B 616 3.24 59.49 -25.16
C VAL B 616 2.82 58.71 -23.92
N TYR B 617 2.26 59.41 -22.93
CA TYR B 617 1.83 58.75 -21.71
C TYR B 617 0.70 57.81 -22.09
N ASN B 618 -0.31 58.34 -22.75
CA ASN B 618 -1.47 57.55 -23.16
C ASN B 618 -1.11 56.35 -24.05
N ALA B 619 -0.05 56.48 -24.82
CA ALA B 619 0.35 55.40 -25.69
C ALA B 619 0.96 54.25 -24.88
N VAL B 620 1.83 54.57 -23.94
CA VAL B 620 2.44 53.53 -23.12
C VAL B 620 1.41 52.93 -22.18
N LYS B 621 0.46 53.75 -21.71
CA LYS B 621 -0.55 53.21 -20.83
C LYS B 621 -1.41 52.25 -21.63
N GLU B 622 -1.69 52.61 -22.88
CA GLU B 622 -2.50 51.75 -23.72
C GLU B 622 -1.86 50.37 -23.90
N CYS B 623 -0.62 50.34 -24.35
CA CYS B 623 0.09 49.09 -24.55
C CYS B 623 -0.19 48.10 -23.42
N PHE B 624 0.00 48.56 -22.19
CA PHE B 624 -0.20 47.72 -21.02
C PHE B 624 -1.65 47.54 -20.61
N ASP B 625 -2.54 48.33 -21.16
CA ASP B 625 -3.93 48.16 -20.80
C ASP B 625 -4.53 47.10 -21.71
N SER B 626 -3.99 46.99 -22.92
CA SER B 626 -4.50 45.98 -23.84
C SER B 626 -4.16 44.64 -23.21
N TYR B 627 -2.88 44.50 -22.88
CA TYR B 627 -2.36 43.29 -22.26
C TYR B 627 -3.14 42.91 -21.01
N GLU B 628 -3.34 43.88 -20.11
CA GLU B 628 -4.08 43.59 -18.90
C GLU B 628 -5.50 43.17 -19.28
N ARG B 629 -6.15 43.95 -20.14
CA ARG B 629 -7.52 43.63 -20.54
C ARG B 629 -7.66 42.17 -20.98
N GLU B 630 -6.75 41.70 -21.84
CA GLU B 630 -6.77 40.32 -22.35
C GLU B 630 -6.42 39.29 -21.28
N VAL B 631 -5.23 39.39 -20.70
CA VAL B 631 -4.84 38.46 -19.66
C VAL B 631 -5.97 38.36 -18.63
N SER B 632 -6.63 39.47 -18.34
CA SER B 632 -7.72 39.43 -17.37
C SER B 632 -8.82 38.51 -17.86
N LYS B 633 -9.37 38.83 -19.04
CA LYS B 633 -10.44 38.04 -19.65
C LYS B 633 -10.16 36.57 -19.53
N ARG B 634 -9.02 36.15 -20.08
CA ARG B 634 -8.65 34.77 -20.05
C ARG B 634 -8.58 34.21 -18.65
N ILE B 635 -8.07 34.96 -17.67
CA ILE B 635 -8.04 34.37 -16.33
C ILE B 635 -9.43 34.28 -15.72
N ASN B 636 -10.22 35.35 -15.77
CA ASN B 636 -11.58 35.25 -15.22
C ASN B 636 -12.32 34.15 -15.97
N ASP B 637 -12.09 34.11 -17.27
CA ASP B 637 -12.72 33.12 -18.13
C ASP B 637 -12.44 31.70 -17.65
N ASP B 638 -11.21 31.47 -17.17
CA ASP B 638 -10.86 30.15 -16.67
C ASP B 638 -11.65 29.91 -15.40
N ILE B 639 -11.44 30.78 -14.42
CA ILE B 639 -12.15 30.68 -13.14
C ILE B 639 -13.63 30.41 -13.37
N VAL B 640 -14.30 31.35 -14.05
CA VAL B 640 -15.72 31.19 -14.27
C VAL B 640 -16.18 29.88 -14.91
N SER B 641 -15.44 29.39 -15.88
CA SER B 641 -15.84 28.13 -16.53
C SER B 641 -15.68 26.93 -15.61
N ARG B 642 -14.54 26.81 -14.94
CA ARG B 642 -14.32 25.69 -14.05
C ARG B 642 -15.44 25.64 -13.01
N LYS B 643 -15.92 26.80 -12.60
CA LYS B 643 -16.99 26.86 -11.61
C LYS B 643 -18.32 26.42 -12.21
N SER B 644 -18.65 26.93 -13.40
CA SER B 644 -19.90 26.58 -14.06
C SER B 644 -19.93 25.08 -14.33
N GLU B 645 -18.74 24.53 -14.57
CA GLU B 645 -18.56 23.12 -14.83
C GLU B 645 -19.30 22.36 -13.73
N LEU B 646 -19.10 22.83 -12.50
CA LEU B 646 -19.72 22.23 -11.33
C LEU B 646 -21.17 22.66 -11.14
N ASP B 647 -21.44 23.95 -11.32
CA ASP B 647 -22.80 24.43 -11.14
C ASP B 647 -23.80 23.81 -12.08
N ASN B 648 -23.47 23.72 -13.37
CA ASN B 648 -24.41 23.13 -14.33
C ASN B 648 -24.86 21.71 -13.96
N LEU B 649 -23.97 20.93 -13.34
CA LEU B 649 -24.31 19.57 -12.93
C LEU B 649 -25.47 19.69 -11.94
N VAL B 650 -25.23 20.39 -10.85
CA VAL B 650 -26.27 20.60 -9.85
C VAL B 650 -27.57 21.10 -10.51
N LYS B 651 -27.48 22.15 -11.32
CA LYS B 651 -28.66 22.70 -11.98
C LYS B 651 -29.48 21.61 -12.68
N GLN B 652 -28.83 20.48 -12.98
CA GLN B 652 -29.51 19.39 -13.65
C GLN B 652 -29.98 18.32 -12.68
N LYS B 653 -29.11 17.92 -11.77
CA LYS B 653 -29.44 16.91 -10.78
C LYS B 653 -30.71 17.25 -10.03
N GLN B 654 -31.01 18.55 -9.98
CA GLN B 654 -32.20 19.04 -9.29
C GLN B 654 -33.35 19.31 -10.24
N THR B 655 -33.05 19.38 -11.54
CA THR B 655 -34.08 19.68 -12.52
C THR B 655 -34.48 18.55 -13.47
N ARG B 656 -33.54 18.01 -14.24
CA ARG B 656 -33.85 16.93 -15.15
C ARG B 656 -33.43 15.63 -14.51
N GLU B 657 -20.51 5.91 -9.18
CA GLU B 657 -21.20 7.04 -8.61
C GLU B 657 -22.66 6.55 -8.57
N ILE B 658 -23.20 6.50 -7.36
CA ILE B 658 -24.55 6.00 -7.16
C ILE B 658 -25.55 7.13 -6.98
N ASN B 659 -26.82 6.91 -7.35
CA ASN B 659 -27.82 7.94 -7.14
C ASN B 659 -28.37 7.63 -5.75
N ARG B 660 -27.85 8.34 -4.74
CA ARG B 660 -28.24 8.12 -3.36
C ARG B 660 -29.73 7.99 -3.06
N GLU B 661 -30.58 8.72 -3.77
CA GLU B 661 -32.00 8.59 -3.45
C GLU B 661 -32.59 7.36 -4.09
N SER B 662 -32.10 6.99 -5.27
CA SER B 662 -32.59 5.79 -5.93
C SER B 662 -32.11 4.58 -5.13
N GLU B 663 -30.90 4.68 -4.59
CA GLU B 663 -30.40 3.57 -3.81
C GLU B 663 -31.33 3.42 -2.61
N PHE B 664 -31.70 4.55 -2.02
CA PHE B 664 -32.57 4.51 -0.86
C PHE B 664 -33.85 3.74 -1.11
N ASN B 665 -34.52 4.01 -2.22
CA ASN B 665 -35.76 3.30 -2.51
C ASN B 665 -35.49 1.82 -2.75
N ARG B 666 -34.48 1.55 -3.57
CA ARG B 666 -34.12 0.19 -3.89
C ARG B 666 -33.91 -0.62 -2.62
N LEU B 667 -33.16 -0.07 -1.68
CA LEU B 667 -32.90 -0.77 -0.43
C LEU B 667 -34.10 -0.74 0.51
N LYS B 668 -34.85 0.35 0.52
CA LYS B 668 -36.04 0.43 1.36
C LYS B 668 -36.99 -0.63 0.85
N ASN B 669 -37.05 -0.73 -0.48
CA ASN B 669 -37.86 -1.73 -1.15
C ASN B 669 -37.43 -3.13 -0.71
N LEU B 670 -36.12 -3.41 -0.82
CA LEU B 670 -35.57 -4.71 -0.43
C LEU B 670 -36.14 -5.10 0.94
N GLN B 671 -35.95 -4.19 1.89
CA GLN B 671 -36.41 -4.35 3.25
C GLN B 671 -37.89 -4.74 3.36
N GLU B 672 -38.77 -4.00 2.68
CA GLU B 672 -40.21 -4.29 2.71
C GLU B 672 -40.51 -5.68 2.16
N ASP B 673 -40.03 -5.91 0.95
CA ASP B 673 -40.25 -7.16 0.27
C ASP B 673 -39.88 -8.37 1.12
N VAL B 674 -38.74 -8.32 1.78
CA VAL B 674 -38.36 -9.44 2.62
C VAL B 674 -39.34 -9.56 3.80
N ILE B 675 -39.48 -8.50 4.57
CA ILE B 675 -40.40 -8.52 5.71
C ILE B 675 -41.77 -9.03 5.28
N ALA B 676 -42.23 -8.58 4.13
CA ALA B 676 -43.52 -9.00 3.61
C ALA B 676 -43.57 -10.52 3.57
N GLN B 677 -42.53 -11.13 3.02
CA GLN B 677 -42.47 -12.58 2.93
C GLN B 677 -42.41 -13.27 4.29
N LEU B 678 -41.63 -12.71 5.21
CA LEU B 678 -41.51 -13.25 6.55
C LEU B 678 -42.88 -13.32 7.21
N GLN B 679 -43.66 -12.24 7.08
CA GLN B 679 -44.99 -12.17 7.68
C GLN B 679 -45.94 -13.26 7.21
N LYS B 680 -45.94 -13.52 5.91
CA LYS B 680 -46.80 -14.55 5.34
C LYS B 680 -46.50 -15.88 6.02
N ILE B 681 -45.20 -16.11 6.23
CA ILE B 681 -44.73 -17.32 6.88
C ILE B 681 -45.13 -17.27 8.34
N GLU B 682 -44.81 -16.16 8.99
CA GLU B 682 -45.17 -16.04 10.39
C GLU B 682 -46.64 -16.31 10.57
N ALA B 683 -47.43 -15.98 9.56
CA ALA B 683 -48.89 -16.19 9.59
C ALA B 683 -49.26 -17.66 9.50
N ALA B 684 -48.88 -18.27 8.38
CA ALA B 684 -49.12 -19.68 8.10
C ALA B 684 -48.89 -20.50 9.36
N TYR B 685 -47.80 -20.19 10.06
CA TYR B 685 -47.42 -20.86 11.27
C TYR B 685 -48.46 -20.60 12.34
N SER B 686 -48.67 -19.32 12.64
CA SER B 686 -49.62 -18.92 13.67
C SER B 686 -51.02 -19.46 13.43
N ASN B 687 -51.47 -19.37 12.19
CA ASN B 687 -52.79 -19.85 11.85
C ASN B 687 -52.90 -21.33 12.13
N LEU B 688 -52.02 -22.13 11.52
CA LEU B 688 -52.04 -23.57 11.72
C LEU B 688 -52.07 -23.91 13.21
N LEU B 689 -51.33 -23.15 14.00
CA LEU B 689 -51.31 -23.35 15.44
C LEU B 689 -52.66 -23.02 16.03
N ALA B 690 -53.16 -21.84 15.72
CA ALA B 690 -54.44 -21.40 16.23
C ALA B 690 -55.53 -22.38 15.85
N TYR B 691 -55.49 -22.91 14.64
CA TYR B 691 -56.50 -23.86 14.24
C TYR B 691 -56.55 -24.97 15.29
N TYR B 692 -55.38 -25.40 15.74
CA TYR B 692 -55.28 -26.45 16.73
C TYR B 692 -55.85 -25.98 18.07
N SER B 693 -55.77 -24.68 18.34
CA SER B 693 -56.30 -24.13 19.60
C SER B 693 -57.79 -24.41 19.74
N HIS B 694 -58.46 -24.54 18.60
CA HIS B 694 -59.89 -24.78 18.63
C HIS B 694 -60.27 -26.21 18.26
N HIS B 695 -59.33 -27.13 18.32
CA HIS B 695 -59.60 -28.54 17.99
C HIS B 695 -58.79 -29.53 18.82
C1 CPL C . 46.52 107.63 -54.95
C2 CPL C . 47.05 106.25 -54.57
C3 CPL C . 47.96 106.25 -53.37
C4 CPL C . 45.64 111.57 -55.57
C5 CPL C . 46.55 111.93 -56.73
C6 CPL C . 47.20 113.41 -58.41
C7 CPL C . 46.59 114.30 -56.33
C8 CPL C . 44.97 113.40 -57.80
C11 CPL C . 46.79 105.80 -51.25
C12 CPL C . 47.21 104.35 -51.31
C13 CPL C . 46.75 103.59 -50.10
C14 CPL C . 47.08 102.12 -50.18
C15 CPL C . 46.71 101.39 -48.92
C16 CPL C . 46.99 99.91 -48.99
C17 CPL C . 46.70 99.22 -47.69
C18 CPL C . 47.03 97.75 -47.72
C19 CPL C . 46.80 97.11 -46.38
C20 CPL C . 47.19 95.67 -46.33
C21 CPL C . 47.03 95.10 -44.94
C22 CPL C . 47.45 93.66 -44.84
C23 CPL C . 47.38 93.16 -43.41
C24 CPL C . 47.79 91.73 -43.29
C25 CPL C . 47.80 91.25 -41.85
C26 CPL C . 48.21 89.80 -41.71
C31 CPL C . 44.98 105.04 -55.20
C32 CPL C . 44.07 103.92 -54.82
C33 CPL C . 43.75 103.88 -53.34
C34 CPL C . 42.84 102.72 -53.02
C35 CPL C . 42.78 102.41 -51.55
C36 CPL C . 41.81 101.29 -51.24
C37 CPL C . 41.89 100.81 -49.80
C38 CPL C . 43.13 100.02 -49.50
C39 CPL C . 43.23 99.76 -48.04
C40 CPL C . 42.90 98.63 -47.45
C41 CPL C . 42.39 97.44 -48.19
C42 CPL C . 42.31 96.27 -47.24
C43 CPL C . 41.63 95.07 -47.85
C44 CPL C . 41.55 93.88 -46.93
C45 CPL C . 40.72 92.76 -47.49
C46 CPL C . 40.89 91.47 -46.73
C47 CPL C . 39.69 91.05 -45.93
C48 CPL C . 39.95 89.77 -45.16
N CPL C . 46.30 113.24 -57.29
O2 CPL C . 45.97 105.30 -54.35
O3 CPL C . 47.25 106.61 -52.19
O11 CPL C . 46.08 106.21 -50.36
O31 CPL C . 44.82 105.60 -56.26
O1P CPL C . 45.36 110.19 -52.76
O2P CPL C . 43.71 109.55 -54.53
O3P CPL C . 45.56 108.09 -54.00
O4P CPL C . 45.97 110.26 -55.12
P CPL C . 45.06 109.56 -54.03
PB GDP D . -12.00 -39.83 32.19
O1B GDP D . -10.73 -40.52 32.38
O2B GDP D . -11.87 -38.87 30.92
O3B GDP D . -12.39 -38.97 33.50
O3A GDP D . -13.19 -40.83 31.87
PA GDP D . -13.47 -41.90 33.06
O1A GDP D . -12.37 -42.86 33.31
O2A GDP D . -13.83 -41.13 34.42
O5' GDP D . -14.75 -42.68 32.49
C5' GDP D . -15.12 -43.64 33.42
C4' GDP D . -16.35 -44.32 32.89
O4' GDP D . -16.08 -44.88 31.61
C3' GDP D . -16.72 -45.40 33.89
O3' GDP D . -18.04 -45.20 34.43
C2' GDP D . -16.59 -46.72 33.13
O2' GDP D . -17.83 -47.44 33.16
C1' GDP D . -16.19 -46.31 31.69
N9 GDP D . -14.94 -46.96 31.28
C8 GDP D . -13.66 -46.50 31.46
N7 GDP D . -12.81 -47.36 30.94
C5 GDP D . -13.50 -48.39 30.41
C6 GDP D . -13.16 -49.60 29.73
O6 GDP D . -11.99 -49.89 29.50
N1 GDP D . -14.18 -50.43 29.32
C2 GDP D . -15.50 -50.12 29.57
N2 GDP D . -16.49 -50.96 29.16
N3 GDP D . -15.82 -49.01 30.19
C4 GDP D . -14.88 -48.13 30.62
C1 CPL E . 48.90 103.80 -59.17
C2 CPL E . 49.11 102.39 -58.67
C3 CPL E . 50.15 102.27 -57.56
C4 CPL E . 49.19 107.74 -60.03
C5 CPL E . 50.19 107.71 -61.18
C6 CPL E . 51.15 108.68 -63.04
C7 CPL E . 50.33 110.10 -61.39
C8 CPL E . 48.84 108.90 -62.77
C11 CPL E . 49.50 102.18 -55.20
C12 CPL E . 49.88 100.74 -55.17
C13 CPL E . 49.37 100.04 -53.93
C14 CPL E . 49.79 98.59 -53.93
C15 CPL E . 49.30 97.79 -52.74
C16 CPL E . 47.80 97.62 -52.68
C17 CPL E . 47.38 96.67 -51.60
C18 CPL E . 47.82 95.25 -51.86
C19 CPL E . 47.57 94.34 -50.67
C20 CPL E . 48.09 92.95 -50.92
C21 CPL E . 48.08 92.10 -49.69
C22 CPL E . 48.60 90.71 -49.94
C23 CPL E . 48.71 89.90 -48.68
C24 CPL E . 49.12 88.48 -48.94
C25 CPL E . 49.25 87.65 -47.67
C26 CPL E . 50.38 88.09 -46.77
C31 CPL E . 47.16 101.06 -59.08
C32 CPL E . 45.79 100.72 -58.62
C33 CPL E . 45.81 99.83 -57.39
C34 CPL E . 44.41 99.61 -56.87
C35 CPL E . 44.35 98.80 -55.60
C36 CPL E . 44.56 97.31 -55.78
C37 CPL E . 44.61 96.59 -54.45
C38 CPL E . 43.35 96.67 -53.63
C39 CPL E . 43.64 96.33 -52.21
C40 CPL E . 43.30 95.21 -51.62
C41 CPL E . 42.57 94.11 -52.30
C42 CPL E . 42.30 93.02 -51.29
C43 CPL E . 41.73 91.79 -51.96
C44 CPL E . 41.28 90.73 -51.00
C45 CPL E . 42.31 89.96 -50.23
C46 CPL E . 41.62 88.99 -49.30
C47 CPL E . 42.54 87.99 -48.66
C48 CPL E . 41.83 87.09 -47.69
N CPL E . 50.10 108.85 -62.05
O2 CPL E . 47.86 101.83 -58.25
O3 CPL E . 49.64 102.83 -56.34
O11 CPL E . 49.07 102.74 -54.22
O31 CPL E . 47.60 100.63 -60.12
O1P CPL E . 48.69 106.70 -57.06
O2P CPL E . 46.85 106.53 -58.74
O3P CPL E . 48.14 104.57 -58.22
O4P CPL E . 49.19 106.45 -59.44
P CPL E . 48.17 106.13 -58.28
C1 CPL F . 57.12 101.47 -62.87
C2 CPL F . 57.71 100.13 -62.56
C3 CPL F . 59.16 100.18 -62.09
C4 CPL F . 56.96 105.40 -63.66
C5 CPL F . 57.42 105.53 -65.09
C6 CPL F . 57.65 106.84 -66.98
C7 CPL F . 57.27 107.95 -65.01
C8 CPL F . 55.53 106.67 -65.99
C11 CPL F . 59.57 99.74 -59.72
C12 CPL F . 59.88 98.30 -60.04
C13 CPL F . 60.08 97.47 -58.80
C14 CPL F . 60.48 96.05 -59.12
C15 CPL F . 60.63 95.17 -57.90
C16 CPL F . 59.35 94.93 -57.15
C17 CPL F . 59.50 93.90 -56.04
C18 CPL F . 59.80 92.51 -56.55
C19 CPL F . 60.13 91.55 -55.45
C20 CPL F . 60.50 90.19 -55.99
C21 CPL F . 61.08 89.31 -54.92
C22 CPL F . 61.49 87.96 -55.44
C23 CPL F . 62.19 87.14 -54.39
C24 CPL F . 62.50 85.74 -54.87
C25 CPL F . 63.19 84.87 -53.84
C26 CPL F . 64.58 85.32 -53.48
C31 CPL F . 55.70 98.95 -61.96
C32 CPL F . 54.82 98.45 -60.85
C33 CPL F . 55.42 97.30 -60.11
C34 CPL F . 54.52 96.97 -58.94
C35 CPL F . 55.07 95.99 -57.94
C36 CPL F . 55.18 94.57 -58.43
C37 CPL F . 55.78 93.66 -57.39
C38 CPL F . 55.02 93.57 -56.09
C39 CPL F . 56.01 93.31 -55.03
C40 CPL F . 56.04 92.25 -54.26
C41 CPL F . 55.02 91.18 -54.23
C42 CPL F . 55.51 90.13 -53.27
C43 CPL F . 54.41 89.36 -52.60
C44 CPL F . 54.87 88.34 -51.57
C45 CPL F . 55.72 87.23 -52.14
C46 CPL F . 55.95 86.15 -51.09
C47 CPL F . 56.82 85.01 -51.60
C48 CPL F . 56.98 83.93 -50.56
N CPL F . 56.95 106.74 -65.72
O2 CPL F . 56.87 99.42 -61.61
O3 CPL F . 59.25 100.55 -60.72
O11 CPL F . 59.62 100.13 -58.59
O31 CPL F . 55.29 98.88 -63.10
O1P CPL F . 57.85 104.28 -60.80
O2P CPL F . 55.45 104.10 -61.53
O3P CPL F . 56.86 102.18 -61.66
O4P CPL F . 57.27 104.10 -63.17
P CPL F . 56.85 103.74 -61.68
C1 CPL G . 50.64 100.72 -65.15
C2 CPL G . 50.98 99.26 -64.91
C3 CPL G . 52.31 99.04 -64.20
C4 CPL G . 50.69 104.81 -65.50
C5 CPL G . 51.31 105.02 -66.87
C6 CPL G . 51.85 106.40 -68.65
C7 CPL G . 52.05 107.27 -66.50
C8 CPL G . 49.92 106.90 -67.45
C11 CPL G . 51.85 98.88 -61.78
C12 CPL G . 51.72 97.39 -61.89
C13 CPL G . 51.23 96.74 -60.62
C14 CPL G . 51.06 95.25 -60.79
C15 CPL G . 50.65 94.56 -59.52
C16 CPL G . 50.45 93.09 -59.74
C17 CPL G . 50.11 92.38 -58.46
C18 CPL G . 49.98 90.89 -58.66
C19 CPL G . 49.82 90.17 -57.34
C20 CPL G . 49.96 88.69 -57.49
C21 CPL G . 50.05 88.00 -56.16
C22 CPL G . 50.45 86.55 -56.28
C23 CPL G . 50.67 85.91 -54.93
C24 CPL G . 51.18 84.50 -55.07
C25 CPL G . 51.47 83.80 -53.76
C26 CPL G . 50.26 83.51 -52.94
C31 CPL G . 48.71 98.41 -64.68
C32 CPL G . 47.77 97.68 -63.79
C33 CPL G . 47.51 98.44 -62.51
C34 CPL G . 46.57 97.69 -61.60
C35 CPL G . 47.16 96.40 -61.09
C36 CPL G . 46.18 95.57 -60.31
C37 CPL G . 46.85 94.34 -59.74
C38 CPL G . 45.97 93.43 -58.94
C39 CPL G . 46.84 92.37 -58.39
C40 CPL G . 46.42 91.33 -57.71
C41 CPL G . 45.00 91.06 -57.42
C42 CPL G . 44.88 89.63 -57.00
C43 CPL G . 43.46 89.14 -57.16
C44 CPL G . 43.25 87.67 -56.90
C45 CPL G . 43.58 87.21 -55.51
C46 CPL G . 43.04 85.82 -55.28
C47 CPL G . 43.31 85.30 -53.90
C48 CPL G . 42.68 83.95 -53.66
N CPL G . 51.26 106.39 -67.33
O2 CPL G . 49.93 98.60 -64.18
O3 CPL G . 52.26 99.53 -62.86
O11 CPL G . 51.65 99.45 -60.73
O31 CPL G . 48.37 98.74 -65.79
O1P CPL G . 50.79 103.41 -62.73
O2P CPL G . 48.63 103.18 -64.00
O3P CPL G . 50.21 101.35 -63.94
O4P CPL G . 50.77 103.42 -65.18
P CPL G . 50.05 102.90 -63.86
C1 CPL H . 55.45 105.31 -58.69
C2 CPL H . 55.77 103.89 -58.39
C3 CPL H . 56.87 103.68 -57.36
C4 CPL H . 55.05 109.07 -59.46
C5 CPL H . 55.95 109.11 -60.67
C6 CPL H . 56.51 110.01 -62.70
C7 CPL H . 55.36 111.38 -61.24
C8 CPL H . 54.25 109.57 -62.28
C11 CPL H . 56.81 103.26 -54.96
C12 CPL H . 57.42 101.91 -55.22
C13 CPL H . 57.47 101.09 -53.95
C14 CPL H . 57.57 99.61 -54.23
C15 CPL H . 57.63 98.76 -52.97
C16 CPL H . 56.53 99.04 -51.97
C17 CPL H . 56.44 97.99 -50.88
C18 CPL H . 55.85 96.70 -51.39
C19 CPL H . 55.78 95.60 -50.36
C20 CPL H . 57.14 95.09 -49.96
C21 CPL H . 57.08 93.92 -49.02
C22 CPL H . 58.47 93.44 -48.68
C23 CPL H . 58.51 92.29 -47.71
C24 CPL H . 59.92 91.96 -47.34
C25 CPL H . 60.03 90.89 -46.28
C26 CPL H . 61.44 90.73 -45.77
C31 CPL H . 54.45 101.90 -57.90
C32 CPL H . 53.14 101.41 -57.40
C33 CPL H . 53.23 101.54 -55.90
C34 CPL H . 52.19 100.79 -55.16
C35 CPL H . 52.63 100.69 -53.73
C36 CPL H . 51.87 99.63 -52.99
C37 CPL H . 52.65 99.20 -51.78
C38 CPL H . 52.22 97.87 -51.24
C39 CPL H . 50.87 97.96 -50.62
C40 CPL H . 50.26 96.87 -50.20
C41 CPL H . 50.86 95.52 -50.36
C42 CPL H . 51.51 95.05 -49.08
C43 CPL H . 52.22 93.73 -49.30
C44 CPL H . 52.47 92.99 -48.02
C45 CPL H . 53.13 91.65 -48.24
C46 CPL H . 53.09 90.80 -46.98
C47 CPL H . 53.68 89.43 -47.16
C48 CPL H . 53.46 88.54 -45.97
N CPL H . 55.49 110.02 -61.69
O2 CPL H . 54.56 103.19 -58.01
O3 CPL H . 56.38 103.92 -56.02
O11 CPL H . 56.58 103.65 -53.84
O31 CPL H . 55.33 101.09 -58.14
O1P CPL H . 55.08 107.94 -56.27
O2P CPL H . 53.17 107.61 -57.85
O3P CPL H . 54.78 105.88 -57.57
O4P CPL H . 55.46 107.94 -58.69
P CPL H . 54.57 107.41 -57.51
C1 CPL I . 26.51 68.89 -42.17
C2 CPL I . 26.45 69.80 -43.36
C3 CPL I . 25.28 70.78 -43.36
C4 CPL I . 26.17 66.55 -38.91
C5 CPL I . 25.46 65.28 -39.36
C6 CPL I . 24.67 63.16 -38.76
C7 CPL I . 24.62 64.80 -37.18
C8 CPL I . 26.68 63.86 -37.86
C11 CPL I . 26.01 73.00 -42.61
C12 CPL I . 26.12 73.43 -44.05
C13 CPL I . 26.50 74.88 -44.15
C14 CPL I . 26.74 75.35 -45.56
C15 CPL I . 26.99 76.82 -45.57
C16 CPL I . 27.31 77.37 -46.93
C17 CPL I . 27.44 78.87 -46.91
C18 CPL I . 27.69 79.46 -48.27
C19 CPL I . 27.74 80.96 -48.21
C20 CPL I . 27.92 81.59 -49.55
C21 CPL I . 27.86 83.10 -49.44
C22 CPL I . 28.01 83.78 -50.77
C23 CPL I . 27.84 85.28 -50.65
C24 CPL I . 27.96 85.98 -51.98
C25 CPL I . 27.72 87.46 -51.87
C26 CPL I . 27.84 88.17 -53.18
C31 CPL I . 28.93 69.97 -43.63
C32 CPL I . 29.97 70.83 -44.22
C33 CPL I . 29.93 72.23 -43.65
C34 CPL I . 31.06 73.06 -44.19
C35 CPL I . 30.90 74.51 -43.85
C36 CPL I . 32.09 75.34 -44.27
C37 CPL I . 31.80 76.81 -44.21
C38 CPL I . 30.83 77.24 -45.27
C39 CPL I . 30.35 78.62 -45.00
C40 CPL I . 30.88 79.70 -45.55
C41 CPL I . 32.01 79.70 -46.49
C42 CPL I . 32.07 81.05 -47.16
C43 CPL I . 33.36 81.28 -47.90
C44 CPL I . 33.35 82.59 -48.65
C45 CPL I . 34.74 83.06 -49.00
C46 CPL I . 34.73 84.28 -49.90
C47 CPL I . 36.09 84.90 -50.03
C48 CPL I . 36.08 86.12 -50.93
N CPL I . 25.38 64.31 -38.29
O2 CPL I . 27.68 70.47 -43.66
O3 CPL I . 25.54 71.79 -42.38
O11 CPL I . 26.31 73.73 -41.71
O31 CPL I . 29.22 68.90 -43.17
O1P CPL I . 26.06 69.67 -38.75
O2P CPL I . 28.26 68.57 -39.27
O3P CPL I . 26.95 69.61 -41.02
O4P CPL I . 26.14 67.55 -39.93
P CPL I . 26.89 68.90 -39.64
C1 CPL J . 53.23 76.77 -21.29
C2 CPL J . 53.61 78.20 -21.56
C3 CPL J . 55.02 78.38 -22.09
C4 CPL J . 53.05 72.79 -20.61
C5 CPL J . 53.54 72.59 -19.18
C6 CPL J . 53.94 71.02 -17.46
C7 CPL J . 54.19 70.32 -19.62
C8 CPL J . 52.03 70.77 -18.74
C11 CPL J . 54.86 78.61 -24.52
C12 CPL J . 54.73 80.10 -24.37
C13 CPL J . 54.40 80.77 -25.68
C14 CPL J . 54.24 82.26 -25.53
C15 CPL J . 54.02 82.91 -26.87
C16 CPL J . 53.82 84.39 -26.75
C17 CPL J . 53.68 85.02 -28.10
C18 CPL J . 53.52 86.51 -28.01
C19 CPL J . 53.56 87.14 -29.37
C20 CPL J . 53.67 88.64 -29.30
C21 CPL J . 53.98 89.22 -30.65
C22 CPL J . 54.35 90.67 -30.59
C23 CPL J . 54.78 91.21 -31.92
C24 CPL J . 55.34 92.60 -31.80
C25 CPL J . 55.79 93.25 -33.07
C26 CPL J . 54.67 93.64 -34.00
C31 CPL J . 51.35 78.93 -22.22
C32 CPL J . 50.61 79.80 -23.17
C33 CPL J . 50.39 79.07 -24.46
C34 CPL J . 49.57 79.88 -25.43
C35 CPL J . 50.29 81.13 -25.88
C36 CPL J . 49.44 81.96 -26.79
C37 CPL J . 50.22 83.14 -27.27
C38 CPL J . 49.50 84.01 -28.27
C39 CPL J . 50.47 85.06 -28.64
C40 CPL J . 50.23 86.03 -29.49
C41 CPL J . 48.95 86.21 -30.19
C42 CPL J . 48.90 87.63 -30.66
C43 CPL J . 47.49 88.06 -30.90
C44 CPL J . 47.33 89.54 -31.14
C45 CPL J . 47.89 90.01 -32.45
C46 CPL J . 47.43 91.42 -32.70
C47 CPL J . 47.77 91.90 -34.09
C48 CPL J . 47.17 93.24 -34.40
N CPL J . 53.40 71.19 -18.79
O2 CPL J . 52.65 78.87 -22.42
O3 CPL J . 55.12 77.91 -23.43
O11 CPL J . 54.78 78.08 -25.61
O31 CPL J . 50.74 78.34 -21.36
O1P CPL J . 53.64 73.95 -23.43
O2P CPL J . 51.32 74.27 -22.52
O3P CPL J . 52.90 76.09 -22.50
O4P CPL J . 53.25 74.14 -21.02
P CPL J . 52.74 74.54 -22.47
C1 CPL K . 28.94 64.55 -48.84
C2 CPL K . 28.76 65.46 -50.02
C3 CPL K . 27.40 66.13 -50.10
C4 CPL K . 28.52 62.13 -45.63
C5 CPL K . 27.96 60.82 -46.16
C6 CPL K . 27.30 58.61 -45.61
C7 CPL K . 27.00 60.24 -44.03
C8 CPL K . 29.18 59.47 -44.58
C11 CPL K . 27.66 68.38 -49.17
C12 CPL K . 28.01 68.91 -50.54
C13 CPL K . 28.46 70.35 -50.50
C14 CPL K . 28.82 70.87 -51.85
C15 CPL K . 29.17 72.33 -51.78
C16 CPL K . 29.59 72.88 -53.12
C17 CPL K . 29.85 74.34 -53.04
C18 CPL K . 30.21 74.92 -54.37
C19 CPL K . 30.30 76.43 -54.32
C20 CPL K . 30.42 77.05 -55.68
C21 CPL K . 30.22 78.53 -55.60
C22 CPL K . 30.06 79.17 -56.96
C23 CPL K . 29.75 80.63 -56.87
C24 CPL K . 29.39 81.19 -58.22
C25 CPL K . 29.06 82.66 -58.25
C26 CPL K . 30.26 83.56 -58.04
C31 CPL K . 31.13 66.17 -50.09
C32 CPL K . 32.01 67.34 -50.35
C33 CPL K . 32.14 68.15 -49.08
C34 CPL K . 33.10 69.29 -49.27
C35 CPL K . 32.59 70.32 -50.23
C36 CPL K . 33.57 71.43 -50.45
C37 CPL K . 32.97 72.46 -51.36
C38 CPL K . 33.84 73.67 -51.58
C39 CPL K . 33.04 74.55 -52.46
C40 CPL K . 33.43 75.73 -52.89
C41 CPL K . 34.76 76.31 -52.58
C42 CPL K . 35.01 77.37 -53.61
C43 CPL K . 36.48 77.66 -53.71
C44 CPL K . 36.86 78.53 -54.89
C45 CPL K . 36.41 79.94 -54.77
C46 CPL K . 37.06 80.77 -55.84
C47 CPL K . 36.84 82.24 -55.66
C48 CPL K . 37.64 83.07 -56.64
N CPL K . 27.89 59.82 -45.10
O2 CPL K . 29.83 66.44 -50.11
O3 CPL K . 27.29 67.13 -49.09
O11 CPL K . 27.69 69.10 -48.20
O31 CPL K . 31.62 65.09 -49.92
O1P CPL K . 28.17 65.21 -45.42
O2P CPL K . 30.48 64.33 -45.85
O3P CPL K . 29.18 65.28 -47.65
O4P CPL K . 28.52 63.12 -46.65
P CPL K . 29.12 64.54 -46.28
C1 CPL L . 13.62 69.24 -54.15
C2 CPL L . 13.89 70.12 -55.32
C3 CPL L . 12.94 71.29 -55.45
C4 CPL L . 12.42 67.02 -51.00
C5 CPL L . 11.57 65.90 -51.57
C6 CPL L . 10.34 63.95 -51.13
C7 CPL L . 10.35 65.59 -49.53
C8 CPL L . 12.30 64.30 -49.93
C11 CPL L . 13.94 73.36 -54.58
C12 CPL L . 14.33 73.75 -55.98
C13 CPL L . 14.96 75.12 -56.00
C14 CPL L . 15.48 75.51 -57.36
C15 CPL L . 15.99 76.92 -57.31
C16 CPL L . 16.58 77.39 -58.60
C17 CPL L . 16.97 78.84 -58.54
C18 CPL L . 17.51 79.36 -59.84
C19 CPL L . 17.82 80.83 -59.74
C20 CPL L . 18.30 81.42 -61.03
C21 CPL L . 18.50 82.91 -60.92
C22 CPL L . 18.94 83.55 -62.20
C23 CPL L . 19.03 85.05 -62.08
C24 CPL L . 19.47 85.70 -63.36
C25 CPL L . 19.48 87.20 -63.26
C26 CPL L . 19.90 87.87 -64.53
C31 CPL L . 16.38 69.85 -55.22
C32 CPL L . 17.65 70.50 -55.65
C33 CPL L . 17.76 71.89 -55.08
C34 CPL L . 19.09 72.50 -55.43
C35 CPL L . 19.14 73.96 -55.10
C36 CPL L . 20.51 74.56 -55.33
C37 CPL L . 20.47 76.06 -55.28
C38 CPL L . 19.75 76.66 -56.47
C39 CPL L . 19.51 78.10 -56.24
C40 CPL L . 20.28 79.06 -56.70
C41 CPL L . 21.52 78.85 -57.47
C42 CPL L . 21.91 80.16 -58.10
C43 CPL L . 23.31 80.16 -58.66
C44 CPL L . 23.64 81.43 -59.37
C45 CPL L . 25.12 81.65 -59.51
C46 CPL L . 25.46 82.84 -60.37
C47 CPL L . 26.92 83.21 -60.31
C48 CPL L . 27.25 84.40 -61.17
N CPL L . 11.17 64.96 -50.54
O2 CPL L . 15.26 70.57 -55.44
O3 CPL L . 13.23 72.25 -54.44
O11 CPL L . 14.22 74.03 -53.64
O31 CPL L . 16.41 68.75 -54.76
O1P CPL L . 12.85 70.12 -50.81
O2P CPL L . 14.87 68.64 -51.04
O3P CPL L . 14.02 69.86 -52.94
O4P CPL L . 12.71 67.98 -52.00
P CPL L . 13.65 69.18 -51.59
C1 CPL M . 39.72 66.01 -36.55
C2 CPL M . 39.66 66.94 -37.74
C3 CPL M . 38.40 67.78 -37.80
C4 CPL M . 39.38 63.57 -33.37
C5 CPL M . 38.88 62.25 -33.91
C6 CPL M . 38.27 60.03 -33.41
C7 CPL M . 37.90 61.62 -31.80
C8 CPL M . 40.12 60.93 -32.32
C11 CPL M . 38.81 70.05 -36.97
C12 CPL M . 38.98 70.53 -38.38
C13 CPL M . 39.20 72.02 -38.42
C14 CPL M . 39.51 72.55 -39.80
C15 CPL M . 39.59 74.05 -39.77
C16 CPL M . 39.95 74.65 -41.09
C17 CPL M . 39.91 76.15 -41.04
C18 CPL M . 40.20 76.80 -42.36
C19 CPL M . 40.08 78.29 -42.26
C20 CPL M . 40.29 78.99 -43.58
C21 CPL M . 40.07 80.46 -43.45
C22 CPL M . 40.24 81.19 -44.76
C23 CPL M . 39.89 82.66 -44.63
C24 CPL M . 40.04 83.41 -45.93
C25 CPL M . 39.63 84.84 -45.82
C26 CPL M . 39.77 85.60 -47.10
C31 CPL M . 42.12 67.40 -37.77
C32 CPL M . 43.12 68.39 -38.26
C33 CPL M . 42.87 69.76 -37.68
C34 CPL M . 43.93 70.72 -38.09
C35 CPL M . 43.57 72.14 -37.76
C36 CPL M . 44.70 73.10 -38.06
C37 CPL M . 44.23 74.53 -37.99
C38 CPL M . 43.32 74.88 -39.14
C39 CPL M . 42.67 76.19 -38.88
C40 CPL M . 43.10 77.33 -39.37
C41 CPL M . 44.31 77.49 -40.21
C42 CPL M . 44.27 78.84 -40.86
C43 CPL M . 45.58 79.24 -41.47
C44 CPL M . 45.49 80.56 -42.20
C45 CPL M . 46.84 81.20 -42.42
C46 CPL M . 46.77 82.42 -43.29
C47 CPL M . 48.05 83.20 -43.30
C48 CPL M . 47.98 84.43 -44.17
N CPL M . 38.81 61.25 -32.86
O2 CPL M . 40.83 67.77 -37.91
O3 CPL M . 38.46 68.79 -36.80
O11 CPL M . 38.94 70.79 -36.03
O31 CPL M . 42.50 66.36 -37.32
O1P CPL M . 38.91 66.66 -33.17
O2P CPL M . 41.25 65.83 -33.52
O3P CPL M . 39.99 66.74 -35.36
O4P CPL M . 39.32 64.58 -34.37
P CPL M . 39.90 66.01 -34.00
C1 CPL N . 50.49 80.53 -15.54
C2 CPL N . 50.47 82.00 -15.74
C3 CPL N . 51.57 82.56 -16.61
C4 CPL N . 51.01 76.74 -14.98
C5 CPL N . 51.74 76.85 -13.67
C6 CPL N . 52.27 75.97 -11.62
C7 CPL N . 51.70 74.47 -13.29
C8 CPL N . 50.03 75.84 -12.32
C11 CPL N . 51.68 83.12 -18.97
C12 CPL N . 51.89 84.56 -18.57
C13 CPL N . 51.88 85.46 -19.78
C14 CPL N . 51.54 86.89 -19.44
C15 CPL N . 51.53 87.82 -20.64
C16 CPL N . 50.67 87.34 -21.79
C17 CPL N . 50.43 88.41 -22.84
C18 CPL N . 49.47 89.47 -22.36
C19 CPL N . 49.23 90.59 -23.34
C20 CPL N . 50.45 91.46 -23.54
C21 CPL N . 50.20 92.64 -24.44
C22 CPL N . 51.43 93.50 -24.54
C23 CPL N . 51.28 94.67 -25.46
C24 CPL N . 52.59 95.40 -25.62
C25 CPL N . 52.54 96.53 -26.62
C26 CPL N . 53.91 97.07 -26.93
C31 CPL N . 48.73 83.62 -16.31
C32 CPL N . 47.41 83.79 -16.97
C33 CPL N . 47.70 83.79 -18.44
C34 CPL N . 46.59 84.31 -19.29
C35 CPL N . 47.16 84.64 -20.64
C36 CPL N . 46.24 85.51 -21.43
C37 CPL N . 47.02 86.21 -22.50
C38 CPL N . 46.32 87.42 -23.03
C39 CPL N . 45.13 87.04 -23.83
C40 CPL N . 44.30 87.96 -24.28
C41 CPL N . 44.51 89.40 -23.99
C42 CPL N . 45.15 90.12 -25.16
C43 CPL N . 45.47 91.55 -24.80
C44 CPL N . 45.65 92.43 -26.00
C45 CPL N . 45.90 93.87 -25.64
C46 CPL N . 45.79 94.77 -26.84
C47 CPL N . 45.98 96.24 -26.53
C48 CPL N . 45.67 97.12 -27.71
N CPL N . 51.41 75.78 -12.76
O2 CPL N . 49.17 82.39 -16.24
O3 CPL N . 51.32 82.29 -17.99
O11 CPL N . 51.71 82.77 -20.12
O31 CPL N . 49.34 84.60 -15.92
O1P CPL N . 51.12 78.07 -18.10
O2P CPL N . 49.03 77.78 -16.77
O3P CPL N . 50.13 79.89 -16.76
O4P CPL N . 51.19 77.99 -15.65
P CPL N . 50.35 78.37 -16.92
C1 CPL O . 62.62 65.94 -38.51
C2 CPL O . 62.76 67.36 -38.95
C3 CPL O . 64.09 67.72 -39.58
C4 CPL O . 63.76 62.19 -37.62
C5 CPL O . 64.40 62.29 -36.25
C6 CPL O . 65.21 61.21 -34.37
C7 CPL O . 64.96 59.93 -36.27
C8 CPL O . 63.05 60.69 -35.10
C11 CPL O . 64.08 68.12 -42.00
C12 CPL O . 63.97 69.60 -41.75
C13 CPL O . 63.77 70.37 -43.03
C14 CPL O . 63.75 71.87 -42.81
C15 CPL O . 63.50 72.68 -44.06
C16 CPL O . 62.12 72.48 -44.66
C17 CPL O . 61.83 73.43 -45.78
C18 CPL O . 61.75 74.87 -45.35
C19 CPL O . 61.65 75.83 -46.52
C20 CPL O . 61.65 77.25 -46.07
C21 CPL O . 61.82 78.21 -47.22
C22 CPL O . 61.86 79.65 -46.78
C23 CPL O . 62.15 80.57 -47.93
C24 CPL O . 62.09 82.02 -47.53
C25 CPL O . 62.35 83.00 -48.66
C26 CPL O . 63.77 82.96 -49.17
C31 CPL O . 60.43 67.86 -39.30
C32 CPL O . 59.32 68.02 -40.30
C33 CPL O . 59.50 69.27 -41.13
C34 CPL O . 58.42 69.25 -42.18
C35 CPL O . 58.56 70.28 -43.27
C36 CPL O . 58.25 71.70 -42.85
C37 CPL O . 58.39 72.66 -44.00
C38 CPL O . 57.47 72.36 -45.17
C39 CPL O . 58.19 72.73 -46.41
C40 CPL O . 57.91 73.76 -47.16
C41 CPL O . 56.76 74.67 -46.95
C42 CPL O . 56.93 75.85 -47.86
C43 CPL O . 55.69 76.14 -48.65
C44 CPL O . 55.78 77.19 -49.72
C45 CPL O . 56.00 78.61 -49.24
C46 CPL O . 55.72 79.56 -50.38
C47 CPL O . 56.13 80.99 -50.09
C48 CPL O . 55.78 81.91 -51.22
N CPL O . 64.39 61.03 -35.53
O2 CPL O . 61.63 67.73 -39.80
O3 CPL O . 64.13 67.31 -40.95
O11 CPL O . 64.12 67.69 -43.12
O31 CPL O . 60.16 67.87 -38.12
O1P CPL O . 63.91 63.33 -40.58
O2P CPL O . 61.69 62.85 -39.54
O3P CPL O . 62.45 65.10 -39.65
O4P CPL O . 63.60 63.49 -38.15
P CPL O . 62.91 63.62 -39.58
C1 CPL P . 37.16 75.33 -24.45
C2 CPL P . 37.81 76.68 -24.53
C3 CPL P . 39.30 76.66 -24.80
C4 CPL P . 36.26 71.40 -24.11
C5 CPL P . 36.44 71.05 -22.65
C6 CPL P . 36.28 69.35 -21.02
C7 CPL P . 36.82 68.73 -23.15
C8 CPL P . 34.62 69.48 -22.63
C11 CPL P . 39.62 77.03 -27.19
C12 CPL P . 39.70 78.51 -26.96
C13 CPL P . 39.72 79.29 -28.24
C14 CPL P . 39.77 80.77 -28.00
C15 CPL P . 39.90 81.52 -29.30
C16 CPL P . 39.90 83.01 -29.10
C17 CPL P . 40.11 83.72 -30.41
C18 CPL P . 40.17 85.21 -30.23
C19 CPL P . 40.56 85.88 -31.51
C20 CPL P . 40.88 87.34 -31.30
C21 CPL P . 41.51 87.93 -32.54
C22 CPL P . 42.08 89.29 -32.30
C23 CPL P . 42.82 89.81 -33.49
C24 CPL P . 43.57 91.08 -33.16
C25 CPL P . 44.34 91.72 -34.29
C26 CPL P . 43.48 92.33 -35.36
C31 CPL P . 35.85 77.81 -25.52
C32 CPL P . 35.43 78.84 -26.51
C33 CPL P . 35.35 78.21 -27.87
C34 CPL P . 34.85 79.20 -28.90
C35 CPL P . 35.82 80.33 -29.11
C36 CPL P . 35.29 81.33 -30.10
C37 CPL P . 36.32 82.38 -30.34
C38 CPL P . 35.94 83.41 -31.38
C39 CPL P . 37.11 84.31 -31.50
C40 CPL P . 37.18 85.34 -32.29
C41 CPL P . 36.08 85.76 -33.19
C42 CPL P . 36.35 87.20 -33.54
C43 CPL P . 35.08 87.87 -33.99
C44 CPL P . 35.20 89.36 -34.14
C45 CPL P . 36.05 89.80 -35.30
C46 CPL P . 35.87 91.27 -35.51
C47 CPL P . 36.53 91.75 -36.79
C48 CPL P . 36.21 93.20 -37.08
N CPL P . 36.03 69.68 -22.39
O2 CPL P . 37.14 77.54 -25.49
O3 CPL P . 39.57 76.24 -26.13
O11 CPL P . 39.66 76.57 -28.32
O31 CPL P . 35.00 77.29 -24.82
O1P CPL P . 37.53 72.59 -26.70
O2P CPL P . 35.16 73.24 -26.17
O3P CPL P . 36.97 74.77 -25.74
O4P CPL P . 36.75 72.72 -24.38
P CPL P . 36.57 73.27 -25.86
C1 CPL Q . 56.98 73.25 -27.78
C2 CPL Q . 57.27 74.70 -28.04
C3 CPL Q . 58.57 74.97 -28.77
C4 CPL Q . 56.70 69.28 -27.17
C5 CPL Q . 57.22 69.04 -25.76
C6 CPL Q . 57.63 67.46 -24.07
C7 CPL Q . 57.83 66.76 -26.24
C8 CPL Q . 55.69 67.24 -25.32
C11 CPL Q . 58.18 75.38 -31.16
C12 CPL Q . 58.22 76.86 -30.89
C13 CPL Q . 58.09 77.64 -32.18
C14 CPL Q . 58.03 79.13 -31.98
C15 CPL Q . 58.02 79.82 -33.32
C16 CPL Q . 57.89 81.31 -33.20
C17 CPL Q . 58.01 81.97 -34.56
C18 CPL Q . 57.95 83.47 -34.49
C19 CPL Q . 58.14 84.07 -35.84
C20 CPL Q . 58.17 85.58 -35.82
C21 CPL Q . 58.45 86.13 -37.19
C22 CPL Q . 58.52 87.64 -37.21
C23 CPL Q . 58.92 88.16 -38.57
C24 CPL Q . 59.00 89.67 -38.59
C25 CPL Q . 59.46 90.18 -39.93
C26 CPL Q . 59.57 91.69 -39.98
C31 CPL Q . 54.87 75.35 -28.35
C32 CPL Q . 54.01 76.41 -28.96
C33 CPL Q . 54.26 76.52 -30.44
C34 CPL Q . 53.30 77.48 -31.09
C35 CPL Q . 53.68 77.77 -32.51
C36 CPL Q . 52.64 78.59 -33.23
C37 CPL Q . 53.18 79.15 -34.52
C38 CPL Q . 54.20 80.24 -34.26
C39 CPL Q . 54.93 80.59 -35.50
C40 CPL Q . 54.61 81.58 -36.30
C41 CPL Q . 53.46 82.49 -36.10
C42 CPL Q . 53.59 83.60 -37.12
C43 CPL Q . 52.40 84.52 -37.19
C44 CPL Q . 52.61 85.61 -38.22
C45 CPL Q . 51.37 86.46 -38.32
C46 CPL Q . 51.46 87.73 -39.12
C47 CPL Q . 51.10 87.55 -40.58
C48 CPL Q . 51.09 88.87 -41.31
N CPL Q . 57.07 67.64 -25.38
O2 CPL Q . 56.19 75.44 -28.64
O3 CPL Q . 58.43 74.58 -30.13
O11 CPL Q . 57.94 74.94 -32.25
O31 CPL Q . 54.38 74.52 -27.65
O1P CPL Q . 57.28 70.49 -29.98
O2P CPL Q . 54.99 70.79 -29.02
O3P CPL Q . 56.57 72.61 -28.99
O4P CPL Q . 56.95 70.62 -27.56
P CPL Q . 56.41 71.06 -28.98
C1 CPL R . 60.09 70.07 -33.64
C2 CPL R . 60.32 71.55 -33.82
C3 CPL R . 61.69 71.92 -34.33
C4 CPL R . 60.40 66.07 -33.22
C5 CPL R . 60.92 65.83 -31.82
C6 CPL R . 61.53 64.19 -30.22
C7 CPL R . 61.83 63.68 -32.41
C8 CPL R . 59.64 63.82 -31.50
C11 CPL R . 61.48 72.30 -36.76
C12 CPL R . 61.19 73.75 -36.50
C13 CPL R . 60.78 74.46 -37.76
C14 CPL R . 60.43 75.91 -37.51
C15 CPL R . 60.11 76.61 -38.80
C16 CPL R . 59.74 78.05 -38.58
C17 CPL R . 59.50 78.75 -39.88
C18 CPL R . 59.18 80.21 -39.69
C19 CPL R . 59.14 80.94 -41.00
C20 CPL R . 59.08 82.43 -40.79
C21 CPL R . 59.30 83.16 -42.09
C22 CPL R . 59.50 84.64 -41.89
C23 CPL R . 59.84 85.34 -43.17
C24 CPL R . 60.17 86.79 -42.93
C25 CPL R . 60.57 87.56 -44.16
C26 CPL R . 59.45 87.77 -45.15
C31 CPL R . 57.98 72.05 -34.42
C32 CPL R . 57.13 72.90 -35.30
C33 CPL R . 56.98 72.23 -36.64
C34 CPL R . 56.05 73.00 -37.53
C35 CPL R . 56.62 74.35 -37.90
C36 CPL R . 55.65 75.14 -38.76
C37 CPL R . 56.30 76.42 -39.16
C38 CPL R . 55.48 77.27 -40.09
C39 CPL R . 56.31 78.45 -40.40
C40 CPL R . 55.95 79.44 -41.18
C41 CPL R . 54.65 79.51 -41.86
C42 CPL R . 54.43 80.95 -42.23
C43 CPL R . 52.97 81.23 -42.44
C44 CPL R . 52.63 82.68 -42.57
C45 CPL R . 53.12 83.30 -43.85
C46 CPL R . 52.51 84.66 -44.02
C47 CPL R . 52.76 85.27 -45.37
C48 CPL R . 52.00 86.56 -45.58
N CPL R . 60.96 64.40 -31.52
O2 CPL R . 59.28 72.16 -34.63
O3 CPL R . 61.81 71.55 -35.71
O11 CPL R . 61.44 71.83 -37.87
O31 CPL R . 57.44 71.34 -33.59
O1P CPL R . 60.80 67.45 -35.97
O2P CPL R . 58.48 67.46 -35.01
O3P CPL R . 59.86 69.44 -34.89
O4P CPL R . 60.45 67.45 -33.55
P CPL R . 59.87 67.88 -34.96
C1 CPL S . 34.86 80.85 -18.58
C2 CPL S . 35.32 82.23 -18.99
C3 CPL S . 36.82 82.35 -19.22
C4 CPL S . 34.58 77.04 -17.30
C5 CPL S . 34.65 77.22 -15.80
C6 CPL S . 34.24 76.47 -13.66
C7 CPL S . 34.67 74.85 -15.29
C8 CPL S . 32.62 76.06 -15.28
C11 CPL S . 37.78 82.20 -21.47
C12 CPL S . 38.03 83.68 -21.43
C13 CPL S . 38.45 84.24 -22.77
C14 CPL S . 38.74 85.71 -22.67
C15 CPL S . 39.11 86.36 -23.97
C16 CPL S . 37.98 86.41 -24.97
C17 CPL S . 38.31 87.25 -26.18
C18 CPL S . 38.47 88.72 -25.86
C19 CPL S . 39.01 89.51 -27.01
C20 CPL S . 39.22 90.96 -26.65
C21 CPL S . 39.98 91.70 -27.71
C22 CPL S . 40.20 93.15 -27.34
C23 CPL S . 41.08 93.86 -28.36
C24 CPL S . 41.21 95.33 -28.07
C25 CPL S . 42.10 96.05 -29.06
C26 CPL S . 43.55 95.64 -28.99
C31 CPL S . 33.53 83.43 -20.02
C32 CPL S . 32.73 83.64 -21.27
C33 CPL S . 33.50 84.43 -22.30
C34 CPL S . 32.73 84.51 -23.60
C35 CPL S . 33.46 85.21 -24.72
C36 CPL S . 33.50 86.72 -24.61
C37 CPL S . 34.36 87.35 -25.68
C38 CPL S . 33.88 87.11 -27.10
C39 CPL S . 35.00 87.35 -28.04
C40 CPL S . 35.09 88.39 -28.84
C41 CPL S . 34.08 89.48 -28.88
C42 CPL S . 34.48 90.47 -29.95
C43 CPL S . 33.61 91.69 -29.91
C44 CPL S . 33.84 92.65 -31.06
C45 CPL S . 35.12 93.43 -31.10
C46 CPL S . 35.14 94.28 -32.36
C47 CPL S . 36.25 95.29 -32.39
C48 CPL S . 36.30 96.06 -33.68
N CPL S . 34.04 76.14 -15.05
O2 CPL S . 34.59 82.66 -20.15
O3 CPL S . 37.19 81.66 -20.42
O11 CPL S . 38.07 81.55 -22.43
O31 CPL S . 33.20 83.98 -18.99
O1P CPL S . 36.04 77.81 -20.05
O2P CPL S . 33.55 77.96 -19.88
O3P CPL S . 34.85 79.96 -19.71
O4P CPL S . 34.95 78.26 -17.91
P CPL S . 34.87 78.42 -19.47
C1 CPL T . 39.02 106.28 -63.10
C2 CPL T . 38.96 104.80 -63.02
C3 CPL T . 39.63 104.20 -61.79
C4 CPL T . 39.60 110.09 -63.18
C5 CPL T . 40.81 110.08 -64.07
C6 CPL T . 42.15 111.08 -65.64
C7 CPL T . 40.87 112.48 -64.31
C8 CPL T . 39.82 111.15 -65.96
C11 CPL T . 38.76 103.49 -59.64
C12 CPL T . 39.16 102.08 -59.99
C13 CPL T . 38.67 101.09 -58.94
C14 CPL T . 38.56 99.69 -59.47
C15 CPL T . 38.08 98.69 -58.43
C16 CPL T . 36.79 99.08 -57.74
C17 CPL T . 36.17 97.95 -56.95
C18 CPL T . 35.53 96.91 -57.85
C19 CPL T . 34.94 95.72 -57.12
C20 CPL T . 36.00 94.87 -56.47
C21 CPL T . 35.44 93.62 -55.83
C22 CPL T . 36.55 92.79 -55.23
C23 CPL T . 36.06 91.54 -54.54
C24 CPL T . 37.20 90.83 -53.87
C25 CPL T . 36.77 89.64 -53.06
C26 CPL T . 37.90 89.08 -52.23
C31 CPL T . 37.21 103.13 -63.30
C32 CPL T . 35.74 102.89 -63.27
C33 CPL T . 35.40 102.78 -61.81
C34 CPL T . 34.05 102.20 -61.54
C35 CPL T . 34.01 101.76 -60.11
C36 CPL T . 32.86 100.84 -59.83
C37 CPL T . 33.11 100.04 -58.59
C38 CPL T . 32.22 98.82 -58.48
C39 CPL T . 30.82 99.21 -58.21
C40 CPL T . 29.86 98.30 -58.19
C41 CPL T . 30.12 96.86 -58.47
C42 CPL T . 30.23 96.05 -57.19
C43 CPL T . 30.76 94.67 -57.49
C44 CPL T . 30.53 93.69 -56.37
C45 CPL T . 30.99 92.29 -56.69
C46 CPL T . 30.50 91.32 -55.65
C47 CPL T . 30.84 89.87 -55.94
C48 CPL T . 30.12 88.91 -55.02
N CPL T . 40.88 111.20 -64.98
O2 CPL T . 37.58 104.36 -63.12
O3 CPL T . 38.81 104.36 -60.63
O11 CPL T . 38.29 103.76 -58.57
O31 CPL T . 37.96 102.18 -63.47
O1P CPL T . 38.44 108.56 -60.38
O2P CPL T . 37.08 108.94 -62.44
O3P CPL T . 38.14 106.84 -62.12
O4P CPL T . 39.52 108.81 -62.58
P CPL T . 38.23 108.34 -61.80
C1 CPL U . 53.97 109.04 -54.01
C2 CPL U . 54.38 107.62 -53.89
C3 CPL U . 55.59 107.36 -53.00
C4 CPL U . 53.39 112.84 -54.37
C5 CPL U . 54.14 113.03 -55.66
C6 CPL U . 54.45 114.14 -57.63
C7 CPL U . 53.42 115.32 -55.93
C8 CPL U . 52.26 113.57 -57.02
C11 CPL U . 55.80 106.73 -50.67
C12 CPL U . 56.41 105.43 -51.11
C13 CPL U . 56.63 104.50 -49.95
C14 CPL U . 56.76 103.05 -50.37
C15 CPL U . 56.98 102.09 -49.22
C16 CPL U . 55.99 102.23 -48.09
C17 CPL U . 56.04 101.08 -47.10
C18 CPL U . 55.45 99.81 -47.67
C19 CPL U . 55.52 98.62 -46.76
C20 CPL U . 56.93 98.14 -46.54
C21 CPL U . 57.02 96.88 -45.71
C22 CPL U . 58.45 96.44 -45.58
C23 CPL U . 58.63 95.20 -44.73
C24 CPL U . 60.10 94.89 -44.55
C25 CPL U . 60.33 93.73 -43.62
C26 CPL U . 61.80 93.58 -43.29
C31 CPL U . 53.18 105.53 -53.46
C32 CPL U . 51.95 104.94 -52.87
C33 CPL U . 52.20 104.94 -51.39
C34 CPL U . 51.26 104.08 -50.61
C35 CPL U . 51.86 103.86 -49.26
C36 CPL U . 51.23 102.71 -48.55
C37 CPL U . 52.14 102.21 -47.49
C38 CPL U . 51.82 100.81 -47.03
C39 CPL U . 50.54 100.77 -46.27
C40 CPL U . 50.02 99.63 -45.90
C41 CPL U . 50.64 98.33 -46.25
C42 CPL U . 51.43 97.77 -45.09
C43 CPL U . 52.16 96.51 -45.51
C44 CPL U . 52.57 95.67 -44.34
C45 CPL U . 53.25 94.39 -44.76
C46 CPL U . 53.36 93.43 -43.60
C47 CPL U . 53.98 92.10 -43.97
C48 CPL U . 53.91 91.09 -42.85
N CPL U . 53.54 114.01 -56.53
O2 CPL U . 53.24 106.83 -53.45
O3 CPL U . 55.25 107.46 -51.62
O11 CPL U . 55.68 107.01 -49.50
O31 CPL U . 54.07 104.80 -53.88
O1P CPL U . 53.78 111.44 -51.32
O2P CPL U . 51.74 111.17 -52.73
O3P CPL U . 53.43 109.47 -52.77
O4P CPL U . 53.91 111.66 -53.76
P CPL U . 53.17 110.98 -52.55
C1 CPL V . 32.99 103.15 -73.39
C2 CPL V . 32.75 101.80 -72.82
C3 CPL V . 33.66 101.39 -71.69
C4 CPL V . 34.89 106.64 -74.05
C5 CPL V . 35.98 106.30 -75.04
C6 CPL V . 37.61 107.03 -76.51
C7 CPL V . 36.83 108.57 -74.98
C8 CPL V . 35.43 107.86 -76.75
C11 CPL V . 32.67 101.31 -69.44
C12 CPL V . 32.50 99.82 -69.58
C13 CPL V . 31.68 99.25 -68.45
C14 CPL V . 31.54 97.75 -68.54
C15 CPL V . 30.70 97.14 -67.43
C16 CPL V . 29.24 97.53 -67.47
C17 CPL V . 28.41 96.77 -66.47
C18 CPL V . 28.30 95.31 -66.78
C19 CPL V . 27.62 94.53 -65.68
C20 CPL V . 27.61 93.05 -65.97
C21 CPL V . 27.17 92.25 -64.77
C22 CPL V . 27.18 90.77 -65.05
C23 CPL V . 26.88 89.97 -63.81
C24 CPL V . 26.78 88.49 -64.09
C25 CPL V . 26.46 87.64 -62.88
C26 CPL V . 27.58 87.59 -61.87
C31 CPL V . 30.42 101.57 -73.40
C32 CPL V . 29.00 101.64 -72.92
C33 CPL V . 28.66 100.51 -71.99
C34 CPL V . 27.28 100.77 -71.45
C35 CPL V . 26.84 99.87 -70.32
C36 CPL V . 26.52 98.45 -70.72
C37 CPL V . 26.07 97.63 -69.54
C38 CPL V . 24.82 98.17 -68.87
C39 CPL V . 24.94 97.90 -67.42
C40 CPL V . 24.25 97.00 -66.76
C41 CPL V . 23.16 96.20 -67.34
C42 CPL V . 22.81 95.11 -66.34
C43 CPL V . 21.33 95.05 -66.10
C44 CPL V . 20.84 94.15 -65.00
C45 CPL V . 21.03 92.67 -65.23
C46 CPL V . 20.21 91.89 -64.23
C47 CPL V . 20.49 90.42 -64.22
C48 CPL V . 19.61 89.68 -63.24
N CPL V . 36.43 107.44 -75.80
O2 CPL V . 31.34 101.64 -72.48
O3 CPL V . 33.22 101.97 -70.45
O11 CPL V . 32.33 101.88 -68.45
O31 CPL V . 30.63 101.43 -74.58
O1P CPL V . 33.73 105.87 -71.19
O2P CPL V . 32.17 106.44 -73.05
O3P CPL V . 32.51 104.14 -72.49
O4P CPL V . 34.35 105.43 -73.53
P CPL V . 33.17 105.56 -72.49
C1 CPL W . 41.95 101.68 -68.17
C2 CPL W . 41.82 100.20 -67.87
C3 CPL W . 42.79 99.68 -66.83
C4 CPL W . 43.15 105.53 -68.47
C5 CPL W . 44.12 105.43 -69.62
C6 CPL W . 45.30 106.41 -71.35
C7 CPL W . 44.84 107.73 -69.48
C8 CPL W . 43.11 107.12 -70.99
C11 CPL W . 42.10 99.40 -64.49
C12 CPL W . 42.09 97.92 -64.69
C13 CPL W . 41.47 97.18 -63.54
C14 CPL W . 41.53 95.69 -63.77
C15 CPL W . 40.87 94.87 -62.69
C16 CPL W . 39.38 95.05 -62.61
C17 CPL W . 38.73 94.07 -61.66
C18 CPL W . 38.82 92.63 -62.14
C19 CPL W . 38.37 91.65 -61.11
C20 CPL W . 38.53 90.24 -61.58
C21 CPL W . 38.32 89.24 -60.46
C22 CPL W . 38.48 87.81 -60.94
C23 CPL W . 38.39 86.83 -59.80
C24 CPL W . 38.43 85.40 -60.26
C25 CPL W . 38.36 84.40 -59.13
C26 CPL W . 39.57 84.42 -58.23
C31 CPL W . 39.60 99.45 -68.41
C32 CPL W . 38.17 99.38 -67.97
C33 CPL W . 37.97 98.36 -66.88
C34 CPL W . 36.55 98.41 -66.35
C35 CPL W . 36.27 97.45 -65.21
C36 CPL W . 36.14 96.00 -65.62
C37 CPL W . 36.04 95.07 -64.43
C38 CPL W . 34.81 95.25 -63.57
C39 CPL W . 35.04 94.57 -62.26
C40 CPL W . 34.38 93.51 -61.84
C41 CPL W . 33.29 92.85 -62.59
C42 CPL W . 32.69 91.76 -61.73
C43 CPL W . 31.54 91.04 -62.38
C44 CPL W . 30.88 90.02 -61.50
C45 CPL W . 31.74 88.82 -61.15
C46 CPL W . 31.03 87.84 -60.27
C47 CPL W . 31.84 86.59 -60.00
C48 CPL W . 31.14 85.63 -59.08
N CPL W . 44.33 106.68 -70.33
O2 CPL W . 40.46 99.90 -67.51
O3 CPL W . 42.42 100.16 -65.53
O11 CPL W . 41.83 99.90 -63.42
O31 CPL W . 39.92 99.08 -69.52
O1P CPL W . 42.40 104.18 -65.65
O2P CPL W . 40.58 104.71 -67.29
O3P CPL W . 41.37 102.45 -67.10
O4P CPL W . 42.84 104.20 -68.06
P CPL W . 41.76 103.95 -66.92
C1 CPL X . 44.04 112.01 -49.84
C2 CPL X . 44.23 110.54 -49.58
C3 CPL X . 45.52 110.19 -48.88
C4 CPL X . 44.07 115.99 -50.48
C5 CPL X . 44.58 116.19 -51.90
C6 CPL X . 45.07 117.71 -53.62
C7 CPL X . 45.38 118.41 -51.46
C8 CPL X . 43.19 118.10 -52.32
C11 CPL X . 45.14 109.82 -46.48
C12 CPL X . 45.06 108.34 -46.73
C13 CPL X . 44.90 107.58 -45.43
C14 CPL X . 44.72 106.11 -45.62
C15 CPL X . 44.68 105.41 -44.28
C16 CPL X . 44.43 103.94 -44.38
C17 CPL X . 44.53 103.29 -43.02
C18 CPL X . 44.36 101.79 -43.07
C19 CPL X . 44.52 101.19 -41.71
C20 CPL X . 44.44 99.68 -41.73
C21 CPL X . 44.70 99.12 -40.37
C22 CPL X . 44.65 97.61 -40.33
C23 CPL X . 45.03 97.06 -38.98
C24 CPL X . 45.00 95.56 -38.95
C25 CPL X . 45.45 95.02 -37.62
C26 CPL X . 45.43 93.51 -37.57
C31 CPL X . 41.80 110.09 -49.21
C32 CPL X . 40.87 109.11 -48.58
C33 CPL X . 41.13 108.98 -47.11
C34 CPL X . 40.12 108.11 -46.43
C35 CPL X . 40.50 107.79 -45.02
C36 CPL X . 39.41 107.07 -44.26
C37 CPL X . 39.94 106.47 -42.99
C38 CPL X . 40.87 105.31 -43.26
C39 CPL X . 41.58 104.91 -42.03
C40 CPL X . 41.20 103.95 -41.21
C41 CPL X . 39.99 103.13 -41.39
C42 CPL X . 40.05 102.03 -40.35
C43 CPL X . 38.80 101.20 -40.26
C44 CPL X . 38.94 100.11 -39.23
C45 CPL X . 37.63 99.35 -39.10
C46 CPL X . 37.65 98.09 -38.29
C47 CPL X . 37.33 98.30 -36.83
C48 CPL X . 37.23 96.99 -36.09
N CPL X . 44.54 117.59 -52.29
O2 CPL X . 43.11 109.90 -48.95
O3 CPL X . 45.43 110.60 -47.51
O11 CPL X . 44.97 110.29 -45.39
O31 CPL X . 41.35 110.95 -49.92
O1P CPL X . 44.61 114.75 -47.67
O2P CPL X . 42.28 114.63 -48.58
O3P CPL X . 43.72 112.70 -48.63
O4P CPL X . 44.22 114.64 -50.07
P CPL X . 43.67 114.25 -48.65
C1 CPL Y . 53.17 113.18 -47.71
C2 CPL Y . 53.94 111.99 -47.21
C3 CPL Y . 54.97 112.29 -46.14
C4 CPL Y . 51.80 116.84 -48.69
C5 CPL Y . 52.69 117.36 -49.79
C6 CPL Y . 53.12 119.11 -51.31
C7 CPL Y . 52.20 119.65 -49.29
C8 CPL Y . 50.92 118.50 -50.94
C11 CPL Y . 53.95 111.79 -43.96
C12 CPL Y . 54.49 110.38 -44.03
C13 CPL Y . 53.94 109.52 -42.94
C14 CPL Y . 54.42 108.10 -43.03
C15 CPL Y . 53.94 107.29 -41.87
C16 CPL Y . 54.38 105.86 -41.96
C17 CPL Y . 53.96 105.08 -40.73
C18 CPL Y . 54.45 103.66 -40.78
C19 CPL Y . 54.19 102.95 -39.48
C20 CPL Y . 54.90 101.63 -39.41
C21 CPL Y . 54.85 101.06 -38.03
C22 CPL Y . 55.76 99.86 -37.88
C23 CPL Y . 55.80 99.37 -36.46
C24 CPL Y . 56.80 98.26 -36.30
C25 CPL Y . 56.95 97.74 -34.88
C26 CPL Y . 55.76 96.99 -34.38
C31 CPL Y . 52.07 110.40 -47.47
C32 CPL Y . 51.40 109.22 -46.84
C33 CPL Y . 50.43 109.69 -45.80
C34 CPL Y . 49.67 108.54 -45.21
C35 CPL Y . 50.55 107.62 -44.41
C36 CPL Y . 49.79 106.44 -43.88
C37 CPL Y . 50.71 105.61 -43.03
C38 CPL Y . 50.04 104.44 -42.35
C39 CPL Y . 51.10 103.80 -41.55
C40 CPL Y . 50.93 102.74 -40.80
C41 CPL Y . 49.64 102.02 -40.68
C42 CPL Y . 49.96 100.65 -40.16
C43 CPL Y . 48.85 99.69 -40.49
C44 CPL Y . 49.17 98.25 -40.23
C45 CPL Y . 49.30 97.90 -38.78
C46 CPL Y . 49.35 96.41 -38.62
C47 CPL Y . 49.26 95.97 -37.19
C48 CPL Y . 49.14 94.46 -37.06
N CPL Y . 52.22 118.63 -50.31
O2 CPL Y . 53.05 110.92 -46.77
O3 CPL Y . 54.33 112.64 -44.92
O11 CPL Y . 53.25 112.15 -43.04
O31 CPL Y . 51.68 110.79 -48.55
O1P CPL Y . 51.59 115.73 -45.79
O2P CPL Y . 50.15 114.65 -47.55
O3P CPL Y . 52.17 113.57 -46.77
O4P CPL Y . 52.32 115.64 -48.12
P CPL Y . 51.46 114.94 -46.99
C1 CPL Z . 36.17 113.10 -53.05
C2 CPL Z . 36.14 111.62 -52.76
C3 CPL Z . 37.31 111.12 -51.93
C4 CPL Z . 37.20 116.96 -53.58
C5 CPL Z . 37.92 116.90 -54.91
C6 CPL Z . 38.69 117.91 -56.84
C7 CPL Z . 38.58 119.22 -54.92
C8 CPL Z . 36.60 118.56 -56.04
C11 CPL Z . 37.13 110.83 -49.50
C12 CPL Z . 37.11 109.34 -49.71
C13 CPL Z . 36.76 108.60 -48.44
C14 CPL Z . 36.80 107.10 -48.68
C15 CPL Z . 36.40 106.27 -47.50
C16 CPL Z . 34.93 106.41 -47.12
C17 CPL Z . 34.53 105.41 -46.07
C18 CPL Z . 34.56 103.98 -46.55
C19 CPL Z . 34.35 102.99 -45.45
C20 CPL Z . 34.45 101.58 -45.95
C21 CPL Z . 34.49 100.57 -44.83
C22 CPL Z . 34.59 99.16 -45.32
C23 CPL Z . 34.76 98.18 -44.19
C24 CPL Z . 34.74 96.74 -44.66
C25 CPL Z . 34.93 95.74 -43.54
C26 CPL Z . 36.30 95.79 -42.90
C31 CPL Z . 33.89 110.81 -52.84
C32 CPL Z . 32.58 110.69 -52.13
C33 CPL Z . 32.64 109.65 -51.03
C34 CPL Z . 31.36 109.64 -50.23
C35 CPL Z . 31.35 108.69 -49.06
C36 CPL Z . 31.17 107.24 -49.42
C37 CPL Z . 31.31 106.33 -48.22
C38 CPL Z . 30.28 106.56 -47.14
C39 CPL Z . 30.77 105.97 -45.86
C40 CPL Z . 30.29 104.86 -45.32
C41 CPL Z . 29.21 104.05 -45.92
C42 CPL Z . 28.89 102.90 -44.99
C43 CPL Z . 27.93 101.94 -45.63
C44 CPL Z . 27.43 100.85 -44.70
C45 CPL Z . 28.39 99.79 -44.26
C46 CPL Z . 27.67 98.87 -43.30
C47 CPL Z . 28.45 97.62 -42.98
C48 CPL Z . 27.75 96.74 -41.96
N CPL Z . 37.93 118.15 -55.64
O2 CPL Z . 34.89 111.28 -52.12
O3 CPL Z . 37.22 111.59 -50.58
O11 CPL Z . 37.06 111.31 -48.40
O31 CPL Z . 33.99 110.45 -53.99
O1P CPL Z . 37.06 115.63 -50.67
O2P CPL Z . 34.95 116.10 -51.93
O3P CPL Z . 35.81 113.87 -51.90
O4P CPL Z . 37.02 115.63 -53.13
P CPL Z . 36.19 115.37 -51.80
C1 CPL AA . 42.29 115.88 -44.15
C2 CPL AA . 42.44 114.42 -43.89
C3 CPL AA . 43.47 114.06 -42.85
C4 CPL AA . 42.36 119.68 -44.82
C5 CPL AA . 43.29 119.65 -46.02
C6 CPL AA . 43.99 120.53 -48.01
C7 CPL AA . 42.99 121.98 -46.53
C8 CPL AA . 41.68 120.35 -47.64
C11 CPL AA . 43.32 113.58 -40.48
C12 CPL AA . 43.76 112.18 -40.76
C13 CPL AA . 43.70 111.32 -39.52
C14 CPL AA . 43.62 109.84 -39.84
C15 CPL AA . 43.56 108.97 -38.60
C16 CPL AA . 42.48 109.35 -37.61
C17 CPL AA . 42.24 108.29 -36.56
C18 CPL AA . 41.51 107.09 -37.12
C19 CPL AA . 41.27 105.98 -36.12
C20 CPL AA . 42.56 105.30 -35.71
C21 CPL AA . 42.34 104.12 -34.80
C22 CPL AA . 43.66 103.46 -34.47
C23 CPL AA . 43.53 102.30 -33.53
C24 CPL AA . 44.89 101.78 -33.14
C25 CPL AA . 44.84 100.68 -32.11
C26 CPL AA . 46.21 100.33 -31.59
C31 CPL AA . 40.87 112.60 -43.48
C32 CPL AA . 39.50 112.26 -43.01
C33 CPL AA . 39.57 112.34 -41.52
C34 CPL AA . 38.44 111.70 -40.81
C35 CPL AA . 38.83 111.50 -39.38
C36 CPL AA . 37.94 110.53 -38.68
C37 CPL AA . 38.65 109.98 -37.48
C38 CPL AA . 38.04 108.70 -36.98
C39 CPL AA . 36.70 108.93 -36.38
C40 CPL AA . 35.96 107.92 -36.00
C41 CPL AA . 36.39 106.50 -36.19
C42 CPL AA . 36.95 105.92 -34.92
C43 CPL AA . 37.50 104.54 -35.16
C44 CPL AA . 37.64 103.73 -33.90
C45 CPL AA . 38.13 102.33 -34.15
C46 CPL AA . 37.96 101.46 -32.92
C47 CPL AA . 38.39 100.03 -33.14
C48 CPL AA . 38.03 99.15 -31.97
N CPL AA . 42.95 120.64 -47.02
O2 CPL AA . 41.14 113.86 -43.55
O3 CPL AA . 42.99 114.32 -41.52
O11 CPL AA . 43.13 113.98 -39.34
O31 CPL AA . 41.66 111.70 -43.74
O1P CPL AA . 42.20 118.49 -41.66
O2P CPL AA . 40.30 118.42 -43.29
O3P CPL AA . 41.68 116.49 -43.03
O4P CPL AA . 42.62 118.49 -44.08
P CPL AA . 41.65 118.04 -42.93
C1 CPL BA . 39.00 109.86 -57.58
C2 CPL BA . 39.32 108.46 -57.08
C3 CPL BA . 39.86 108.44 -55.65
C4 CPL BA . 38.50 113.84 -58.41
C5 CPL BA . 39.72 114.14 -59.27
C6 CPL BA . 40.89 115.57 -60.67
C7 CPL BA . 39.75 116.50 -58.87
C8 CPL BA . 38.57 115.66 -60.73
C11 CPL BA . 38.10 108.07 -53.96
C12 CPL BA . 38.44 106.61 -53.91
C13 CPL BA . 37.62 105.87 -52.88
C14 CPL BA . 37.90 104.39 -52.86
C15 CPL BA . 37.15 103.69 -51.77
C16 CPL BA . 37.37 102.20 -51.76
C17 CPL BA . 36.69 101.53 -50.60
C18 CPL BA . 36.96 100.05 -50.53
C19 CPL BA . 36.32 99.44 -49.31
C20 CPL BA . 36.62 97.98 -49.15
C21 CPL BA . 36.03 97.44 -47.87
C22 CPL BA . 36.34 95.98 -47.65
C23 CPL BA . 35.84 95.50 -46.32
C24 CPL BA . 36.14 94.05 -46.08
C25 CPL BA . 35.70 93.59 -44.71
C26 CPL BA . 36.00 92.13 -44.46
C31 CPL BA . 37.47 107.34 -58.27
C32 CPL BA . 36.44 106.26 -58.16
C33 CPL BA . 35.71 106.24 -56.84
C34 CPL BA . 34.67 105.15 -56.80
C35 CPL BA . 34.16 104.87 -55.41
C36 CPL BA . 33.03 103.86 -55.38
C37 CPL BA . 32.70 103.39 -53.98
C38 CPL BA . 33.76 102.48 -53.41
C39 CPL BA . 33.49 102.21 -51.97
C40 CPL BA . 32.90 101.13 -51.50
C41 CPL BA . 32.41 100.00 -52.35
C42 CPL BA . 31.89 98.92 -51.44
C43 CPL BA . 31.30 97.74 -52.19
C44 CPL BA . 30.84 96.64 -51.26
C45 CPL BA . 30.26 95.46 -52.00
C46 CPL BA . 29.88 94.29 -51.11
C47 CPL BA . 28.76 94.58 -50.15
C48 CPL BA . 28.41 93.39 -49.30
N CPL BA . 39.70 115.46 -59.86
O2 CPL BA . 38.19 107.56 -57.17
O3 CPL BA . 38.86 108.85 -54.72
O11 CPL BA . 37.20 108.53 -53.31
O31 CPL BA . 37.65 107.90 -59.32
O1P CPL BA . 37.36 112.49 -55.80
O2P CPL BA . 36.25 111.90 -57.98
O3P CPL BA . 37.83 110.38 -56.95
O4P CPL BA . 38.62 112.52 -57.90
P CPL BA . 37.41 111.87 -57.11
C1 CPL CA . 51.52 117.03 -41.40
C2 CPL CA . 52.05 115.74 -40.83
C3 CPL CA . 53.05 115.90 -39.71
C4 CPL CA . 50.55 120.71 -42.73
C5 CPL CA . 51.44 120.98 -43.92
C6 CPL CA . 52.01 122.46 -45.66
C7 CPL CA . 51.31 123.35 -43.68
C8 CPL CA . 49.77 122.24 -45.11
C11 CPL CA . 51.99 115.59 -37.52
C12 CPL CA . 52.45 114.17 -37.51
C13 CPL CA . 52.10 113.49 -36.20
C14 CPL CA . 52.45 112.03 -36.17
C15 CPL CA . 52.16 111.48 -34.80
C16 CPL CA . 52.42 110.00 -34.70
C17 CPL CA . 52.23 109.51 -33.29
C18 CPL CA . 52.56 108.06 -33.12
C19 CPL CA . 52.41 107.64 -31.68
C20 CPL CA . 52.80 106.20 -31.45
C21 CPL CA . 52.72 105.86 -29.98
C22 CPL CA . 53.14 104.44 -29.70
C23 CPL CA . 53.16 104.15 -28.22
C24 CPL CA . 53.59 102.74 -27.92
C25 CPL CA . 53.68 102.47 -26.44
C26 CPL CA . 54.10 101.07 -26.11
C31 CPL CA . 49.90 114.49 -41.16
C32 CPL CA . 49.17 113.29 -40.67
C33 CPL CA . 48.92 113.36 -39.19
C34 CPL CA . 48.05 112.23 -38.72
C35 CPL CA . 47.99 112.17 -37.22
C36 CPL CA . 46.99 111.16 -36.72
C37 CPL CA . 47.18 110.87 -35.25
C38 CPL CA . 48.45 110.10 -35.01
C39 CPL CA . 48.78 110.06 -33.56
C40 CPL CA . 48.45 109.08 -32.74
C41 CPL CA . 47.69 107.88 -33.13
C42 CPL CA . 47.72 106.93 -31.95
C43 CPL CA . 46.83 105.74 -32.09
C44 CPL CA . 46.93 104.83 -30.88
C45 CPL CA . 45.97 103.68 -31.03
C46 CPL CA . 46.08 102.56 -30.03
C47 CPL CA . 45.22 102.74 -28.81
C48 CPL CA . 45.27 101.54 -27.90
N CPL CA . 51.10 122.23 -44.56
O2 CPL CA . 51.03 114.78 -40.48
O3 CPL CA . 52.36 116.35 -38.54
O11 CPL CA . 51.31 116.04 -36.64
O31 CPL CA . 49.49 115.08 -42.11
O1P CPL CA . 50.42 119.93 -39.71
O2P CPL CA . 48.71 118.94 -41.26
O3P CPL CA . 50.60 117.64 -40.50
O4P CPL CA . 50.96 119.53 -42.05
P CPL CA . 50.09 119.07 -40.82
C1 CPL DA . 27.23 117.08 -51.60
C2 CPL DA . 27.11 115.62 -51.27
C3 CPL DA . 27.98 115.16 -50.13
C4 CPL DA . 28.30 120.95 -52.02
C5 CPL DA . 29.47 120.97 -52.98
C6 CPL DA . 31.02 122.31 -54.16
C7 CPL DA . 30.30 123.04 -52.12
C8 CPL DA . 28.83 123.05 -53.98
C11 CPL DA . 26.58 115.10 -48.11
C12 CPL DA . 26.23 113.65 -48.40
C13 CPL DA . 25.14 113.14 -47.48
C14 CPL DA . 24.75 111.73 -47.80
C15 CPL DA . 23.74 111.23 -46.81
C16 CPL DA . 23.30 109.82 -47.11
C17 CPL DA . 22.36 109.31 -46.06
C18 CPL DA . 21.95 107.89 -46.32
C19 CPL DA . 21.17 107.32 -45.17
C20 CPL DA . 21.00 105.83 -45.30
C21 CPL DA . 20.45 105.24 -44.04
C22 CPL DA . 20.49 103.73 -44.05
C23 CPL DA . 20.06 103.15 -42.73
C24 CPL DA . 20.23 101.65 -42.71
C25 CPL DA . 19.86 101.00 -41.40
C26 CPL DA . 18.40 101.03 -41.08
C31 CPL DA . 24.72 115.45 -51.88
C32 CPL DA . 23.43 114.82 -51.50
C33 CPL DA . 22.76 115.65 -50.44
C34 CPL DA . 21.41 115.09 -50.08
C35 CPL DA . 21.51 113.75 -49.41
C36 CPL DA . 20.15 113.18 -49.11
C37 CPL DA . 20.31 111.88 -48.38
C38 CPL DA . 19.02 111.25 -47.94
C39 CPL DA . 19.41 110.02 -47.20
C40 CPL DA . 18.57 109.19 -46.65
C41 CPL DA . 17.10 109.33 -46.71
C42 CPL DA . 16.51 107.98 -46.42
C43 CPL DA . 15.11 107.89 -46.95
C44 CPL DA . 14.54 106.50 -46.93
C45 CPL DA . 14.24 105.99 -45.54
C46 CPL DA . 13.42 104.74 -45.64
C47 CPL DA . 12.90 104.27 -44.32
C48 CPL DA . 11.94 103.11 -44.44
N CPL DA . 29.87 122.32 -53.29
O2 CPL DA . 25.73 115.22 -51.06
O3 CPL DA . 27.48 115.66 -48.89
O11 CPL DA . 26.08 115.68 -47.18
O31 CPL DA . 24.77 116.11 -52.90
O1P CPL DA . 27.12 119.85 -49.36
O2P CPL DA . 25.57 120.00 -51.33
O3P CPL DA . 26.51 117.88 -50.66
O4P CPL DA . 27.98 119.62 -51.63
P CPL DA . 26.72 119.41 -50.68
C1 CPL EA . 8.70 80.69 -38.71
C2 CPL EA . 9.32 81.44 -39.84
C3 CPL EA . 8.62 82.71 -40.23
C4 CPL EA . 6.69 78.88 -35.96
C5 CPL EA . 5.93 77.94 -36.87
C6 CPL EA . 4.87 75.95 -37.24
C7 CPL EA . 4.98 76.68 -35.05
C8 CPL EA . 6.94 75.92 -36.14
C11 CPL EA . 8.99 85.04 -39.66
C12 CPL EA . 9.32 85.31 -41.10
C13 CPL EA . 9.81 86.72 -41.30
C14 CPL EA . 10.64 86.88 -42.55
C15 CPL EA . 11.13 88.30 -42.76
C16 CPL EA . 11.86 88.90 -41.58
C17 CPL EA . 12.61 90.17 -41.92
C18 CPL EA . 13.86 89.90 -42.73
C19 CPL EA . 14.61 91.13 -43.14
C20 CPL EA . 13.87 91.97 -44.15
C21 CPL EA . 14.66 93.16 -44.65
C22 CPL EA . 13.87 93.91 -45.68
C23 CPL EA . 14.57 95.14 -46.20
C24 CPL EA . 13.66 95.92 -47.13
C25 CPL EA . 14.26 97.22 -47.60
C26 CPL EA . 13.26 98.06 -48.32
C31 CPL EA . 11.60 82.10 -40.40
C32 CPL EA . 12.95 82.39 -39.84
C33 CPL EA . 12.83 83.77 -39.25
C34 CPL EA . 14.15 84.42 -38.95
C35 CPL EA . 13.89 85.89 -38.78
C36 CPL EA . 15.15 86.69 -38.87
C37 CPL EA . 14.83 88.10 -39.20
C38 CPL EA . 16.00 88.86 -39.75
C39 CPL EA . 17.03 89.09 -38.70
C40 CPL EA . 18.19 89.63 -39.01
C41 CPL EA . 18.55 89.98 -40.42
C42 CPL EA . 18.36 91.46 -40.68
C43 CPL EA . 18.60 91.78 -42.13
C44 CPL EA . 18.89 93.24 -42.37
C45 CPL EA . 19.18 93.54 -43.82
C46 CPL EA . 19.78 94.93 -43.97
C47 CPL EA . 20.14 95.26 -45.39
C48 CPL EA . 20.90 96.56 -45.50
N CPL EA . 5.71 76.64 -36.30
O2 CPL EA . 10.71 81.68 -39.54
O3 CPL EA . 8.88 83.77 -39.31
O11 CPL EA . 8.96 85.93 -38.84
O31 CPL EA . 11.39 82.30 -41.58
O1P CPL EA . 7.43 82.16 -35.67
O2P CPL EA . 9.09 80.33 -35.41
O3P CPL EA . 8.91 81.42 -37.51
O4P CPL EA . 7.07 79.99 -36.75
P CPL EA . 8.13 81.03 -36.22
C1 CPL FA . -6.44 86.33 -46.57
C2 CPL FA . -5.79 87.17 -47.63
C3 CPL FA . -6.63 88.32 -48.15
C4 CPL FA . -8.93 84.47 -44.00
C5 CPL FA . -9.71 83.46 -44.82
C6 CPL FA . -11.35 81.75 -44.77
C7 CPL FA . -11.55 83.44 -43.26
C8 CPL FA . -9.80 81.85 -43.05
C11 CPL FA . -5.88 90.34 -46.96
C12 CPL FA . -4.87 90.61 -48.05
C13 CPL FA . -3.95 91.73 -47.70
C14 CPL FA . -2.93 91.99 -48.78
C15 CPL FA . -2.10 93.18 -48.43
C16 CPL FA . -1.04 93.44 -49.47
C17 CPL FA . -0.26 94.68 -49.15
C18 CPL FA . 0.77 94.99 -50.20
C19 CPL FA . 1.41 96.33 -49.97
C20 CPL FA . 2.25 96.77 -51.13
C21 CPL FA . 2.66 98.21 -50.97
C22 CPL FA . 3.26 98.77 -52.23
C23 CPL FA . 3.55 100.25 -52.10
C24 CPL FA . 3.97 100.82 -53.44
C25 CPL FA . 4.28 102.30 -53.44
C26 CPL FA . 5.56 102.65 -52.72
C31 CPL FA . -3.49 86.88 -46.78
C32 CPL FA . -2.19 87.58 -46.57
C33 CPL FA . -2.23 88.33 -45.27
C34 CPL FA . -0.92 88.99 -44.97
C35 CPL FA . -0.58 90.07 -45.96
C36 CPL FA . 0.76 90.68 -45.69
C37 CPL FA . 0.99 91.80 -46.64
C38 CPL FA . 2.27 92.56 -46.43
C39 CPL FA . 2.28 93.64 -47.43
C40 CPL FA . 3.24 94.52 -47.57
C41 CPL FA . 4.46 94.56 -46.74
C42 CPL FA . 5.48 95.36 -47.50
C43 CPL FA . 6.86 95.02 -47.04
C44 CPL FA . 7.95 95.59 -47.90
C45 CPL FA . 8.09 97.09 -47.81
C46 CPL FA . 9.37 97.51 -48.48
C47 CPL FA . 9.69 98.96 -48.25
C48 CPL FA . 11.05 99.35 -48.78
N CPL FA . -10.56 82.65 -43.97
O2 CPL FA . -4.47 87.63 -47.24
O3 CPL FA . -6.73 89.34 -47.14
O11 CPL FA . -5.93 91.03 -45.97
O31 CPL FA . -3.57 85.69 -46.53
O1P CPL FA . -8.09 87.44 -43.62
O2P CPL FA . -6.33 85.69 -43.27
O3P CPL FA . -6.38 86.98 -45.31
O4P CPL FA . -8.17 85.32 -44.84
P CPL FA . -7.24 86.40 -44.14
C1 CPL GA . -8.71 90.20 -41.00
C2 CPL GA . -7.81 90.84 -42.00
C3 CPL GA . -8.04 92.33 -42.22
C4 CPL GA . -11.35 88.80 -38.56
C5 CPL GA . -12.33 88.31 -39.59
C6 CPL GA . -13.95 86.85 -40.27
C7 CPL GA . -13.73 87.19 -37.98
C8 CPL GA . -12.08 85.98 -39.16
C11 CPL GA . -6.96 94.29 -41.30
C12 CPL GA . -6.48 94.62 -42.69
C13 CPL GA . -5.53 95.80 -42.68
C14 CPL GA . -4.63 95.85 -43.88
C15 CPL GA . -3.69 97.04 -43.89
C16 CPL GA . -2.87 97.19 -42.63
C17 CPL GA . -1.72 98.17 -42.77
C18 CPL GA . -0.60 97.61 -43.61
C19 CPL GA . 0.55 98.57 -43.83
C20 CPL GA . 0.17 99.74 -44.69
C21 CPL GA . 1.32 100.65 -45.02
C22 CPL GA . 0.89 101.76 -45.93
C23 CPL GA . 1.98 102.74 -46.27
C24 CPL GA . 1.43 103.89 -47.08
C25 CPL GA . 2.45 104.97 -47.34
C26 CPL GA . 1.81 106.21 -47.94
C31 CPL GA . -5.42 90.78 -42.45
C32 CPL GA . -4.08 90.52 -41.85
C33 CPL GA . -3.77 91.77 -41.07
C34 CPL GA . -2.33 91.89 -40.67
C35 CPL GA . -2.10 93.32 -40.28
C36 CPL GA . -0.64 93.65 -40.25
C37 CPL GA . -0.46 95.14 -40.37
C38 CPL GA . 0.92 95.53 -40.80
C39 CPL GA . 1.92 95.26 -39.72
C40 CPL GA . 3.21 95.41 -39.95
C41 CPL GA . 3.72 95.82 -41.28
C42 CPL GA . 4.05 97.29 -41.32
C43 CPL GA . 4.46 97.71 -42.71
C44 CPL GA . 5.22 99.01 -42.73
C45 CPL GA . 5.68 99.39 -44.12
C46 CPL GA . 6.70 100.50 -44.07
C47 CPL GA . 7.23 100.90 -45.42
C48 CPL GA . 8.37 101.87 -45.33
N CPL GA . -13.00 87.10 -39.23
O2 CPL GA . -6.43 90.56 -41.66
O3 CPL GA . -7.49 93.09 -41.14
O11 CPL GA . -6.74 95.02 -40.36
O31 CPL GA . -5.49 91.20 -43.59
O1P CPL GA . -9.58 91.59 -37.79
O2P CPL GA . -8.63 89.27 -37.78
O3P CPL GA . -8.33 90.65 -39.70
O4P CPL GA . -10.57 89.82 -39.17
P CPL GA . -9.26 90.36 -38.50
C1 CPL HA . 24.54 74.47 -33.94
C2 CPL HA . 24.93 75.90 -33.96
C3 CPL HA . 26.32 76.19 -34.45
C4 CPL HA . 23.96 70.66 -33.74
C5 CPL HA . 24.32 70.49 -32.28
C6 CPL HA . 24.07 69.39 -30.28
C7 CPL HA . 23.61 68.18 -32.20
C8 CPL HA . 22.13 69.90 -31.50
C11 CPL HA . 27.19 76.83 -36.62
C12 CPL HA . 27.63 78.14 -36.03
C13 CPL HA . 28.15 79.08 -37.08
C14 CPL HA . 28.09 80.53 -36.67
C15 CPL HA . 28.63 81.48 -37.71
C16 CPL HA . 28.01 81.33 -39.08
C17 CPL HA . 28.32 82.47 -40.01
C18 CPL HA . 27.55 83.73 -39.65
C19 CPL HA . 27.87 84.92 -40.53
C20 CPL HA . 29.26 85.44 -40.31
C21 CPL HA . 29.55 86.70 -41.10
C22 CPL HA . 30.94 87.18 -40.81
C23 CPL HA . 31.33 88.42 -41.58
C24 CPL HA . 32.78 88.77 -41.34
C25 CPL HA . 33.26 89.92 -42.17
C26 CPL HA . 34.75 90.11 -42.07
C31 CPL HA . 23.85 77.95 -34.73
C32 CPL HA . 22.83 78.51 -35.65
C33 CPL HA . 23.49 78.50 -37.00
C34 CPL HA . 22.80 79.35 -38.02
C35 CPL HA . 23.77 79.59 -39.14
C36 CPL HA . 23.34 80.72 -40.02
C37 CPL HA . 24.52 81.24 -40.78
C38 CPL HA . 24.29 82.63 -41.32
C39 CPL HA . 23.30 82.62 -42.41
C40 CPL HA . 22.87 83.75 -42.94
C41 CPL HA . 23.33 85.07 -42.42
C42 CPL HA . 24.41 85.65 -43.30
C43 CPL HA . 24.96 86.93 -42.71
C44 CPL HA . 25.67 87.79 -43.72
C45 CPL HA . 26.16 89.09 -43.13
C46 CPL HA . 26.59 90.06 -44.22
C47 CPL HA . 27.04 91.39 -43.69
C48 CPL HA . 27.27 92.39 -44.79
N CPL HA . 23.52 69.49 -31.60
O2 CPL HA . 23.95 76.65 -34.70
O3 CPL HA . 26.40 76.09 -35.88
O11 CPL HA . 27.44 76.56 -37.78
O31 CPL HA . 24.56 78.72 -34.08
O1P CPL HA . 25.20 72.07 -36.54
O2P CPL HA . 22.82 72.28 -35.80
O3P CPL HA . 24.38 74.01 -35.27
O4P CPL HA . 24.60 71.84 -34.17
P CPL HA . 24.24 72.50 -35.55
C1 CPL IA . -4.15 82.90 -52.60
C2 CPL IA . -3.56 83.86 -53.59
C3 CPL IA . -4.38 85.11 -53.83
C4 CPL IA . -6.50 80.77 -50.11
C5 CPL IA . -7.41 79.92 -50.99
C6 CPL IA . -9.12 78.28 -51.05
C7 CPL IA . -9.09 79.73 -49.29
C8 CPL IA . -7.42 78.06 -49.48
C11 CPL IA . -3.43 86.90 -52.44
C12 CPL IA . -2.53 87.30 -53.57
C13 CPL IA . -1.51 88.33 -53.14
C14 CPL IA . -0.57 88.69 -54.26
C15 CPL IA . 0.36 89.79 -53.82
C16 CPL IA . 1.34 90.16 -54.89
C17 CPL IA . 2.20 91.31 -54.47
C18 CPL IA . 3.15 91.73 -55.57
C19 CPL IA . 3.88 93.00 -55.20
C20 CPL IA . 4.62 93.57 -56.38
C21 CPL IA . 5.12 94.96 -56.09
C22 CPL IA . 5.64 95.64 -57.32
C23 CPL IA . 6.02 97.07 -57.06
C24 CPL IA . 6.42 97.78 -58.32
C25 CPL IA . 6.77 99.24 -58.14
C26 CPL IA . 8.03 99.48 -57.37
C31 CPL IA . -1.21 83.35 -53.00
C32 CPL IA . 0.14 83.97 -52.81
C33 CPL IA . 0.25 84.51 -51.41
C34 CPL IA . 1.62 85.06 -51.14
C35 CPL IA . 1.92 86.27 -51.98
C36 CPL IA . 3.31 86.79 -51.75
C37 CPL IA . 3.52 88.04 -52.54
C38 CPL IA . 4.85 88.69 -52.33
C39 CPL IA . 4.83 89.91 -53.17
C40 CPL IA . 5.81 90.77 -53.26
C41 CPL IA . 7.09 90.63 -52.56
C42 CPL IA . 8.09 91.50 -53.28
C43 CPL IA . 9.49 91.05 -53.00
C44 CPL IA . 10.53 91.70 -53.87
C45 CPL IA . 10.75 93.15 -53.56
C46 CPL IA . 11.98 93.64 -54.27
C47 CPL IA . 12.39 95.01 -53.87
C48 CPL IA . 13.72 95.43 -54.46
N CPL IA . -8.23 79.02 -50.20
O2 CPL IA . -2.19 84.22 -53.24
O3 CPL IA . -4.33 85.96 -52.68
O11 CPL IA . -3.37 87.44 -51.36
O31 CPL IA . -1.32 82.15 -52.92
O1P CPL IA . -5.49 83.61 -49.37
O2P CPL IA . -3.79 81.76 -49.46
O3P CPL IA . -3.96 83.35 -51.26
O4P CPL IA . -5.78 81.71 -50.89
P CPL IA . -4.73 82.63 -50.12
C1 CPL JA . -2.74 78.23 -58.76
C2 CPL JA . -1.77 79.04 -59.59
C3 CPL JA . -2.39 80.20 -60.34
C4 CPL JA . -6.02 76.54 -57.12
C5 CPL JA . -6.36 75.50 -58.16
C6 CPL JA . -7.40 73.53 -58.78
C7 CPL JA . -8.39 74.78 -57.09
C8 CPL JA . -6.38 73.61 -56.70
C11 CPL JA . -2.31 82.48 -59.44
C12 CPL JA . -1.29 82.83 -60.47
C13 CPL JA . -0.65 84.18 -60.23
C14 CPL JA . 0.32 84.51 -61.32
C15 CPL JA . 1.06 85.82 -61.13
C16 CPL JA . 2.00 85.83 -59.95
C17 CPL JA . 2.86 87.07 -59.90
C18 CPL JA . 3.83 87.15 -61.05
C19 CPL JA . 4.53 88.48 -61.12
C20 CPL JA . 5.46 88.55 -62.31
C21 CPL JA . 5.97 89.95 -62.54
C22 CPL JA . 6.89 90.04 -63.72
C23 CPL JA . 7.29 91.46 -64.01
C24 CPL JA . 8.31 91.55 -65.13
C25 CPL JA . 8.72 92.97 -65.45
C26 CPL JA . 7.61 93.80 -66.04
C31 CPL JA . 0.45 78.80 -58.71
C32 CPL JA . 1.42 79.24 -57.66
C33 CPL JA . 1.95 80.63 -57.93
C34 CPL JA . 2.81 81.10 -56.79
C35 CPL JA . 3.33 82.51 -56.92
C36 CPL JA . 4.47 82.68 -57.90
C37 CPL JA . 4.85 84.12 -58.11
C38 CPL JA . 5.34 84.83 -56.86
C39 CPL JA . 5.24 86.30 -57.05
C40 CPL JA . 6.26 87.10 -57.24
C41 CPL JA . 7.67 86.64 -57.30
C42 CPL JA . 8.57 87.84 -57.48
C43 CPL JA . 9.99 87.42 -57.76
C44 CPL JA . 10.99 88.55 -57.76
C45 CPL JA . 10.94 89.54 -58.89
C46 CPL JA . 11.98 90.62 -58.65
C47 CPL JA . 12.21 91.51 -59.84
C48 CPL JA . 13.19 92.61 -59.54
N CPL JA . -7.13 74.39 -57.66
O2 CPL JA . -0.68 79.48 -58.76
O3 CPL JA . -2.77 81.24 -59.43
O11 CPL JA . -2.70 83.30 -58.63
O31 CPL JA . 0.73 77.91 -59.47
O1P CPL JA . -5.33 79.65 -56.74
O2P CPL JA . -3.95 77.91 -55.58
O3P CPL JA . -3.10 78.94 -57.57
O4P CPL JA . -5.05 77.42 -57.70
P CPL JA . -4.40 78.54 -56.81
C1 CPL KA . 18.87 82.10 -24.25
C2 CPL KA . 19.58 83.43 -24.26
C3 CPL KA . 21.09 83.34 -24.26
C4 CPL KA . 17.43 78.35 -24.00
C5 CPL KA . 17.12 78.10 -22.54
C6 CPL KA . 16.27 76.62 -20.93
C7 CPL KA . 17.34 75.72 -22.74
C8 CPL KA . 15.22 76.73 -22.99
C11 CPL KA . 22.00 83.65 -26.52
C12 CPL KA . 22.26 85.09 -26.20
C13 CPL KA . 22.96 85.78 -27.35
C14 CPL KA . 23.15 87.25 -27.15
C15 CPL KA . 23.95 87.83 -28.28
C16 CPL KA . 24.14 89.31 -28.19
C17 CPL KA . 25.04 89.81 -29.28
C18 CPL KA . 25.30 91.29 -29.19
C19 CPL KA . 26.26 91.74 -30.26
C20 CPL KA . 26.61 93.19 -30.16
C21 CPL KA . 27.65 93.56 -31.19
C22 CPL KA . 28.06 95.01 -31.11
C23 CPL KA . 29.17 95.32 -32.08
C24 CPL KA . 29.60 96.77 -32.01
C25 CPL KA . 30.76 97.06 -32.91
C26 CPL KA . 31.21 98.50 -32.84
C31 CPL KA . 17.86 84.55 -25.69
C32 CPL KA . 17.66 85.71 -26.60
C33 CPL KA . 18.62 85.65 -27.78
C34 CPL KA . 18.35 86.76 -28.75
C35 CPL KA . 19.43 86.88 -29.77
C36 CPL KA . 19.11 87.92 -30.82
C37 CPL KA . 20.31 88.23 -31.68
C38 CPL KA . 21.36 88.99 -30.91
C39 CPL KA . 22.63 89.04 -31.69
C40 CPL KA . 22.99 90.04 -32.46
C41 CPL KA . 22.17 91.26 -32.68
C42 CPL KA . 23.05 92.31 -33.31
C43 CPL KA . 22.29 93.47 -33.86
C44 CPL KA . 23.20 94.56 -34.38
C45 CPL KA . 22.49 95.49 -35.34
C46 CPL KA . 23.34 96.67 -35.74
C47 CPL KA . 22.76 97.44 -36.87
C48 CPL KA . 23.62 98.62 -37.28
N CPL KA . 16.50 76.81 -22.33
O2 CPL KA . 19.12 84.32 -25.30
O3 CPL KA . 21.53 82.89 -25.54
O11 CPL KA . 22.22 83.18 -27.60
O31 CPL KA . 16.90 83.91 -25.36
O1P CPL KA . 19.59 79.18 -26.11
O2P CPL KA . 17.24 80.03 -26.40
O3P CPL KA . 18.97 81.46 -25.51
O4P CPL KA . 18.15 79.56 -24.17
P CPL KA . 18.48 79.99 -25.66
C1 CPL LA . 22.96 77.63 -28.95
C2 CPL LA . 23.41 79.03 -29.07
C3 CPL LA . 24.77 79.22 -29.70
C4 CPL LA . 22.22 73.86 -28.52
C5 CPL LA . 22.68 73.74 -27.09
C6 CPL LA . 22.54 72.75 -25.02
C7 CPL LA . 21.87 71.48 -26.83
C8 CPL LA . 20.54 73.31 -26.12
C11 CPL LA . 25.50 79.72 -31.96
C12 CPL LA . 26.04 81.03 -31.46
C13 CPL LA . 26.52 81.90 -32.60
C14 CPL LA . 26.57 83.36 -32.25
C15 CPL LA . 27.06 84.24 -33.38
C16 CPL LA . 26.33 84.05 -34.69
C17 CPL LA . 26.62 85.13 -35.71
C18 CPL LA . 25.94 86.43 -35.35
C19 CPL LA . 26.24 87.57 -36.30
C20 CPL LA . 27.67 88.03 -36.22
C21 CPL LA . 27.95 89.23 -37.09
C22 CPL LA . 29.39 89.67 -36.93
C23 CPL LA . 29.77 90.84 -37.79
C24 CPL LA . 31.24 91.13 -37.68
C25 CPL LA . 31.71 92.22 -38.61
C26 CPL LA . 33.22 92.33 -38.63
C31 CPL LA . 22.38 81.10 -29.86
C32 CPL LA . 21.31 81.65 -30.74
C33 CPL LA . 21.87 81.56 -32.12
C34 CPL LA . 21.14 82.39 -33.13
C35 CPL LA . 22.02 82.52 -34.34
C36 CPL LA . 21.58 83.63 -35.24
C37 CPL LA . 22.72 84.06 -36.12
C38 CPL LA . 22.52 85.42 -36.70
C39 CPL LA . 21.43 85.42 -37.72
C40 CPL LA . 21.03 86.54 -38.26
C41 CPL LA . 21.59 87.86 -37.86
C42 CPL LA . 22.62 88.34 -38.85
C43 CPL LA . 23.26 89.61 -38.36
C44 CPL LA . 23.94 90.39 -39.46
C45 CPL LA . 24.53 91.70 -38.99
C46 CPL LA . 24.92 92.57 -40.14
C47 CPL LA . 25.46 93.92 -39.73
C48 CPL LA . 25.66 94.86 -40.89
N CPL LA . 21.89 72.82 -26.30
O2 CPL LA . 22.41 79.79 -29.78
O3 CPL LA . 24.74 79.05 -31.12
O11 CPL LA . 25.62 79.38 -33.11
O31 CPL LA . 23.17 81.85 -29.32
O1P CPL LA . 23.30 75.09 -31.48
O2P CPL LA . 21.01 75.44 -30.57
O3P CPL LA . 22.67 77.12 -30.24
O4P CPL LA . 22.88 74.99 -29.07
P CPL LA . 22.44 75.60 -30.45
C1 CPL MA . 11.86 73.48 -48.99
C2 CPL MA . 12.15 74.65 -49.86
C3 CPL MA . 11.05 75.68 -49.95
C4 CPL MA . 9.69 70.97 -46.72
C5 CPL MA . 8.94 70.10 -47.70
C6 CPL MA . 7.63 68.23 -48.09
C7 CPL MA . 7.78 68.95 -45.92
C8 CPL MA . 9.66 67.97 -46.94
C11 CPL MA . 11.46 77.82 -48.82
C12 CPL MA . 11.92 78.41 -50.13
C13 CPL MA . 12.48 79.81 -49.94
C14 CPL MA . 12.86 80.46 -51.24
C15 CPL MA . 13.47 81.83 -51.10
C16 CPL MA . 14.81 81.84 -50.40
C17 CPL MA . 15.48 83.20 -50.44
C18 CPL MA . 15.88 83.63 -51.82
C19 CPL MA . 16.36 85.06 -51.86
C20 CPL MA . 16.68 85.50 -53.26
C21 CPL MA . 16.91 86.99 -53.35
C22 CPL MA . 17.19 87.45 -54.75
C23 CPL MA . 17.28 88.95 -54.84
C24 CPL MA . 17.68 89.42 -56.21
C25 CPL MA . 17.82 90.92 -56.34
C26 CPL MA . 16.52 91.67 -56.20
C31 CPL MA . 14.56 74.61 -49.74
C32 CPL MA . 15.78 75.21 -49.12
C33 CPL MA . 16.05 76.60 -49.62
C34 CPL MA . 17.20 77.16 -48.83
C35 CPL MA . 17.48 78.62 -49.01
C36 CPL MA . 18.09 79.00 -50.34
C37 CPL MA . 18.35 80.48 -50.43
C38 CPL MA . 19.30 81.00 -49.38
C39 CPL MA . 18.85 82.37 -49.00
C40 CPL MA . 19.49 83.48 -49.34
C41 CPL MA . 20.80 83.51 -50.02
C42 CPL MA . 21.04 84.95 -50.45
C43 CPL MA . 22.42 85.41 -50.03
C44 CPL MA . 22.73 86.87 -50.23
C45 CPL MA . 22.84 87.33 -51.65
C46 CPL MA . 23.49 88.70 -51.70
C47 CPL MA . 23.43 89.36 -53.05
C48 CPL MA . 24.14 90.69 -53.05
N CPL MA . 8.53 68.83 -47.14
O2 CPL MA . 13.44 75.24 -49.50
O3 CPL MA . 11.07 76.55 -48.82
O11 CPL MA . 11.45 78.47 -47.82
O31 CPL MA . 14.67 73.61 -50.41
O1P CPL MA . 10.21 73.98 -45.87
O2P CPL MA . 12.09 72.33 -45.80
O3P CPL MA . 11.95 73.86 -47.62
O4P CPL MA . 10.25 72.08 -47.41
P CPL MA . 11.12 73.10 -46.56
PB GDP NA . -19.80 -46.86 12.33
O1B GDP NA . -21.25 -46.70 12.40
O2B GDP NA . -19.12 -45.41 12.43
O3B GDP NA . -19.35 -47.57 10.95
O3A GDP NA . -19.22 -47.70 13.54
PA GDP NA . -19.80 -49.21 13.61
O1A GDP NA . -21.25 -49.32 13.87
O2A GDP NA . -19.44 -50.00 12.25
O5' GDP NA . -18.98 -49.81 14.85
C5' GDP NA . -19.38 -51.12 15.03
C4' GDP NA . -18.56 -51.69 16.16
O4' GDP NA . -18.77 -50.90 17.33
C3' GDP NA . -19.04 -53.12 16.37
O3' GDP NA . -17.95 -54.06 16.19
C2' GDP NA . -19.61 -53.14 17.78
O2' GDP NA . -18.95 -54.13 18.59
C1' GDP NA . -19.40 -51.71 18.33
N9 GDP NA . -20.67 -51.10 18.76
C8 GDP NA . -21.55 -50.39 18.00
N7 GDP NA . -22.55 -50.01 18.75
C5 GDP NA . -22.36 -50.47 20.01
C6 GDP NA . -23.10 -50.39 21.24
O6 GDP NA . -24.17 -49.79 21.30
N1 GDP NA . -22.56 -51.01 22.35
C2 GDP NA . -21.36 -51.68 22.28
N2 GDP NA . -20.87 -52.30 23.39
N3 GDP NA . -20.69 -51.76 21.15
C4 GDP NA . -21.15 -51.18 20.02
C1 CPL OA . 25.64 110.25 -71.36
C2 CPL OA . 25.30 108.84 -70.92
C3 CPL OA . 25.56 108.58 -69.45
C4 CPL OA . 26.83 114.01 -72.14
C5 CPL OA . 28.24 113.90 -72.70
C6 CPL OA . 30.09 115.04 -73.59
C7 CPL OA . 28.83 116.12 -72.02
C8 CPL OA . 27.97 115.76 -74.20
C11 CPL OA . 23.49 108.69 -68.14
C12 CPL OA . 23.37 107.20 -68.22
C13 CPL OA . 22.18 106.72 -67.42
C14 CPL OA . 21.94 105.24 -67.54
C15 CPL OA . 20.81 104.84 -66.63
C16 CPL OA . 20.46 103.38 -66.74
C17 CPL OA . 19.41 103.00 -65.72
C18 CPL OA . 19.07 101.54 -65.76
C19 CPL OA . 18.07 101.20 -64.68
C20 CPL OA . 17.75 99.73 -64.62
C21 CPL OA . 16.82 99.43 -63.47
C22 CPL OA . 16.50 97.96 -63.36
C23 CPL OA . 15.68 97.68 -62.13
C24 CPL OA . 15.36 96.21 -61.99
C25 CPL OA . 14.59 95.91 -60.73
C26 CPL OA . 14.26 94.45 -60.58
C31 CPL OA . 23.35 108.60 -72.47
C32 CPL OA . 22.10 107.81 -72.64
C33 CPL OA . 21.17 107.97 -71.47
C34 CPL OA . 19.87 107.26 -71.72
C35 CPL OA . 19.03 107.19 -70.49
C36 CPL OA . 17.67 106.58 -70.76
C37 CPL OA . 16.96 106.25 -69.47
C38 CPL OA . 17.59 105.09 -68.76
C39 CPL OA . 17.03 104.97 -67.39
C40 CPL OA . 16.06 104.15 -67.05
C41 CPL OA . 15.34 103.27 -68.00
C42 CPL OA . 14.56 102.26 -67.20
C43 CPL OA . 13.55 101.50 -68.03
C44 CPL OA . 12.85 100.43 -67.24
C45 CPL OA . 11.56 99.99 -67.88
C46 CPL OA . 10.94 98.81 -67.18
C47 CPL OA . 9.54 98.52 -67.63
C48 CPL OA . 8.93 97.34 -66.94
N CPL OA . 28.74 115.19 -73.12
O2 CPL OA . 23.99 108.40 -71.29
O3 CPL OA . 24.57 109.25 -68.67
O11 CPL OA . 22.66 109.37 -67.61
O31 CPL OA . 23.72 109.33 -73.33
O1P CPL OA . 24.93 113.31 -69.75
O2P CPL OA . 24.03 113.15 -72.10
O3P CPL OA . 24.66 111.16 -70.89
O4P CPL OA . 26.40 112.75 -71.62
P CPL OA . 24.92 112.69 -71.06
C1 CPL PA . 27.02 106.90 -76.51
C2 CPL PA . 26.47 105.52 -76.45
C3 CPL PA . 26.57 104.83 -75.11
C4 CPL PA . 28.79 110.32 -76.36
C5 CPL PA . 30.13 109.86 -76.90
C6 CPL PA . 32.06 110.27 -78.05
C7 CPL PA . 31.02 112.10 -77.08
C8 CPL PA . 30.05 111.05 -78.97
C11 CPL PA . 25.00 104.59 -73.28
C12 CPL PA . 25.00 103.11 -73.52
C13 CPL PA . 23.96 102.41 -72.66
C14 CPL PA . 23.54 101.07 -73.22
C15 CPL PA . 22.51 100.35 -72.36
C16 CPL PA . 21.29 101.17 -72.04
C17 CPL PA . 20.16 100.36 -71.46
C18 CPL PA . 19.48 99.51 -72.51
C19 CPL PA . 18.37 98.63 -71.98
C20 CPL PA . 18.88 97.53 -71.09
C21 CPL PA . 17.80 96.57 -70.64
C22 CPL PA . 18.38 95.48 -69.79
C23 CPL PA . 17.36 94.50 -69.27
C24 CPL PA . 18.01 93.51 -68.33
C25 CPL PA . 17.02 92.59 -67.68
C26 CPL PA . 17.66 91.77 -66.58
C31 CPL PA . 24.41 104.47 -77.23
C32 CPL PA . 22.99 104.71 -77.59
C33 CPL PA . 22.27 104.82 -76.28
C34 CPL PA . 20.78 104.71 -76.39
C35 CPL PA . 20.24 104.41 -75.02
C36 CPL PA . 18.81 103.93 -75.08
C37 CPL PA . 18.47 103.18 -73.83
C38 CPL PA . 17.24 102.32 -73.97
C39 CPL PA . 16.01 103.13 -74.08
C40 CPL PA . 14.83 102.58 -74.33
C41 CPL PA . 14.69 101.13 -74.55
C42 CPL PA . 14.19 100.42 -73.31
C43 CPL PA . 14.31 98.91 -73.47
C44 CPL PA . 13.50 98.15 -72.47
C45 CPL PA . 13.53 96.65 -72.67
C46 CPL PA . 12.51 95.95 -71.81
C47 CPL PA . 12.44 94.47 -72.02
C48 CPL PA . 11.24 93.84 -71.35
N CPL PA . 30.78 110.84 -77.74
O2 CPL PA . 25.11 105.53 -76.93
O3 CPL PA . 25.58 105.33 -74.20
O11 CPL PA . 24.37 105.08 -72.36
O31 CPL PA . 24.84 103.32 -77.20
O1P CPL PA . 26.54 109.42 -74.00
O2P CPL PA . 25.94 110.09 -76.33
O3P CPL PA . 26.15 107.77 -75.79
O4P CPL PA . 28.15 109.17 -75.83
P CPL PA . 26.64 109.20 -75.42
C1 CPL QA . 20.51 120.80 -55.78
C2 CPL QA . 20.11 119.37 -55.54
C3 CPL QA . 20.56 118.79 -54.21
C4 CPL QA . 21.97 124.55 -56.05
C5 CPL QA . 23.25 124.44 -56.85
C6 CPL QA . 25.04 125.59 -57.82
C7 CPL QA . 24.17 126.44 -55.90
C8 CPL QA . 22.95 126.57 -57.93
C11 CPL QA . 18.74 118.82 -52.56
C12 CPL QA . 18.44 117.38 -52.89
C13 CPL QA . 17.35 116.84 -52.00
C14 CPL QA . 16.93 115.44 -52.34
C15 CPL QA . 15.92 114.96 -51.35
C16 CPL QA . 15.40 113.58 -51.65
C17 CPL QA . 14.49 113.09 -50.55
C18 CPL QA . 14.00 111.68 -50.79
C19 CPL QA . 13.15 111.22 -49.65
C20 CPL QA . 12.69 109.79 -49.79
C21 CPL QA . 11.92 109.35 -48.58
C22 CPL QA . 11.48 107.91 -48.67
C23 CPL QA . 10.81 107.46 -47.40
C24 CPL QA . 10.36 106.02 -47.47
C25 CPL QA . 9.76 105.55 -46.17
C26 CPL QA . 9.31 104.10 -46.23
C31 CPL QA . 17.92 119.57 -56.75
C32 CPL QA . 16.59 118.92 -56.86
C33 CPL QA . 15.87 118.91 -55.54
C34 CPL QA . 14.46 118.39 -55.68
C35 CPL QA . 13.83 118.17 -54.34
C36 CPL QA . 12.36 117.82 -54.44
C37 CPL QA . 11.84 117.27 -53.14
C38 CPL QA . 12.40 115.90 -52.86
C39 CPL QA . 12.09 115.48 -51.47
C40 CPL QA . 11.07 114.75 -51.11
C41 CPL QA . 10.04 114.23 -52.04
C42 CPL QA . 9.17 113.28 -51.24
C43 CPL QA . 7.95 112.80 -51.96
C44 CPL QA . 7.14 111.83 -51.13
C45 CPL QA . 5.89 111.43 -51.85
C46 CPL QA . 5.07 110.31 -51.27
C47 CPL QA . 4.01 110.76 -50.30
C48 CPL QA . 3.16 109.61 -49.85
N CPL QA . 23.81 125.75 -57.11
O2 CPL QA . 18.71 119.10 -55.76
O3 CPL QA . 19.79 119.37 -53.16
O11 CPL QA . 18.08 119.45 -51.78
O31 CPL QA . 18.23 120.43 -57.53
O1P CPL QA . 20.36 123.55 -53.55
O2P CPL QA . 19.12 123.90 -55.71
O3P CPL QA . 19.72 121.68 -54.97
O4P CPL QA . 21.48 123.25 -55.70
P CPL QA . 20.10 123.19 -54.94
C1 CPL RA . 23.66 113.76 -65.52
C2 CPL RA . 23.32 112.31 -65.31
C3 CPL RA . 24.22 111.58 -64.35
C4 CPL RA . 25.35 117.41 -65.71
C5 CPL RA . 26.39 117.35 -66.81
C6 CPL RA . 28.00 118.55 -68.06
C7 CPL RA . 27.66 119.16 -65.88
C8 CPL RA . 26.02 119.62 -67.53
C11 CPL RA . 23.06 111.52 -62.18
C12 CPL RA . 22.44 110.20 -62.55
C13 CPL RA . 21.39 109.77 -61.55
C14 CPL RA . 20.72 108.49 -61.95
C15 CPL RA . 19.76 108.05 -60.87
C16 CPL RA . 19.04 106.78 -61.26
C17 CPL RA . 18.15 106.31 -60.14
C18 CPL RA . 17.47 105.01 -60.48
C19 CPL RA . 16.73 104.46 -59.29
C20 CPL RA . 16.28 103.05 -59.53
C21 CPL RA . 15.78 102.41 -58.27
C22 CPL RA . 15.55 100.93 -58.43
C23 CPL RA . 15.18 100.27 -57.12
C24 CPL RA . 15.09 98.79 -57.27
C25 CPL RA . 14.76 98.05 -55.99
C26 CPL RA . 13.36 98.29 -55.48
C31 CPL RA . 20.89 112.60 -65.63
C32 CPL RA . 19.56 112.15 -65.13
C33 CPL RA . 19.17 112.95 -63.92
C34 CPL RA . 17.79 112.59 -63.45
C35 CPL RA . 17.72 111.19 -62.93
C36 CPL RA . 16.32 110.81 -62.50
C37 CPL RA . 16.33 109.43 -61.92
C38 CPL RA . 15.02 108.98 -61.38
C39 CPL RA . 15.26 107.63 -60.81
C40 CPL RA . 14.35 106.89 -60.24
C41 CPL RA . 12.94 107.28 -60.09
C42 CPL RA . 12.15 106.02 -59.86
C43 CPL RA . 10.71 106.22 -60.20
C44 CPL RA . 9.90 104.95 -60.24
C45 CPL RA . 9.68 104.34 -58.88
C46 CPL RA . 8.64 103.26 -58.99
C47 CPL RA . 8.20 102.73 -57.65
C48 CPL RA . 7.04 101.78 -57.76
N CPL RA . 26.98 118.65 -67.05
O2 CPL RA . 21.91 112.13 -64.96
O3 CPL RA . 23.97 112.03 -63.01
O11 CPL RA . 22.80 112.07 -61.15
O31 CPL RA . 20.93 113.36 -66.57
O1P CPL RA . 24.30 116.24 -63.03
O2P CPL RA . 22.58 116.86 -64.77
O3P CPL RA . 23.20 114.55 -64.42
O4P CPL RA . 24.84 116.12 -65.42
P CPL RA . 23.69 116.03 -64.33
C1 CPL SA . 30.99 106.82 -67.58
C2 CPL SA . 30.62 105.40 -67.23
C3 CPL SA . 31.50 104.74 -66.20
C4 CPL SA . 32.87 110.36 -68.10
C5 CPL SA . 33.77 110.06 -69.26
C6 CPL SA . 35.03 110.73 -71.07
C7 CPL SA . 34.89 112.19 -69.25
C8 CPL SA . 33.02 111.85 -70.67
C11 CPL SA . 30.87 104.68 -63.83
C12 CPL SA . 30.57 103.22 -63.97
C13 CPL SA . 29.88 102.65 -62.76
C14 CPL SA . 29.65 101.17 -62.93
C15 CPL SA . 28.90 100.52 -61.79
C16 CPL SA . 27.46 100.97 -61.68
C17 CPL SA . 26.69 100.16 -60.67
C18 CPL SA . 26.50 98.72 -61.09
C19 CPL SA . 25.92 97.88 -60.00
C20 CPL SA . 25.80 96.43 -60.42
C21 CPL SA . 25.45 95.54 -59.25
C22 CPL SA . 25.35 94.08 -59.67
C23 CPL SA . 25.12 93.19 -58.49
C24 CPL SA . 24.88 91.75 -58.89
C25 CPL SA . 24.67 90.82 -57.72
C26 CPL SA . 25.90 90.65 -56.85
C31 CPL SA . 28.28 105.04 -67.68
C32 CPL SA . 26.88 105.23 -67.20
C33 CPL SA . 26.55 104.30 -66.07
C34 CPL SA . 25.17 104.60 -65.51
C35 CPL SA . 24.79 103.77 -64.32
C36 CPL SA . 24.37 102.35 -64.65
C37 CPL SA . 24.13 101.52 -63.40
C38 CPL SA . 23.00 102.03 -62.52
C39 CPL SA . 23.14 101.45 -61.16
C40 CPL SA . 22.37 100.51 -60.66
C41 CPL SA . 21.26 99.89 -61.40
C42 CPL SA . 20.55 98.90 -60.50
C43 CPL SA . 19.54 98.08 -61.26
C44 CPL SA . 18.69 97.20 -60.39
C45 CPL SA . 19.31 96.00 -59.73
C46 CPL SA . 18.28 95.31 -58.88
C47 CPL SA . 18.72 93.96 -58.38
C48 CPL SA . 17.70 93.33 -57.46
N CPL SA . 34.16 111.22 -70.03
O2 CPL SA . 29.24 105.36 -66.82
O3 CPL SA . 31.29 105.33 -64.90
O11 CPL SA . 30.72 105.25 -62.77
O31 CPL SA . 28.51 104.58 -68.77
O1P CPL SA . 31.98 109.30 -65.20
O2P CPL SA . 30.25 110.08 -66.82
O3P CPL SA . 30.61 107.72 -66.54
O4P CPL SA . 32.34 109.12 -67.61
P CPL SA . 31.28 109.13 -66.45
C1 CPL TA . 30.94 110.69 -61.13
C2 CPL TA . 30.80 109.23 -60.84
C3 CPL TA . 31.74 108.70 -59.78
C4 CPL TA . 32.11 114.54 -61.51
C5 CPL TA . 33.21 114.56 -62.56
C6 CPL TA . 34.70 115.89 -63.79
C7 CPL TA . 34.15 116.59 -61.70
C8 CPL TA . 32.56 116.68 -63.46
C11 CPL TA . 30.48 108.61 -57.66
C12 CPL TA . 30.07 107.20 -57.97
C13 CPL TA . 29.04 106.69 -57.00
C14 CPL TA . 28.59 105.30 -57.33
C15 CPL TA . 27.63 104.79 -56.28
C16 CPL TA . 27.13 103.41 -56.59
C17 CPL TA . 26.25 102.90 -55.49
C18 CPL TA . 25.79 101.49 -55.77
C19 CPL TA . 25.07 100.91 -54.58
C20 CPL TA . 24.84 99.43 -54.74
C21 CPL TA . 24.36 98.81 -53.46
C22 CPL TA . 24.35 97.30 -53.51
C23 CPL TA . 24.00 96.70 -52.19
C24 CPL TA . 24.13 95.19 -52.22
C25 CPL TA . 23.83 94.50 -50.91
C26 CPL TA . 22.39 94.58 -50.49
C31 CPL TA . 28.38 109.13 -61.29
C32 CPL TA . 27.10 108.53 -60.82
C33 CPL TA . 26.53 109.35 -59.70
C34 CPL TA . 25.20 108.82 -59.26
C35 CPL TA . 25.30 107.46 -58.64
C36 CPL TA . 23.95 106.91 -58.26
C37 CPL TA . 24.12 105.59 -57.59
C38 CPL TA . 22.85 104.97 -57.07
C39 CPL TA . 23.25 103.72 -56.41
C40 CPL TA . 22.42 102.89 -55.82
C41 CPL TA . 20.97 103.08 -55.77
C42 CPL TA . 20.35 101.74 -55.47
C43 CPL TA . 18.92 101.71 -55.91
C44 CPL TA . 18.30 100.33 -55.89
C45 CPL TA . 18.09 99.78 -54.50
C46 CPL TA . 17.23 98.56 -54.58
C47 CPL TA . 16.78 98.06 -53.23
C48 CPL TA . 15.79 96.94 -53.32
N CPL TA . 33.62 115.91 -62.85
O2 CPL TA . 29.44 108.86 -60.54
O3 CPL TA . 31.35 109.19 -58.49
O11 CPL TA . 30.08 109.19 -56.69
O31 CPL TA . 28.37 109.82 -62.28
O1P CPL TA . 31.08 113.39 -58.81
O2P CPL TA . 29.41 113.64 -60.67
O3P CPL TA . 30.32 111.48 -60.12
O4P CPL TA . 31.77 113.20 -61.15
P CPL TA . 30.59 113.01 -60.11
C1 CPL UA . -0.86 74.09 -64.28
C2 CPL UA . 0.19 74.77 -65.09
C3 CPL UA . -0.15 76.17 -65.57
C4 CPL UA . -3.89 72.53 -62.49
C5 CPL UA . -4.45 71.77 -63.68
C6 CPL UA . -5.61 70.01 -64.54
C7 CPL UA . -6.09 70.61 -62.36
C8 CPL UA . -4.03 69.57 -62.87
C11 CPL UA . 0.35 78.36 -64.67
C12 CPL UA . 1.16 78.65 -65.90
C13 CPL UA . 1.89 79.95 -65.80
C14 CPL UA . 3.10 80.03 -66.71
C15 CPL UA . 3.84 81.35 -66.62
C16 CPL UA . 4.23 81.76 -65.22
C17 CPL UA . 5.23 82.89 -65.17
C18 CPL UA . 6.61 82.46 -65.60
C19 CPL UA . 7.64 83.56 -65.64
C20 CPL UA . 7.38 84.56 -66.73
C21 CPL UA . 8.45 85.62 -66.84
C22 CPL UA . 8.15 86.56 -67.99
C23 CPL UA . 9.15 87.66 -68.14
C24 CPL UA . 8.72 88.62 -69.23
C25 CPL UA . 9.63 89.82 -69.36
C26 CPL UA . 9.05 90.86 -70.29
C31 CPL UA . 2.61 75.06 -64.86
C32 CPL UA . 3.73 75.09 -63.89
C33 CPL UA . 3.64 76.43 -63.24
C34 CPL UA . 4.87 76.83 -62.49
C35 CPL UA . 4.80 78.31 -62.25
C36 CPL UA . 6.13 78.88 -61.87
C37 CPL UA . 6.15 80.35 -62.14
C38 CPL UA . 7.52 80.92 -62.22
C39 CPL UA . 8.20 80.92 -60.90
C40 CPL UA . 9.46 81.26 -60.79
C41 CPL UA . 10.28 81.62 -61.97
C42 CPL UA . 10.41 83.12 -62.13
C43 CPL UA . 11.14 83.46 -63.40
C44 CPL UA . 11.71 84.85 -63.39
C45 CPL UA . 12.49 85.18 -64.64
C46 CPL UA . 13.29 86.44 -64.47
C47 CPL UA . 14.14 86.79 -65.67
C48 CPL UA . 15.08 87.93 -65.41
N CPL UA . -5.03 70.50 -63.33
O2 CPL UA . 1.45 74.76 -64.36
O3 CPL UA . -0.05 77.12 -64.51
O11 CPL UA . 0.19 79.20 -63.81
O31 CPL UA . 2.82 75.35 -66.03
O1P CPL UA . -2.78 75.62 -61.65
O2P CPL UA . -1.59 73.49 -61.08
O3P CPL UA . -0.94 74.72 -63.01
O4P CPL UA . -3.11 73.59 -63.01
P CPL UA . -2.13 74.40 -62.08
C1 CPL VA . 28.75 114.20 -56.76
C2 CPL VA . 28.41 112.74 -56.55
C3 CPL VA . 29.20 112.06 -55.44
C4 CPL VA . 30.50 117.83 -56.83
C5 CPL VA . 31.55 117.64 -57.89
C6 CPL VA . 32.99 118.49 -59.48
C7 CPL VA . 32.55 119.82 -57.61
C8 CPL VA . 30.90 119.49 -59.28
C11 CPL VA . 28.28 111.82 -53.17
C12 CPL VA . 28.07 110.36 -53.44
C13 CPL VA . 27.25 109.68 -52.36
C14 CPL VA . 27.12 108.21 -52.64
C15 CPL VA . 26.27 107.46 -51.65
C16 CPL VA . 24.81 107.85 -51.70
C17 CPL VA . 23.96 106.93 -50.84
C18 CPL VA . 23.89 105.52 -51.36
C19 CPL VA . 23.22 104.59 -50.40
C20 CPL VA . 23.23 103.17 -50.91
C21 CPL VA . 22.79 102.18 -49.86
C22 CPL VA . 22.80 100.77 -50.37
C23 CPL VA . 22.47 99.78 -49.28
C24 CPL VA . 22.36 98.37 -49.79
C25 CPL VA . 22.05 97.36 -48.71
C26 CPL VA . 23.17 97.19 -47.70
C31 CPL VA . 26.17 112.31 -57.30
C32 CPL VA . 24.71 112.42 -57.00
C33 CPL VA . 24.29 111.40 -55.96
C34 CPL VA . 22.84 111.61 -55.57
C35 CPL VA . 22.35 110.68 -54.48
C36 CPL VA . 22.04 109.28 -54.94
C37 CPL VA . 21.69 108.36 -53.79
C38 CPL VA . 20.44 108.76 -53.03
C39 CPL VA . 20.44 108.12 -51.69
C40 CPL VA . 19.66 107.11 -51.36
C41 CPL VA . 18.68 106.48 -52.27
C42 CPL VA . 17.93 105.42 -51.51
C43 CPL VA . 17.04 104.62 -52.44
C44 CPL VA . 16.13 103.65 -51.74
C45 CPL VA . 16.73 102.44 -51.09
C46 CPL VA . 15.65 101.64 -50.41
C47 CPL VA . 16.08 100.28 -49.93
C48 CPL VA . 14.99 99.55 -49.19
N CPL VA . 31.97 118.86 -58.53
O2 CPL VA . 26.99 112.62 -56.31
O3 CPL VA . 28.79 112.56 -54.16
O11 CPL VA . 27.97 112.31 -52.12
O31 CPL VA . 26.54 111.93 -58.38
O1P CPL VA . 29.32 116.55 -54.13
O2P CPL VA . 27.75 117.36 -55.91
O3P CPL VA . 28.20 115.02 -55.72
O4P CPL VA . 29.99 116.55 -56.48
P CPL VA . 28.78 116.44 -55.46
#